data_2M46
#
_entry.id   2M46
#
_entity_poly.entity_id   1
_entity_poly.type   'polypeptide(L)'
_entity_poly.pdbx_seq_one_letter_code
;MHHHHHHSSGVDLGTENLYFQSNAMIKFYQYKNCTTCKKAAKFLDEYGVSYEPIDIVQHTPTINEFKTIIANTGVEINKL
FNTHGAKYRELDLKNKLQTLSDDEKLELLSSDGMLVKRPLAVMGDKITLGFKEDQYKETWLA
;
_entity_poly.pdbx_strand_id   A
#
# COMPACT_ATOMS: atom_id res chain seq x y z
N MET A 25 -8.80 6.36 -12.72
CA MET A 25 -8.74 4.90 -12.40
C MET A 25 -7.94 4.67 -11.11
N ILE A 26 -7.86 3.39 -10.70
CA ILE A 26 -7.12 2.97 -9.49
C ILE A 26 -5.61 3.17 -9.68
N LYS A 27 -4.94 3.75 -8.69
CA LYS A 27 -3.47 3.86 -8.65
C LYS A 27 -2.92 2.58 -8.02
N PHE A 28 -2.63 1.59 -8.87
CA PHE A 28 -2.17 0.27 -8.44
C PHE A 28 -0.64 0.27 -8.30
N TYR A 29 -0.19 0.40 -7.06
CA TYR A 29 1.23 0.30 -6.72
C TYR A 29 1.65 -1.18 -6.62
N GLN A 30 2.79 -1.48 -7.24
CA GLN A 30 3.41 -2.81 -7.26
C GLN A 30 4.92 -2.61 -7.30
N TYR A 31 5.68 -3.71 -7.43
CA TYR A 31 7.12 -3.65 -7.73
C TYR A 31 7.65 -5.06 -7.98
N LYS A 32 8.32 -5.26 -9.14
CA LYS A 32 9.10 -6.47 -9.46
C LYS A 32 8.17 -7.71 -9.62
N ASN A 33 8.74 -8.83 -10.10
CA ASN A 33 8.02 -10.11 -10.23
C ASN A 33 7.53 -10.59 -8.85
N CYS A 34 6.28 -10.23 -8.52
CA CYS A 34 5.60 -10.61 -7.28
C CYS A 34 4.26 -11.25 -7.65
N THR A 35 3.99 -12.44 -7.08
CA THR A 35 2.74 -13.18 -7.33
C THR A 35 1.52 -12.36 -6.91
N THR A 36 1.65 -11.61 -5.79
CA THR A 36 0.57 -10.76 -5.24
C THR A 36 0.15 -9.67 -6.26
N CYS A 37 1.15 -9.07 -6.93
CA CYS A 37 0.95 -8.05 -7.96
C CYS A 37 0.24 -8.66 -9.19
N LYS A 38 0.60 -9.90 -9.53
CA LYS A 38 -0.02 -10.66 -10.65
C LYS A 38 -1.47 -11.07 -10.33
N LYS A 39 -1.72 -11.39 -9.04
CA LYS A 39 -3.06 -11.79 -8.55
C LYS A 39 -4.04 -10.61 -8.66
N ALA A 40 -3.57 -9.46 -8.15
CA ALA A 40 -4.36 -8.22 -8.08
C ALA A 40 -4.62 -7.66 -9.48
N ALA A 41 -3.57 -7.58 -10.30
CA ALA A 41 -3.65 -7.07 -11.69
C ALA A 41 -4.57 -7.95 -12.55
N LYS A 42 -4.49 -9.29 -12.33
CA LYS A 42 -5.35 -10.28 -13.00
C LYS A 42 -6.82 -10.10 -12.58
N PHE A 43 -7.07 -9.87 -11.28
CA PHE A 43 -8.42 -9.80 -10.70
C PHE A 43 -9.16 -8.51 -11.16
N LEU A 44 -8.42 -7.39 -11.16
CA LEU A 44 -8.89 -6.10 -11.68
C LEU A 44 -9.22 -6.25 -13.18
N ASP A 45 -8.28 -6.85 -13.93
CA ASP A 45 -8.48 -7.20 -15.37
C ASP A 45 -9.67 -8.16 -15.58
N GLU A 46 -9.86 -9.07 -14.61
CA GLU A 46 -10.87 -10.14 -14.66
C GLU A 46 -12.28 -9.54 -14.66
N TYR A 47 -12.47 -8.51 -13.82
CA TYR A 47 -13.73 -7.78 -13.69
C TYR A 47 -13.78 -6.52 -14.59
N GLY A 48 -12.78 -6.38 -15.48
CA GLY A 48 -12.73 -5.24 -16.43
C GLY A 48 -12.46 -3.89 -15.76
N VAL A 49 -12.03 -3.94 -14.50
CA VAL A 49 -11.73 -2.76 -13.67
C VAL A 49 -10.35 -2.19 -14.06
N SER A 50 -10.32 -0.88 -14.35
CA SER A 50 -9.12 -0.18 -14.81
C SER A 50 -8.20 0.17 -13.62
N TYR A 51 -6.89 0.13 -13.87
CA TYR A 51 -5.86 0.40 -12.86
C TYR A 51 -4.62 1.06 -13.51
N GLU A 52 -3.72 1.59 -12.66
CA GLU A 52 -2.50 2.29 -13.09
C GLU A 52 -1.30 1.55 -12.48
N PRO A 53 -0.61 0.64 -13.26
CA PRO A 53 0.57 -0.11 -12.77
C PRO A 53 1.81 0.81 -12.61
N ILE A 54 2.00 1.32 -11.39
CA ILE A 54 3.16 2.16 -11.01
C ILE A 54 3.93 1.47 -9.88
N ASP A 55 5.25 1.61 -9.87
CA ASP A 55 6.11 0.99 -8.85
C ASP A 55 6.02 1.76 -7.52
N ILE A 56 6.19 1.03 -6.42
CA ILE A 56 6.00 1.55 -5.06
C ILE A 56 7.28 2.24 -4.55
N VAL A 57 8.46 1.80 -5.05
CA VAL A 57 9.77 2.39 -4.65
C VAL A 57 10.29 3.36 -5.73
N GLN A 58 10.05 3.04 -7.00
CA GLN A 58 10.46 3.88 -8.15
C GLN A 58 9.57 5.13 -8.21
N HIS A 59 8.28 4.94 -7.89
CA HIS A 59 7.29 6.01 -7.76
C HIS A 59 6.70 6.00 -6.33
N THR A 60 7.56 6.21 -5.32
CA THR A 60 7.13 6.28 -3.91
C THR A 60 6.30 7.55 -3.68
N PRO A 61 5.08 7.45 -3.07
CA PRO A 61 4.33 8.62 -2.59
C PRO A 61 5.16 9.41 -1.55
N THR A 62 5.08 10.74 -1.58
CA THR A 62 5.71 11.60 -0.57
C THR A 62 4.90 11.55 0.75
N ILE A 63 5.43 12.21 1.79
CA ILE A 63 4.78 12.26 3.13
C ILE A 63 3.37 12.88 2.98
N ASN A 64 3.29 13.89 2.11
CA ASN A 64 2.05 14.58 1.73
C ASN A 64 1.07 13.61 1.07
N GLU A 65 1.54 12.85 0.06
CA GLU A 65 0.69 11.92 -0.72
C GLU A 65 0.09 10.83 0.18
N PHE A 66 0.90 10.34 1.14
CA PHE A 66 0.48 9.34 2.12
C PHE A 66 -0.62 9.91 3.04
N LYS A 67 -0.35 11.04 3.73
CA LYS A 67 -1.33 11.63 4.68
C LYS A 67 -2.63 12.05 3.98
N THR A 68 -2.55 12.35 2.67
CA THR A 68 -3.72 12.65 1.85
C THR A 68 -4.59 11.38 1.68
N ILE A 69 -3.98 10.30 1.14
CA ILE A 69 -4.71 9.05 0.82
C ILE A 69 -5.26 8.38 2.10
N ILE A 70 -4.60 8.62 3.24
CA ILE A 70 -4.99 8.03 4.54
C ILE A 70 -6.11 8.87 5.20
N ALA A 71 -6.08 10.19 4.97
CA ALA A 71 -7.19 11.09 5.40
C ALA A 71 -8.46 10.85 4.56
N ASN A 72 -8.26 10.38 3.30
CA ASN A 72 -9.35 10.08 2.35
C ASN A 72 -9.95 8.69 2.61
N THR A 73 -9.11 7.64 2.52
CA THR A 73 -9.54 6.24 2.59
C THR A 73 -9.83 5.81 4.03
N GLY A 74 -9.09 6.41 4.98
CA GLY A 74 -9.14 6.03 6.39
C GLY A 74 -8.40 4.73 6.66
N VAL A 75 -7.40 4.41 5.81
CA VAL A 75 -6.61 3.17 5.92
C VAL A 75 -5.64 3.28 7.12
N GLU A 76 -5.39 2.14 7.77
CA GLU A 76 -4.40 2.04 8.84
C GLU A 76 -2.99 2.30 8.29
N ILE A 77 -2.33 3.29 8.88
CA ILE A 77 -0.97 3.70 8.50
C ILE A 77 0.04 2.59 8.90
N ASN A 78 -0.30 1.81 9.96
CA ASN A 78 0.58 0.74 10.45
C ASN A 78 0.55 -0.49 9.50
N LYS A 79 -0.62 -0.77 8.86
CA LYS A 79 -0.71 -1.90 7.89
C LYS A 79 -0.01 -1.57 6.56
N LEU A 80 0.29 -0.27 6.33
CA LEU A 80 1.02 0.19 5.14
C LEU A 80 2.51 -0.16 5.22
N PHE A 81 3.01 -0.42 6.44
CA PHE A 81 4.36 -0.95 6.65
C PHE A 81 4.41 -2.42 6.21
N ASN A 82 5.57 -2.80 5.64
CA ASN A 82 5.89 -4.19 5.28
C ASN A 82 5.85 -5.02 6.57
N THR A 83 4.93 -5.99 6.64
CA THR A 83 4.58 -6.72 7.88
C THR A 83 5.67 -7.76 8.31
N HIS A 84 5.27 -8.70 9.21
CA HIS A 84 6.18 -9.69 9.86
C HIS A 84 7.05 -10.48 8.85
N GLY A 85 8.26 -10.85 9.31
CA GLY A 85 9.22 -11.62 8.51
C GLY A 85 10.20 -10.75 7.74
N ALA A 86 9.78 -9.51 7.42
CA ALA A 86 10.51 -8.60 6.53
C ALA A 86 11.34 -7.56 7.32
N LYS A 87 11.70 -6.44 6.64
CA LYS A 87 12.53 -5.35 7.22
C LYS A 87 11.95 -4.73 8.51
N TYR A 88 10.65 -4.92 8.74
CA TYR A 88 9.94 -4.41 9.95
C TYR A 88 10.64 -4.86 11.26
N ARG A 89 11.21 -6.08 11.23
CA ARG A 89 11.88 -6.70 12.39
C ARG A 89 13.40 -6.56 12.26
N GLU A 90 13.89 -6.54 11.00
CA GLU A 90 15.33 -6.35 10.67
C GLU A 90 15.84 -5.02 11.25
N LEU A 91 15.12 -3.94 10.90
CA LEU A 91 15.38 -2.58 11.38
C LEU A 91 14.86 -2.41 12.81
N ASP A 92 13.87 -3.29 13.16
CA ASP A 92 13.16 -3.31 14.46
C ASP A 92 12.38 -2.00 14.65
N LEU A 93 11.63 -1.61 13.60
CA LEU A 93 10.86 -0.35 13.58
C LEU A 93 9.77 -0.32 14.66
N LYS A 94 9.23 -1.50 15.03
CA LYS A 94 8.11 -1.64 15.99
C LYS A 94 8.36 -0.84 17.29
N ASN A 95 9.61 -0.96 17.80
CA ASN A 95 10.06 -0.33 19.07
C ASN A 95 10.04 1.22 18.99
N LYS A 96 10.28 1.80 17.81
CA LYS A 96 10.20 3.26 17.63
C LYS A 96 8.77 3.70 17.25
N LEU A 97 8.04 2.84 16.51
CA LEU A 97 6.69 3.17 15.99
C LEU A 97 5.66 3.31 17.13
N GLN A 98 5.88 2.56 18.22
CA GLN A 98 5.02 2.60 19.42
C GLN A 98 5.17 3.90 20.23
N THR A 99 6.18 4.75 19.91
CA THR A 99 6.43 6.01 20.66
C THR A 99 6.38 7.27 19.76
N LEU A 100 6.76 7.16 18.46
CA LEU A 100 6.79 8.34 17.55
C LEU A 100 5.37 8.74 17.08
N SER A 101 5.30 9.81 16.27
CA SER A 101 4.05 10.31 15.68
C SER A 101 3.72 9.56 14.39
N ASP A 102 2.43 9.51 14.03
CA ASP A 102 1.97 8.90 12.78
C ASP A 102 2.51 9.64 11.55
N ASP A 103 2.88 10.93 11.76
CA ASP A 103 3.59 11.74 10.75
C ASP A 103 4.94 11.11 10.38
N GLU A 104 5.71 10.72 11.42
CA GLU A 104 7.05 10.11 11.28
C GLU A 104 6.97 8.71 10.64
N LYS A 105 5.83 8.04 10.83
CA LYS A 105 5.52 6.77 10.16
C LYS A 105 5.38 6.99 8.63
N LEU A 106 4.63 8.05 8.26
CA LEU A 106 4.45 8.50 6.86
C LEU A 106 5.82 8.78 6.20
N GLU A 107 6.71 9.43 6.98
CA GLU A 107 8.05 9.83 6.53
C GLU A 107 8.92 8.60 6.23
N LEU A 108 8.83 7.56 7.10
CA LEU A 108 9.56 6.28 6.90
C LEU A 108 9.11 5.57 5.61
N LEU A 109 7.79 5.58 5.39
CA LEU A 109 7.19 5.02 4.15
C LEU A 109 7.66 5.81 2.90
N SER A 110 7.85 7.13 3.06
CA SER A 110 8.34 8.01 1.98
C SER A 110 9.85 7.79 1.73
N SER A 111 10.56 7.43 2.82
CA SER A 111 12.02 7.18 2.78
C SER A 111 12.32 5.87 2.04
N ASP A 112 11.40 4.90 2.10
CA ASP A 112 11.55 3.62 1.40
C ASP A 112 10.19 3.07 0.94
N GLY A 113 10.07 2.82 -0.38
CA GLY A 113 8.89 2.19 -0.96
C GLY A 113 8.79 0.70 -0.67
N MET A 114 9.93 0.09 -0.31
CA MET A 114 9.97 -1.33 0.13
C MET A 114 9.49 -1.44 1.59
N LEU A 115 9.64 -0.32 2.36
CA LEU A 115 9.07 -0.18 3.71
C LEU A 115 7.54 -0.07 3.64
N VAL A 116 7.03 0.42 2.50
CA VAL A 116 5.60 0.37 2.19
C VAL A 116 5.25 -1.03 1.67
N LYS A 117 3.97 -1.40 1.77
CA LYS A 117 3.44 -2.60 1.15
C LYS A 117 3.48 -2.44 -0.37
N ARG A 118 4.32 -3.26 -1.01
CA ARG A 118 4.50 -3.30 -2.46
C ARG A 118 3.16 -3.57 -3.20
N PRO A 119 2.30 -4.58 -2.76
CA PRO A 119 0.92 -4.67 -3.25
C PRO A 119 -0.02 -3.67 -2.54
N LEU A 120 -0.28 -2.54 -3.21
CA LEU A 120 -1.23 -1.52 -2.75
C LEU A 120 -2.00 -1.01 -3.97
N ALA A 121 -3.28 -0.70 -3.77
CA ALA A 121 -4.14 -0.13 -4.81
C ALA A 121 -5.01 0.94 -4.16
N VAL A 122 -4.72 2.22 -4.42
CA VAL A 122 -5.47 3.35 -3.84
C VAL A 122 -6.21 4.12 -4.95
N MET A 123 -7.41 4.60 -4.65
CA MET A 123 -8.30 5.27 -5.61
C MET A 123 -9.19 6.26 -4.87
N GLY A 124 -8.67 7.48 -4.67
CA GLY A 124 -9.37 8.53 -3.95
C GLY A 124 -9.61 8.18 -2.48
N ASP A 125 -10.85 7.79 -2.15
CA ASP A 125 -11.25 7.41 -0.79
C ASP A 125 -11.40 5.88 -0.63
N LYS A 126 -10.96 5.12 -1.66
CA LYS A 126 -11.02 3.64 -1.68
C LYS A 126 -9.60 3.07 -1.75
N ILE A 127 -9.34 1.90 -1.11
CA ILE A 127 -7.99 1.29 -1.08
C ILE A 127 -8.04 -0.21 -0.72
N THR A 128 -7.08 -0.99 -1.26
CA THR A 128 -6.86 -2.41 -0.90
C THR A 128 -5.36 -2.66 -0.71
N LEU A 129 -5.01 -3.32 0.41
CA LEU A 129 -3.63 -3.77 0.70
C LEU A 129 -3.54 -5.29 0.58
N GLY A 130 -2.47 -5.75 -0.11
CA GLY A 130 -2.21 -7.17 -0.31
C GLY A 130 -3.28 -7.89 -1.13
N PHE A 131 -3.18 -9.23 -1.19
CA PHE A 131 -4.14 -10.07 -1.94
C PHE A 131 -5.24 -10.59 -0.99
N LYS A 132 -6.39 -9.92 -1.04
CA LYS A 132 -7.66 -10.45 -0.52
C LYS A 132 -8.75 -10.18 -1.55
N GLU A 133 -9.34 -11.26 -2.10
CA GLU A 133 -10.55 -11.20 -2.95
C GLU A 133 -11.68 -10.48 -2.18
N ASP A 134 -11.68 -10.69 -0.86
CA ASP A 134 -12.61 -10.05 0.10
C ASP A 134 -12.53 -8.52 0.02
N GLN A 135 -11.31 -7.96 0.18
CA GLN A 135 -11.07 -6.52 0.08
C GLN A 135 -11.39 -5.98 -1.33
N TYR A 136 -11.07 -6.76 -2.37
CA TYR A 136 -11.29 -6.35 -3.78
C TYR A 136 -12.78 -6.21 -4.09
N LYS A 137 -13.60 -7.16 -3.62
CA LYS A 137 -15.06 -7.13 -3.86
C LYS A 137 -15.72 -6.04 -3.00
N GLU A 138 -15.16 -5.85 -1.79
CA GLU A 138 -15.70 -4.92 -0.79
C GLU A 138 -15.44 -3.45 -1.20
N THR A 139 -14.29 -3.22 -1.84
CA THR A 139 -13.81 -1.88 -2.15
C THR A 139 -14.06 -1.52 -3.65
N TRP A 140 -13.58 -2.39 -4.56
CA TRP A 140 -13.60 -2.11 -6.02
C TRP A 140 -14.93 -2.54 -6.66
N LEU A 141 -15.35 -3.77 -6.36
CA LEU A 141 -16.49 -4.42 -7.05
C LEU A 141 -17.83 -4.12 -6.35
N ALA A 142 -18.92 -4.70 -6.89
CA ALA A 142 -20.31 -4.53 -6.41
C ALA A 142 -20.71 -3.02 -6.37
N MET A 25 -5.92 6.43 -12.42
CA MET A 25 -6.97 5.51 -11.92
C MET A 25 -6.52 4.84 -10.60
N ILE A 26 -7.18 3.72 -10.20
CA ILE A 26 -6.87 2.96 -8.95
C ILE A 26 -5.36 2.71 -8.82
N LYS A 27 -4.71 3.46 -7.91
CA LYS A 27 -3.26 3.41 -7.68
C LYS A 27 -2.84 2.03 -7.14
N PHE A 28 -2.68 1.08 -8.05
CA PHE A 28 -2.34 -0.31 -7.72
C PHE A 28 -0.82 -0.43 -7.61
N TYR A 29 -0.31 -0.20 -6.38
CA TYR A 29 1.12 -0.29 -6.10
C TYR A 29 1.52 -1.76 -5.96
N GLN A 30 2.67 -2.09 -6.54
CA GLN A 30 3.28 -3.43 -6.53
C GLN A 30 4.77 -3.29 -6.88
N TYR A 31 5.49 -4.41 -6.96
CA TYR A 31 6.88 -4.41 -7.46
C TYR A 31 7.24 -5.82 -7.92
N LYS A 32 7.10 -6.06 -9.25
CA LYS A 32 7.28 -7.39 -9.87
C LYS A 32 6.34 -8.41 -9.19
N ASN A 33 6.88 -9.15 -8.17
CA ASN A 33 6.11 -10.01 -7.23
C ASN A 33 4.96 -10.76 -7.93
N CYS A 34 5.34 -11.56 -8.96
CA CYS A 34 4.42 -12.10 -9.97
C CYS A 34 3.27 -12.96 -9.39
N THR A 35 3.53 -13.61 -8.26
CA THR A 35 2.52 -14.43 -7.54
C THR A 35 1.35 -13.57 -7.02
N THR A 36 1.64 -12.30 -6.68
CA THR A 36 0.64 -11.32 -6.23
C THR A 36 0.10 -10.50 -7.42
N CYS A 37 1.02 -9.73 -8.02
CA CYS A 37 0.71 -8.66 -8.98
C CYS A 37 -0.06 -9.15 -10.20
N LYS A 38 0.37 -10.29 -10.76
CA LYS A 38 -0.21 -10.82 -12.01
C LYS A 38 -1.67 -11.27 -11.82
N LYS A 39 -1.98 -11.95 -10.69
CA LYS A 39 -3.34 -12.45 -10.40
C LYS A 39 -4.29 -11.30 -10.01
N ALA A 40 -3.80 -10.35 -9.19
CA ALA A 40 -4.57 -9.17 -8.74
C ALA A 40 -4.93 -8.27 -9.93
N ALA A 41 -3.94 -8.04 -10.79
CA ALA A 41 -4.07 -7.22 -12.00
C ALA A 41 -4.97 -7.91 -13.02
N LYS A 42 -4.87 -9.26 -13.11
CA LYS A 42 -5.70 -10.09 -14.02
C LYS A 42 -7.18 -10.00 -13.62
N PHE A 43 -7.43 -10.06 -12.32
CA PHE A 43 -8.77 -9.95 -11.70
C PHE A 43 -9.42 -8.60 -12.09
N LEU A 44 -8.70 -7.51 -11.78
CA LEU A 44 -9.14 -6.13 -12.11
C LEU A 44 -9.24 -5.90 -13.64
N ASP A 45 -8.39 -6.60 -14.42
CA ASP A 45 -8.39 -6.53 -15.90
C ASP A 45 -9.62 -7.27 -16.46
N GLU A 46 -9.97 -8.39 -15.82
CA GLU A 46 -11.04 -9.29 -16.28
C GLU A 46 -12.42 -8.64 -16.11
N TYR A 47 -12.58 -7.90 -14.99
CA TYR A 47 -13.81 -7.13 -14.73
C TYR A 47 -13.81 -5.78 -15.47
N GLY A 48 -12.68 -5.44 -16.12
CA GLY A 48 -12.55 -4.21 -16.91
C GLY A 48 -12.55 -2.95 -16.05
N VAL A 49 -12.04 -3.08 -14.82
CA VAL A 49 -11.92 -1.97 -13.86
C VAL A 49 -10.53 -1.33 -14.01
N SER A 50 -10.54 0.01 -14.11
CA SER A 50 -9.33 0.79 -14.37
C SER A 50 -8.39 0.80 -13.15
N TYR A 51 -7.32 0.00 -13.25
CA TYR A 51 -6.25 -0.06 -12.22
C TYR A 51 -4.95 0.52 -12.82
N GLU A 52 -4.05 0.96 -11.94
CA GLU A 52 -2.82 1.67 -12.31
C GLU A 52 -1.63 0.91 -11.68
N PRO A 53 -1.07 -0.12 -12.40
CA PRO A 53 0.01 -0.96 -11.85
C PRO A 53 1.35 -0.21 -11.89
N ILE A 54 1.63 0.51 -10.79
CA ILE A 54 2.85 1.32 -10.63
C ILE A 54 3.72 0.74 -9.51
N ASP A 55 5.04 0.91 -9.63
CA ASP A 55 6.01 0.36 -8.67
C ASP A 55 5.96 1.14 -7.35
N ILE A 56 6.03 0.41 -6.23
CA ILE A 56 5.89 0.98 -4.88
C ILE A 56 7.17 1.73 -4.45
N VAL A 57 8.35 1.23 -4.86
CA VAL A 57 9.65 1.85 -4.47
C VAL A 57 10.13 2.86 -5.55
N GLN A 58 9.84 2.56 -6.82
CA GLN A 58 10.24 3.42 -7.94
C GLN A 58 9.33 4.67 -7.97
N HIS A 59 8.02 4.44 -7.76
CA HIS A 59 6.99 5.50 -7.67
C HIS A 59 6.45 5.55 -6.23
N THR A 60 7.32 5.88 -5.27
CA THR A 60 6.89 6.05 -3.86
C THR A 60 6.18 7.41 -3.70
N PRO A 61 4.94 7.45 -3.10
CA PRO A 61 4.28 8.72 -2.72
C PRO A 61 5.14 9.53 -1.71
N THR A 62 4.96 10.87 -1.70
CA THR A 62 5.59 11.75 -0.71
C THR A 62 4.84 11.67 0.62
N ILE A 63 5.40 12.32 1.65
CA ILE A 63 4.76 12.47 2.99
C ILE A 63 3.36 13.11 2.83
N ASN A 64 3.29 14.08 1.90
CA ASN A 64 2.07 14.82 1.54
C ASN A 64 1.04 13.88 0.89
N GLU A 65 1.49 13.13 -0.14
CA GLU A 65 0.61 12.21 -0.92
C GLU A 65 0.03 11.11 -0.01
N PHE A 66 0.88 10.60 0.91
CA PHE A 66 0.47 9.61 1.91
C PHE A 66 -0.62 10.20 2.83
N LYS A 67 -0.32 11.31 3.54
CA LYS A 67 -1.28 11.89 4.52
C LYS A 67 -2.61 12.32 3.86
N THR A 68 -2.56 12.62 2.53
CA THR A 68 -3.76 12.90 1.72
C THR A 68 -4.62 11.62 1.60
N ILE A 69 -4.05 10.54 1.01
CA ILE A 69 -4.80 9.30 0.74
C ILE A 69 -5.32 8.66 2.04
N ILE A 70 -4.53 8.78 3.13
CA ILE A 70 -4.85 8.22 4.46
C ILE A 70 -5.99 9.01 5.13
N ALA A 71 -6.00 10.34 4.90
CA ALA A 71 -7.09 11.21 5.39
C ALA A 71 -8.45 10.82 4.76
N ASN A 72 -8.44 10.62 3.42
CA ASN A 72 -9.68 10.36 2.65
C ASN A 72 -10.15 8.89 2.79
N THR A 73 -9.22 7.91 2.81
CA THR A 73 -9.56 6.47 2.92
C THR A 73 -9.86 6.09 4.39
N GLY A 74 -9.13 6.72 5.31
CA GLY A 74 -9.18 6.39 6.73
C GLY A 74 -8.39 5.13 7.06
N VAL A 75 -7.34 4.83 6.25
CA VAL A 75 -6.52 3.62 6.42
C VAL A 75 -5.51 3.81 7.56
N GLU A 76 -5.19 2.73 8.27
CA GLU A 76 -4.14 2.74 9.28
C GLU A 76 -2.77 2.98 8.63
N ILE A 77 -2.08 4.01 9.10
CA ILE A 77 -0.75 4.41 8.60
C ILE A 77 0.29 3.32 9.00
N ASN A 78 0.02 2.65 10.15
CA ASN A 78 0.89 1.58 10.67
C ASN A 78 0.78 0.29 9.84
N LYS A 79 -0.42 -0.01 9.27
CA LYS A 79 -0.61 -1.23 8.44
C LYS A 79 0.04 -1.06 7.06
N LEU A 80 0.34 0.21 6.67
CA LEU A 80 1.02 0.55 5.41
C LEU A 80 2.50 0.16 5.46
N PHE A 81 3.05 -0.04 6.66
CA PHE A 81 4.40 -0.59 6.83
C PHE A 81 4.44 -2.06 6.40
N ASN A 82 5.62 -2.50 5.91
CA ASN A 82 5.85 -3.87 5.45
C ASN A 82 5.86 -4.80 6.69
N THR A 83 4.64 -5.15 7.14
CA THR A 83 4.39 -5.92 8.36
C THR A 83 4.65 -7.43 8.14
N HIS A 84 4.29 -8.24 9.17
CA HIS A 84 4.56 -9.70 9.22
C HIS A 84 6.08 -9.96 9.33
N GLY A 85 6.81 -8.96 9.84
CA GLY A 85 8.26 -9.00 9.93
C GLY A 85 8.92 -8.54 8.65
N ALA A 86 9.66 -9.47 7.99
CA ALA A 86 10.48 -9.18 6.81
C ALA A 86 11.59 -8.15 7.16
N LYS A 87 11.31 -6.85 6.98
CA LYS A 87 12.25 -5.76 7.31
C LYS A 87 11.80 -5.03 8.60
N TYR A 88 10.49 -5.08 8.88
CA TYR A 88 9.86 -4.43 10.05
C TYR A 88 10.53 -4.84 11.39
N ARG A 89 11.05 -6.08 11.43
CA ARG A 89 11.73 -6.64 12.62
C ARG A 89 13.27 -6.54 12.49
N GLU A 90 13.76 -6.52 11.24
CA GLU A 90 15.20 -6.36 10.92
C GLU A 90 15.70 -5.03 11.49
N LEU A 91 14.93 -3.98 11.17
CA LEU A 91 15.17 -2.60 11.62
C LEU A 91 14.61 -2.42 13.05
N ASP A 92 13.61 -3.27 13.37
CA ASP A 92 12.80 -3.20 14.61
C ASP A 92 12.13 -1.82 14.69
N LEU A 93 11.34 -1.51 13.66
CA LEU A 93 10.61 -0.25 13.56
C LEU A 93 9.55 -0.15 14.66
N LYS A 94 8.94 -1.28 15.05
CA LYS A 94 7.86 -1.31 16.08
C LYS A 94 8.27 -0.55 17.36
N ASN A 95 9.55 -0.78 17.75
CA ASN A 95 10.22 -0.14 18.91
C ASN A 95 10.10 1.40 18.87
N LYS A 96 10.42 1.99 17.70
CA LYS A 96 10.37 3.45 17.52
C LYS A 96 8.95 3.93 17.18
N LEU A 97 8.13 3.09 16.48
CA LEU A 97 6.81 3.51 15.95
C LEU A 97 5.79 3.73 17.08
N GLN A 98 5.93 2.97 18.17
CA GLN A 98 5.06 3.09 19.35
C GLN A 98 5.33 4.39 20.16
N THR A 99 6.42 5.12 19.84
CA THR A 99 6.83 6.32 20.61
C THR A 99 6.96 7.59 19.72
N LEU A 100 7.21 7.46 18.39
CA LEU A 100 7.29 8.64 17.48
C LEU A 100 5.88 9.11 17.03
N SER A 101 5.86 10.14 16.18
CA SER A 101 4.62 10.70 15.59
C SER A 101 4.23 9.94 14.31
N ASP A 102 2.93 9.91 14.00
CA ASP A 102 2.40 9.27 12.76
C ASP A 102 2.87 10.02 11.51
N ASP A 103 3.31 11.28 11.68
CA ASP A 103 3.93 12.07 10.60
C ASP A 103 5.33 11.53 10.25
N GLU A 104 6.07 11.10 11.29
CA GLU A 104 7.40 10.47 11.13
C GLU A 104 7.28 9.10 10.44
N LYS A 105 6.15 8.42 10.69
CA LYS A 105 5.80 7.17 10.00
C LYS A 105 5.62 7.40 8.48
N LEU A 106 4.94 8.52 8.15
CA LEU A 106 4.76 8.96 6.75
C LEU A 106 6.13 9.18 6.07
N GLU A 107 7.05 9.83 6.81
CA GLU A 107 8.43 10.07 6.34
C GLU A 107 9.16 8.75 6.02
N LEU A 108 9.05 7.76 6.93
CA LEU A 108 9.68 6.43 6.78
C LEU A 108 9.19 5.71 5.51
N LEU A 109 7.86 5.76 5.28
CA LEU A 109 7.24 5.17 4.08
C LEU A 109 7.69 5.87 2.79
N SER A 110 7.85 7.21 2.87
CA SER A 110 8.29 8.04 1.74
C SER A 110 9.78 7.83 1.41
N SER A 111 10.58 7.56 2.46
CA SER A 111 12.03 7.35 2.34
C SER A 111 12.33 6.00 1.68
N ASP A 112 11.54 4.97 2.07
CA ASP A 112 11.66 3.62 1.52
C ASP A 112 10.28 3.12 1.06
N GLY A 113 10.10 3.00 -0.26
CA GLY A 113 8.89 2.38 -0.82
C GLY A 113 8.79 0.90 -0.50
N MET A 114 9.94 0.29 -0.17
CA MET A 114 10.00 -1.09 0.31
C MET A 114 9.46 -1.20 1.75
N LEU A 115 9.57 -0.09 2.53
CA LEU A 115 8.95 0.00 3.88
C LEU A 115 7.43 0.06 3.80
N VAL A 116 6.90 0.44 2.62
CA VAL A 116 5.46 0.38 2.37
C VAL A 116 5.10 -1.04 1.91
N LYS A 117 3.84 -1.45 2.14
CA LYS A 117 3.31 -2.71 1.64
C LYS A 117 3.34 -2.71 0.11
N ARG A 118 4.14 -3.64 -0.45
CA ARG A 118 4.25 -3.83 -1.90
C ARG A 118 2.86 -4.09 -2.53
N PRO A 119 2.00 -5.06 -2.00
CA PRO A 119 0.61 -5.18 -2.46
C PRO A 119 -0.30 -4.12 -1.79
N LEU A 120 -0.54 -3.03 -2.53
CA LEU A 120 -1.46 -1.95 -2.11
C LEU A 120 -2.22 -1.45 -3.35
N ALA A 121 -3.45 -0.99 -3.15
CA ALA A 121 -4.26 -0.34 -4.18
C ALA A 121 -5.07 0.74 -3.49
N VAL A 122 -4.94 2.02 -3.91
CA VAL A 122 -5.60 3.15 -3.22
C VAL A 122 -6.27 4.09 -4.24
N MET A 123 -7.33 4.77 -3.78
CA MET A 123 -8.02 5.86 -4.50
C MET A 123 -8.32 6.99 -3.49
N GLY A 124 -9.42 7.74 -3.70
CA GLY A 124 -9.88 8.74 -2.76
C GLY A 124 -10.28 8.16 -1.41
N ASP A 125 -11.52 7.63 -1.31
CA ASP A 125 -12.06 7.08 -0.05
C ASP A 125 -11.90 5.55 0.04
N LYS A 126 -11.40 4.92 -1.05
CA LYS A 126 -11.27 3.45 -1.16
C LYS A 126 -9.80 3.02 -1.09
N ILE A 127 -9.53 1.85 -0.45
CA ILE A 127 -8.16 1.27 -0.39
C ILE A 127 -8.22 -0.23 -0.01
N THR A 128 -7.27 -1.03 -0.54
CA THR A 128 -7.07 -2.45 -0.20
C THR A 128 -5.57 -2.71 0.04
N LEU A 129 -5.24 -3.35 1.17
CA LEU A 129 -3.86 -3.78 1.51
C LEU A 129 -3.77 -5.30 1.43
N GLY A 130 -2.61 -5.79 0.98
CA GLY A 130 -2.35 -7.22 0.84
C GLY A 130 -3.05 -7.85 -0.37
N PHE A 131 -2.57 -9.03 -0.80
CA PHE A 131 -3.24 -9.81 -1.85
C PHE A 131 -4.44 -10.53 -1.22
N LYS A 132 -5.61 -9.90 -1.30
CA LYS A 132 -6.89 -10.51 -0.91
C LYS A 132 -7.92 -10.23 -2.00
N GLU A 133 -8.22 -11.27 -2.79
CA GLU A 133 -9.23 -11.24 -3.85
C GLU A 133 -10.62 -10.85 -3.29
N ASP A 134 -10.86 -11.24 -2.02
CA ASP A 134 -12.07 -10.86 -1.25
C ASP A 134 -12.18 -9.32 -1.15
N GLN A 135 -11.10 -8.65 -0.66
CA GLN A 135 -11.05 -7.19 -0.53
C GLN A 135 -11.22 -6.49 -1.90
N TYR A 136 -10.61 -7.07 -2.95
CA TYR A 136 -10.65 -6.48 -4.31
C TYR A 136 -12.09 -6.46 -4.88
N LYS A 137 -12.85 -7.56 -4.68
CA LYS A 137 -14.26 -7.65 -5.14
C LYS A 137 -15.21 -6.86 -4.24
N GLU A 138 -14.80 -6.71 -2.96
CA GLU A 138 -15.60 -6.03 -1.94
C GLU A 138 -15.51 -4.49 -2.11
N THR A 139 -14.33 -4.01 -2.57
CA THR A 139 -14.02 -2.57 -2.68
C THR A 139 -14.15 -2.07 -4.14
N TRP A 140 -13.33 -2.65 -5.05
CA TRP A 140 -13.16 -2.12 -6.43
C TRP A 140 -14.28 -2.58 -7.38
N LEU A 141 -14.75 -3.82 -7.16
CA LEU A 141 -15.77 -4.44 -8.04
C LEU A 141 -17.17 -4.28 -7.44
N ALA A 142 -18.17 -4.93 -8.10
CA ALA A 142 -19.59 -4.88 -7.72
C ALA A 142 -20.14 -3.43 -7.76
N MET A 25 -7.08 7.23 -11.92
CA MET A 25 -7.62 5.88 -11.67
C MET A 25 -6.95 5.25 -10.45
N ILE A 26 -7.39 4.02 -10.09
CA ILE A 26 -6.88 3.28 -8.92
C ILE A 26 -5.36 3.07 -9.01
N LYS A 27 -4.62 3.76 -8.15
CA LYS A 27 -3.15 3.63 -8.04
C LYS A 27 -2.78 2.26 -7.46
N PHE A 28 -2.62 1.28 -8.35
CA PHE A 28 -2.25 -0.10 -7.99
C PHE A 28 -0.72 -0.16 -7.84
N TYR A 29 -0.25 0.02 -6.61
CA TYR A 29 1.17 -0.06 -6.29
C TYR A 29 1.59 -1.53 -6.20
N GLN A 30 2.72 -1.82 -6.83
CA GLN A 30 3.32 -3.15 -6.90
C GLN A 30 4.82 -3.00 -7.09
N TYR A 31 5.54 -4.11 -7.17
CA TYR A 31 6.95 -4.10 -7.56
C TYR A 31 7.33 -5.52 -7.91
N LYS A 32 7.20 -5.84 -9.22
CA LYS A 32 7.62 -7.13 -9.79
C LYS A 32 6.84 -8.30 -9.13
N ASN A 33 7.43 -9.51 -9.12
CA ASN A 33 6.85 -10.71 -8.47
C ASN A 33 5.55 -11.11 -9.20
N CYS A 34 5.70 -11.90 -10.27
CA CYS A 34 4.59 -12.25 -11.20
C CYS A 34 3.63 -13.33 -10.64
N THR A 35 3.48 -13.36 -9.30
CA THR A 35 2.49 -14.19 -8.60
C THR A 35 1.33 -13.30 -8.11
N THR A 36 1.58 -12.48 -7.06
CA THR A 36 0.56 -11.65 -6.39
C THR A 36 0.12 -10.49 -7.31
N CYS A 37 1.13 -9.83 -7.93
CA CYS A 37 0.93 -8.69 -8.83
C CYS A 37 0.04 -9.09 -10.02
N LYS A 38 0.31 -10.27 -10.60
CA LYS A 38 -0.44 -10.80 -11.75
C LYS A 38 -1.87 -11.20 -11.35
N LYS A 39 -2.04 -11.81 -10.17
CA LYS A 39 -3.36 -12.25 -9.66
C LYS A 39 -4.31 -11.06 -9.44
N ALA A 40 -3.80 -10.05 -8.73
CA ALA A 40 -4.54 -8.81 -8.41
C ALA A 40 -4.89 -8.04 -9.70
N ALA A 41 -3.88 -7.91 -10.59
CA ALA A 41 -4.02 -7.18 -11.87
C ALA A 41 -4.97 -7.93 -12.84
N LYS A 42 -4.98 -9.28 -12.75
CA LYS A 42 -5.83 -10.14 -13.62
C LYS A 42 -7.30 -10.05 -13.20
N PHE A 43 -7.53 -9.97 -11.89
CA PHE A 43 -8.86 -9.83 -11.28
C PHE A 43 -9.49 -8.48 -11.69
N LEU A 44 -8.70 -7.42 -11.50
CA LEU A 44 -9.07 -6.05 -11.90
C LEU A 44 -9.32 -5.98 -13.43
N ASP A 45 -8.44 -6.63 -14.21
CA ASP A 45 -8.55 -6.68 -15.70
C ASP A 45 -9.78 -7.50 -16.15
N GLU A 46 -10.11 -8.54 -15.36
CA GLU A 46 -11.27 -9.42 -15.61
C GLU A 46 -12.57 -8.61 -15.58
N TYR A 47 -12.71 -7.79 -14.54
CA TYR A 47 -13.89 -6.93 -14.35
C TYR A 47 -13.81 -5.61 -15.14
N GLY A 48 -12.74 -5.43 -15.94
CA GLY A 48 -12.58 -4.24 -16.79
C GLY A 48 -12.45 -2.95 -15.97
N VAL A 49 -11.64 -3.04 -14.91
CA VAL A 49 -11.40 -1.95 -13.96
C VAL A 49 -10.21 -1.10 -14.42
N SER A 50 -10.30 0.23 -14.24
CA SER A 50 -9.20 1.15 -14.49
C SER A 50 -8.25 1.16 -13.26
N TYR A 51 -7.08 0.54 -13.43
CA TYR A 51 -6.05 0.47 -12.39
C TYR A 51 -4.70 0.85 -13.00
N GLU A 52 -3.80 1.36 -12.18
CA GLU A 52 -2.50 1.89 -12.61
C GLU A 52 -1.38 1.09 -11.91
N PRO A 53 -0.84 0.01 -12.57
CA PRO A 53 0.22 -0.83 -11.99
C PRO A 53 1.59 -0.13 -12.00
N ILE A 54 1.81 0.72 -10.99
CA ILE A 54 3.05 1.50 -10.82
C ILE A 54 3.88 0.91 -9.67
N ASP A 55 5.19 1.16 -9.73
CA ASP A 55 6.15 0.61 -8.76
C ASP A 55 6.09 1.39 -7.44
N ILE A 56 6.19 0.65 -6.33
CA ILE A 56 6.04 1.20 -4.97
C ILE A 56 7.33 1.90 -4.49
N VAL A 57 8.50 1.41 -4.96
CA VAL A 57 9.82 2.00 -4.58
C VAL A 57 10.32 2.99 -5.65
N GLN A 58 10.00 2.71 -6.93
CA GLN A 58 10.43 3.54 -8.07
C GLN A 58 9.51 4.79 -8.22
N HIS A 59 8.27 4.66 -7.71
CA HIS A 59 7.27 5.75 -7.70
C HIS A 59 6.68 5.86 -6.28
N THR A 60 7.56 5.92 -5.26
CA THR A 60 7.15 5.99 -3.84
C THR A 60 6.33 7.28 -3.58
N PRO A 61 5.10 7.16 -2.97
CA PRO A 61 4.31 8.35 -2.58
C PRO A 61 5.06 9.20 -1.55
N THR A 62 4.88 10.53 -1.63
CA THR A 62 5.45 11.48 -0.66
C THR A 62 4.65 11.48 0.65
N ILE A 63 5.18 12.16 1.68
CA ILE A 63 4.52 12.27 3.01
C ILE A 63 3.10 12.84 2.86
N ASN A 64 2.98 13.81 1.94
CA ASN A 64 1.71 14.47 1.61
C ASN A 64 0.74 13.50 0.89
N GLU A 65 1.26 12.71 -0.06
CA GLU A 65 0.45 11.70 -0.79
C GLU A 65 -0.15 10.68 0.18
N PHE A 66 0.70 10.18 1.10
CA PHE A 66 0.29 9.21 2.13
C PHE A 66 -0.79 9.80 3.04
N LYS A 67 -0.52 10.93 3.72
CA LYS A 67 -1.49 11.51 4.70
C LYS A 67 -2.83 11.88 4.04
N THR A 68 -2.79 12.23 2.73
CA THR A 68 -4.01 12.47 1.95
C THR A 68 -4.83 11.17 1.81
N ILE A 69 -4.22 10.09 1.27
CA ILE A 69 -4.92 8.82 1.01
C ILE A 69 -5.42 8.19 2.33
N ILE A 70 -4.67 8.38 3.43
CA ILE A 70 -4.99 7.81 4.76
C ILE A 70 -6.14 8.60 5.44
N ALA A 71 -6.18 9.92 5.20
CA ALA A 71 -7.25 10.79 5.73
C ALA A 71 -8.59 10.58 4.98
N ASN A 72 -8.50 10.31 3.67
CA ASN A 72 -9.69 10.15 2.80
C ASN A 72 -10.26 8.72 2.87
N THR A 73 -9.38 7.70 2.71
CA THR A 73 -9.80 6.28 2.72
C THR A 73 -10.03 5.79 4.16
N GLY A 74 -9.27 6.35 5.11
CA GLY A 74 -9.36 5.96 6.52
C GLY A 74 -8.60 4.68 6.83
N VAL A 75 -7.52 4.42 6.06
CA VAL A 75 -6.69 3.22 6.23
C VAL A 75 -5.71 3.40 7.40
N GLU A 76 -5.38 2.30 8.07
CA GLU A 76 -4.31 2.28 9.07
C GLU A 76 -2.96 2.58 8.39
N ILE A 77 -2.29 3.62 8.88
CA ILE A 77 -0.96 4.02 8.41
C ILE A 77 0.07 2.94 8.83
N ASN A 78 -0.23 2.26 9.96
CA ASN A 78 0.59 1.18 10.52
C ASN A 78 0.63 -0.06 9.59
N LYS A 79 -0.53 -0.39 8.96
CA LYS A 79 -0.63 -1.60 8.10
C LYS A 79 0.03 -1.38 6.73
N LEU A 80 0.44 -0.12 6.44
CA LEU A 80 1.16 0.22 5.19
C LEU A 80 2.63 -0.20 5.28
N PHE A 81 3.13 -0.43 6.52
CA PHE A 81 4.48 -0.99 6.74
C PHE A 81 4.53 -2.48 6.38
N ASN A 82 5.71 -2.92 5.90
CA ASN A 82 5.98 -4.32 5.58
C ASN A 82 6.08 -5.13 6.87
N THR A 83 4.91 -5.55 7.37
CA THR A 83 4.77 -6.23 8.66
C THR A 83 5.08 -7.74 8.55
N HIS A 84 5.00 -8.44 9.72
CA HIS A 84 5.30 -9.88 9.89
C HIS A 84 6.81 -10.16 9.84
N GLY A 85 7.62 -9.09 10.04
CA GLY A 85 9.07 -9.20 10.15
C GLY A 85 9.81 -8.65 8.94
N ALA A 86 10.73 -9.47 8.37
CA ALA A 86 11.63 -9.09 7.28
C ALA A 86 12.54 -7.91 7.69
N LYS A 87 12.12 -6.68 7.35
CA LYS A 87 12.89 -5.44 7.63
C LYS A 87 12.28 -4.66 8.78
N TYR A 88 10.97 -4.85 9.01
CA TYR A 88 10.23 -4.19 10.11
C TYR A 88 10.95 -4.44 11.47
N ARG A 89 11.49 -5.67 11.61
CA ARG A 89 12.19 -6.13 12.82
C ARG A 89 13.71 -5.89 12.70
N GLU A 90 14.22 -5.86 11.45
CA GLU A 90 15.66 -5.67 11.14
C GLU A 90 16.13 -4.27 11.53
N LEU A 91 15.33 -3.27 11.14
CA LEU A 91 15.57 -1.85 11.48
C LEU A 91 14.98 -1.56 12.89
N ASP A 92 14.35 -2.61 13.50
CA ASP A 92 13.67 -2.60 14.82
C ASP A 92 12.70 -1.42 14.97
N LEU A 93 12.01 -1.10 13.84
CA LEU A 93 11.12 0.06 13.72
C LEU A 93 10.06 0.08 14.83
N LYS A 94 9.50 -1.08 15.21
CA LYS A 94 8.38 -1.18 16.19
C LYS A 94 8.70 -0.40 17.49
N ASN A 95 9.97 -0.53 17.93
CA ASN A 95 10.50 0.09 19.15
C ASN A 95 10.39 1.64 19.10
N LYS A 96 10.62 2.24 17.92
CA LYS A 96 10.44 3.69 17.72
C LYS A 96 8.97 4.01 17.36
N LEU A 97 8.26 3.09 16.63
CA LEU A 97 6.91 3.37 16.08
C LEU A 97 5.86 3.56 17.18
N GLN A 98 6.06 2.87 18.31
CA GLN A 98 5.15 2.95 19.48
C GLN A 98 5.34 4.24 20.31
N THR A 99 6.37 5.06 20.00
CA THR A 99 6.63 6.33 20.74
C THR A 99 6.61 7.58 19.84
N LEU A 100 6.86 7.43 18.52
CA LEU A 100 6.89 8.60 17.58
C LEU A 100 5.47 9.10 17.19
N SER A 101 5.42 10.07 16.26
CA SER A 101 4.17 10.60 15.67
C SER A 101 3.84 9.86 14.36
N ASP A 102 2.56 9.91 13.94
CA ASP A 102 2.10 9.27 12.67
C ASP A 102 2.82 9.86 11.46
N ASP A 103 3.19 11.15 11.55
CA ASP A 103 3.91 11.87 10.48
C ASP A 103 5.31 11.27 10.27
N GLU A 104 5.94 10.86 11.38
CA GLU A 104 7.25 10.20 11.36
C GLU A 104 7.16 8.84 10.61
N LYS A 105 6.03 8.14 10.80
CA LYS A 105 5.76 6.89 10.07
C LYS A 105 5.52 7.15 8.57
N LEU A 106 4.83 8.27 8.27
CA LEU A 106 4.61 8.75 6.89
C LEU A 106 5.96 9.00 6.20
N GLU A 107 6.89 9.61 6.96
CA GLU A 107 8.26 9.89 6.51
C GLU A 107 9.00 8.60 6.13
N LEU A 108 8.96 7.60 7.05
CA LEU A 108 9.63 6.29 6.85
C LEU A 108 9.15 5.58 5.57
N LEU A 109 7.83 5.62 5.35
CA LEU A 109 7.20 5.04 4.15
C LEU A 109 7.62 5.81 2.87
N SER A 110 7.70 7.15 2.98
CA SER A 110 8.10 8.03 1.87
C SER A 110 9.61 7.92 1.57
N SER A 111 10.39 7.54 2.60
CA SER A 111 11.83 7.34 2.50
C SER A 111 12.11 6.05 1.71
N ASP A 112 11.38 4.99 2.07
CA ASP A 112 11.62 3.64 1.54
C ASP A 112 10.31 3.01 1.06
N GLY A 113 10.20 2.77 -0.26
CA GLY A 113 9.03 2.14 -0.86
C GLY A 113 8.94 0.65 -0.62
N MET A 114 10.05 0.04 -0.19
CA MET A 114 10.09 -1.38 0.20
C MET A 114 9.65 -1.53 1.67
N LEU A 115 9.72 -0.42 2.44
CA LEU A 115 9.12 -0.32 3.78
C LEU A 115 7.60 -0.28 3.68
N VAL A 116 7.10 0.24 2.55
CA VAL A 116 5.67 0.17 2.24
C VAL A 116 5.34 -1.22 1.68
N LYS A 117 4.10 -1.66 1.90
CA LYS A 117 3.59 -2.92 1.36
C LYS A 117 3.54 -2.84 -0.17
N ARG A 118 4.41 -3.65 -0.80
CA ARG A 118 4.51 -3.80 -2.25
C ARG A 118 3.12 -4.13 -2.89
N PRO A 119 2.33 -5.15 -2.40
CA PRO A 119 0.94 -5.32 -2.87
C PRO A 119 -0.01 -4.30 -2.18
N LEU A 120 -0.36 -3.25 -2.92
CA LEU A 120 -1.28 -2.19 -2.46
C LEU A 120 -2.06 -1.64 -3.67
N ALA A 121 -3.33 -1.34 -3.46
CA ALA A 121 -4.18 -0.68 -4.44
C ALA A 121 -4.93 0.43 -3.72
N VAL A 122 -4.71 1.69 -4.11
CA VAL A 122 -5.34 2.86 -3.46
C VAL A 122 -6.02 3.74 -4.50
N MET A 123 -6.99 4.52 -4.05
CA MET A 123 -7.72 5.50 -4.86
C MET A 123 -7.90 6.76 -3.99
N GLY A 124 -8.52 7.81 -4.55
CA GLY A 124 -8.93 8.97 -3.78
C GLY A 124 -9.91 8.61 -2.65
N ASP A 125 -10.79 7.63 -2.93
CA ASP A 125 -11.89 7.25 -2.01
C ASP A 125 -11.53 6.03 -1.15
N LYS A 126 -10.98 5.00 -1.79
CA LYS A 126 -10.87 3.63 -1.20
C LYS A 126 -9.44 3.07 -1.29
N ILE A 127 -9.21 1.90 -0.64
CA ILE A 127 -7.88 1.24 -0.60
C ILE A 127 -8.02 -0.25 -0.16
N THR A 128 -7.06 -1.08 -0.61
CA THR A 128 -6.96 -2.51 -0.28
C THR A 128 -5.45 -2.90 -0.18
N LEU A 129 -5.06 -3.55 0.94
CA LEU A 129 -3.68 -4.02 1.17
C LEU A 129 -3.58 -5.56 1.00
N GLY A 130 -2.50 -6.00 0.32
CA GLY A 130 -2.27 -7.42 0.03
C GLY A 130 -3.24 -7.97 -1.01
N PHE A 131 -3.07 -9.26 -1.38
CA PHE A 131 -4.05 -9.94 -2.24
C PHE A 131 -5.25 -10.38 -1.38
N LYS A 132 -6.16 -9.43 -1.17
CA LYS A 132 -7.44 -9.69 -0.52
C LYS A 132 -8.54 -9.62 -1.57
N GLU A 133 -8.85 -10.78 -2.18
CA GLU A 133 -9.89 -10.89 -3.22
C GLU A 133 -11.25 -10.46 -2.66
N ASP A 134 -11.49 -10.79 -1.38
CA ASP A 134 -12.69 -10.35 -0.64
C ASP A 134 -12.81 -8.83 -0.66
N GLN A 135 -11.75 -8.15 -0.20
CA GLN A 135 -11.67 -6.69 -0.17
C GLN A 135 -11.75 -6.10 -1.60
N TYR A 136 -11.13 -6.75 -2.59
CA TYR A 136 -11.13 -6.29 -3.99
C TYR A 136 -12.58 -6.23 -4.54
N LYS A 137 -13.33 -7.33 -4.36
CA LYS A 137 -14.70 -7.46 -4.88
C LYS A 137 -15.70 -6.61 -4.07
N GLU A 138 -15.37 -6.39 -2.79
CA GLU A 138 -16.24 -5.66 -1.87
C GLU A 138 -16.08 -4.14 -2.03
N THR A 139 -14.84 -3.72 -2.33
CA THR A 139 -14.43 -2.30 -2.36
C THR A 139 -14.45 -1.76 -3.81
N TRP A 140 -13.61 -2.36 -4.68
CA TRP A 140 -13.41 -1.88 -6.06
C TRP A 140 -14.61 -2.19 -6.95
N LEU A 141 -15.19 -3.38 -6.74
CA LEU A 141 -16.32 -3.87 -7.57
C LEU A 141 -17.65 -3.51 -6.90
N ALA A 142 -18.73 -4.25 -7.25
CA ALA A 142 -20.12 -3.96 -6.83
C ALA A 142 -20.68 -2.73 -7.58
N MET A 25 -5.69 6.57 -12.60
CA MET A 25 -6.70 5.57 -12.19
C MET A 25 -6.27 4.88 -10.87
N ILE A 26 -6.97 3.78 -10.48
CA ILE A 26 -6.71 3.03 -9.21
C ILE A 26 -5.22 2.65 -9.09
N LYS A 27 -4.51 3.34 -8.20
CA LYS A 27 -3.05 3.22 -8.09
C LYS A 27 -2.65 1.88 -7.45
N PHE A 28 -2.50 0.86 -8.32
CA PHE A 28 -2.05 -0.46 -7.91
C PHE A 28 -0.51 -0.45 -7.82
N TYR A 29 0.01 -0.21 -6.62
CA TYR A 29 1.43 -0.28 -6.36
C TYR A 29 1.86 -1.76 -6.27
N GLN A 30 3.04 -2.03 -6.83
CA GLN A 30 3.71 -3.34 -6.78
C GLN A 30 5.18 -3.14 -7.14
N TYR A 31 6.02 -4.14 -6.85
CA TYR A 31 7.44 -4.11 -7.23
C TYR A 31 8.07 -5.48 -6.99
N LYS A 32 8.80 -5.99 -7.99
CA LYS A 32 9.60 -7.23 -7.91
C LYS A 32 8.73 -8.48 -7.68
N ASN A 33 8.79 -9.43 -8.65
CA ASN A 33 7.98 -10.67 -8.68
C ASN A 33 6.52 -10.32 -8.99
N CYS A 34 6.08 -10.68 -10.19
CA CYS A 34 4.73 -10.40 -10.69
C CYS A 34 3.70 -11.43 -10.17
N THR A 35 4.03 -12.17 -9.09
CA THR A 35 3.16 -13.19 -8.49
C THR A 35 1.81 -12.58 -8.03
N THR A 36 1.88 -11.62 -7.10
CA THR A 36 0.69 -10.88 -6.62
C THR A 36 0.13 -9.99 -7.74
N CYS A 37 1.05 -9.39 -8.52
CA CYS A 37 0.74 -8.39 -9.55
C CYS A 37 -0.19 -8.97 -10.64
N LYS A 38 0.08 -10.22 -11.08
CA LYS A 38 -0.72 -10.90 -12.13
C LYS A 38 -2.12 -11.24 -11.61
N LYS A 39 -2.20 -11.72 -10.36
CA LYS A 39 -3.47 -12.17 -9.74
C LYS A 39 -4.46 -11.01 -9.55
N ALA A 40 -3.95 -9.92 -8.97
CA ALA A 40 -4.72 -8.68 -8.76
C ALA A 40 -5.12 -8.04 -10.10
N ALA A 41 -4.14 -7.94 -11.02
CA ALA A 41 -4.34 -7.35 -12.36
C ALA A 41 -5.38 -8.15 -13.16
N LYS A 42 -5.37 -9.48 -13.01
CA LYS A 42 -6.25 -10.40 -13.75
C LYS A 42 -7.68 -10.35 -13.21
N PHE A 43 -7.83 -10.16 -11.90
CA PHE A 43 -9.15 -10.06 -11.23
C PHE A 43 -9.85 -8.74 -11.63
N LEU A 44 -9.06 -7.66 -11.60
CA LEU A 44 -9.48 -6.32 -12.04
C LEU A 44 -9.80 -6.36 -13.56
N ASP A 45 -8.92 -6.99 -14.35
CA ASP A 45 -9.09 -7.15 -15.83
C ASP A 45 -10.32 -8.00 -16.16
N GLU A 46 -10.61 -8.98 -15.28
CA GLU A 46 -11.79 -9.88 -15.39
C GLU A 46 -13.09 -9.05 -15.32
N TYR A 47 -13.12 -8.12 -14.35
CA TYR A 47 -14.27 -7.20 -14.17
C TYR A 47 -14.12 -5.87 -14.93
N GLY A 48 -13.11 -5.79 -15.82
CA GLY A 48 -12.92 -4.64 -16.72
C GLY A 48 -12.67 -3.32 -15.99
N VAL A 49 -11.85 -3.38 -14.95
CA VAL A 49 -11.54 -2.25 -14.05
C VAL A 49 -10.18 -1.63 -14.42
N SER A 50 -10.14 -0.28 -14.50
CA SER A 50 -8.93 0.46 -14.83
C SER A 50 -8.05 0.64 -13.57
N TYR A 51 -6.95 -0.11 -13.53
CA TYR A 51 -5.93 -0.02 -12.47
C TYR A 51 -4.64 0.63 -13.04
N GLU A 52 -3.72 0.98 -12.14
CA GLU A 52 -2.52 1.75 -12.45
C GLU A 52 -1.31 0.97 -11.88
N PRO A 53 -0.68 0.06 -12.68
CA PRO A 53 0.48 -0.75 -12.21
C PRO A 53 1.76 0.11 -12.15
N ILE A 54 2.05 0.64 -10.95
CA ILE A 54 3.20 1.53 -10.70
C ILE A 54 4.11 0.93 -9.61
N ASP A 55 5.40 1.25 -9.70
CA ASP A 55 6.44 0.72 -8.80
C ASP A 55 6.34 1.42 -7.43
N ILE A 56 6.21 0.63 -6.35
CA ILE A 56 6.06 1.16 -4.97
C ILE A 56 7.29 1.99 -4.54
N VAL A 57 8.51 1.56 -4.94
CA VAL A 57 9.77 2.15 -4.46
C VAL A 57 10.35 3.15 -5.48
N GLN A 58 10.20 2.85 -6.78
CA GLN A 58 10.70 3.72 -7.86
C GLN A 58 9.80 4.97 -7.98
N HIS A 59 8.50 4.77 -7.68
CA HIS A 59 7.49 5.82 -7.71
C HIS A 59 6.76 5.84 -6.35
N THR A 60 7.52 6.16 -5.29
CA THR A 60 6.98 6.27 -3.92
C THR A 60 6.28 7.63 -3.76
N PRO A 61 5.00 7.67 -3.29
CA PRO A 61 4.32 8.93 -2.96
C PRO A 61 4.98 9.62 -1.74
N THR A 62 4.96 10.95 -1.71
CA THR A 62 5.58 11.76 -0.64
C THR A 62 4.70 11.77 0.63
N ILE A 63 5.17 12.50 1.66
CA ILE A 63 4.56 12.53 3.01
C ILE A 63 3.13 13.12 2.93
N ASN A 64 3.01 14.17 2.10
CA ASN A 64 1.72 14.85 1.83
C ASN A 64 0.73 13.88 1.18
N GLU A 65 1.21 13.15 0.16
CA GLU A 65 0.42 12.17 -0.59
C GLU A 65 -0.12 11.06 0.32
N PHE A 66 0.75 10.53 1.21
CA PHE A 66 0.37 9.49 2.18
C PHE A 66 -0.70 10.01 3.16
N LYS A 67 -0.44 11.13 3.85
CA LYS A 67 -1.40 11.66 4.86
C LYS A 67 -2.76 12.03 4.22
N THR A 68 -2.76 12.38 2.92
CA THR A 68 -3.99 12.62 2.17
C THR A 68 -4.78 11.32 1.99
N ILE A 69 -4.14 10.28 1.41
CA ILE A 69 -4.82 9.01 1.07
C ILE A 69 -5.32 8.31 2.35
N ILE A 70 -4.61 8.47 3.46
CA ILE A 70 -4.95 7.88 4.76
C ILE A 70 -6.12 8.63 5.42
N ALA A 71 -6.14 9.96 5.27
CA ALA A 71 -7.26 10.81 5.75
C ALA A 71 -8.54 10.58 4.93
N ASN A 72 -8.37 10.28 3.64
CA ASN A 72 -9.49 10.11 2.69
C ASN A 72 -10.12 8.72 2.82
N THR A 73 -9.27 7.68 2.80
CA THR A 73 -9.72 6.27 2.89
C THR A 73 -10.07 5.91 4.33
N GLY A 74 -9.30 6.46 5.28
CA GLY A 74 -9.40 6.12 6.69
C GLY A 74 -8.63 4.85 7.02
N VAL A 75 -7.55 4.56 6.27
CA VAL A 75 -6.77 3.33 6.44
C VAL A 75 -5.79 3.47 7.62
N GLU A 76 -5.45 2.35 8.25
CA GLU A 76 -4.42 2.28 9.28
C GLU A 76 -3.04 2.54 8.63
N ILE A 77 -2.37 3.59 9.10
CA ILE A 77 -1.06 4.03 8.58
C ILE A 77 0.01 2.93 8.87
N ASN A 78 -0.19 2.20 9.97
CA ASN A 78 0.72 1.14 10.43
C ASN A 78 0.71 -0.08 9.48
N LYS A 79 -0.50 -0.50 9.00
CA LYS A 79 -0.61 -1.67 8.09
C LYS A 79 -0.12 -1.34 6.67
N LEU A 80 0.23 -0.07 6.41
CA LEU A 80 0.89 0.30 5.15
C LEU A 80 2.34 -0.20 5.15
N PHE A 81 2.96 -0.31 6.35
CA PHE A 81 4.32 -0.87 6.52
C PHE A 81 4.40 -2.35 6.09
N ASN A 82 5.65 -2.81 5.86
CA ASN A 82 5.98 -4.23 5.57
C ASN A 82 5.88 -5.10 6.85
N THR A 83 4.67 -5.12 7.42
CA THR A 83 4.37 -5.69 8.76
C THR A 83 4.41 -7.23 8.78
N HIS A 84 4.53 -7.87 7.60
CA HIS A 84 4.71 -9.33 7.47
C HIS A 84 6.19 -9.67 7.76
N GLY A 85 6.55 -9.62 9.06
CA GLY A 85 7.92 -9.80 9.51
C GLY A 85 8.88 -8.80 8.87
N ALA A 86 9.78 -9.31 8.00
CA ALA A 86 10.59 -8.50 7.06
C ALA A 86 11.45 -7.44 7.78
N LYS A 87 11.71 -6.30 7.09
CA LYS A 87 12.49 -5.18 7.65
C LYS A 87 11.79 -4.52 8.84
N TYR A 88 10.47 -4.71 8.98
CA TYR A 88 9.70 -4.13 10.10
C TYR A 88 10.23 -4.61 11.49
N ARG A 89 10.79 -5.85 11.51
CA ARG A 89 11.35 -6.46 12.74
C ARG A 89 12.88 -6.53 12.67
N GLU A 90 13.43 -6.52 11.43
CA GLU A 90 14.88 -6.52 11.19
C GLU A 90 15.49 -5.18 11.66
N LEU A 91 14.81 -4.09 11.28
CA LEU A 91 15.15 -2.73 11.73
C LEU A 91 14.59 -2.48 13.15
N ASP A 92 13.60 -3.33 13.54
CA ASP A 92 12.91 -3.29 14.85
C ASP A 92 12.14 -1.96 14.95
N LEU A 93 11.44 -1.63 13.83
CA LEU A 93 10.71 -0.35 13.69
C LEU A 93 9.68 -0.15 14.80
N LYS A 94 8.98 -1.22 15.20
CA LYS A 94 7.83 -1.14 16.14
C LYS A 94 8.17 -0.33 17.43
N ASN A 95 9.38 -0.56 17.95
CA ASN A 95 9.88 0.10 19.16
C ASN A 95 10.05 1.62 18.95
N LYS A 96 10.53 2.04 17.77
CA LYS A 96 10.66 3.47 17.45
C LYS A 96 9.30 4.06 17.06
N LEU A 97 8.41 3.25 16.43
CA LEU A 97 7.11 3.74 15.89
C LEU A 97 6.17 4.19 17.01
N GLN A 98 6.13 3.39 18.09
CA GLN A 98 5.29 3.68 19.26
C GLN A 98 5.73 4.96 20.00
N THR A 99 7.03 5.34 19.88
CA THR A 99 7.57 6.51 20.59
C THR A 99 7.61 7.77 19.69
N LEU A 100 7.65 7.59 18.35
CA LEU A 100 7.57 8.75 17.40
C LEU A 100 6.11 9.06 17.04
N SER A 101 5.91 10.17 16.30
CA SER A 101 4.58 10.63 15.85
C SER A 101 4.19 9.95 14.53
N ASP A 102 2.88 9.91 14.25
CA ASP A 102 2.33 9.30 13.01
C ASP A 102 2.90 9.99 11.74
N ASP A 103 3.26 11.28 11.88
CA ASP A 103 3.91 12.06 10.81
C ASP A 103 5.29 11.48 10.44
N GLU A 104 6.01 10.97 11.44
CA GLU A 104 7.36 10.38 11.26
C GLU A 104 7.25 8.95 10.66
N LYS A 105 6.13 8.25 10.93
CA LYS A 105 5.80 6.97 10.26
C LYS A 105 5.51 7.21 8.75
N LEU A 106 4.78 8.31 8.47
CA LEU A 106 4.52 8.79 7.09
C LEU A 106 5.84 9.03 6.35
N GLU A 107 6.78 9.71 7.03
CA GLU A 107 8.12 10.01 6.51
C GLU A 107 8.90 8.73 6.15
N LEU A 108 8.86 7.72 7.02
CA LEU A 108 9.50 6.40 6.78
C LEU A 108 8.97 5.73 5.49
N LEU A 109 7.63 5.70 5.36
CA LEU A 109 6.98 5.13 4.17
C LEU A 109 7.35 5.91 2.89
N SER A 110 7.48 7.24 3.04
CA SER A 110 7.79 8.16 1.94
C SER A 110 9.28 8.10 1.56
N SER A 111 10.14 7.69 2.51
CA SER A 111 11.60 7.55 2.28
C SER A 111 11.89 6.29 1.45
N ASP A 112 11.25 5.16 1.84
CA ASP A 112 11.41 3.87 1.16
C ASP A 112 10.04 3.24 0.87
N GLY A 113 9.76 2.99 -0.42
CA GLY A 113 8.61 2.18 -0.83
C GLY A 113 8.77 0.71 -0.43
N MET A 114 10.02 0.33 -0.09
CA MET A 114 10.32 -0.98 0.50
C MET A 114 9.73 -1.09 1.92
N LEU A 115 9.74 0.04 2.66
CA LEU A 115 9.14 0.12 4.01
C LEU A 115 7.61 -0.01 3.96
N VAL A 116 7.04 0.33 2.80
CA VAL A 116 5.62 0.07 2.49
C VAL A 116 5.49 -1.39 1.96
N LYS A 117 4.34 -2.04 2.18
CA LYS A 117 4.02 -3.30 1.51
C LYS A 117 3.86 -3.03 0.01
N ARG A 118 4.72 -3.68 -0.79
CA ARG A 118 4.76 -3.52 -2.25
C ARG A 118 3.37 -3.77 -2.89
N PRO A 119 2.65 -4.92 -2.56
CA PRO A 119 1.25 -5.08 -3.00
C PRO A 119 0.31 -4.13 -2.21
N LEU A 120 -0.11 -3.06 -2.90
CA LEU A 120 -1.07 -2.07 -2.39
C LEU A 120 -1.86 -1.52 -3.59
N ALA A 121 -3.09 -1.09 -3.34
CA ALA A 121 -3.94 -0.43 -4.33
C ALA A 121 -4.73 0.67 -3.62
N VAL A 122 -4.48 1.94 -3.97
CA VAL A 122 -5.16 3.10 -3.34
C VAL A 122 -5.83 3.99 -4.41
N MET A 123 -6.97 4.58 -4.03
CA MET A 123 -7.78 5.45 -4.91
C MET A 123 -8.55 6.46 -4.03
N GLY A 124 -9.45 7.26 -4.66
CA GLY A 124 -10.33 8.18 -3.94
C GLY A 124 -11.21 7.48 -2.90
N ASP A 125 -10.91 7.73 -1.60
CA ASP A 125 -11.59 7.17 -0.40
C ASP A 125 -11.65 5.61 -0.37
N LYS A 126 -10.82 4.94 -1.20
CA LYS A 126 -10.79 3.47 -1.34
C LYS A 126 -9.34 2.96 -1.27
N ILE A 127 -9.11 1.76 -0.67
CA ILE A 127 -7.76 1.15 -0.57
C ILE A 127 -7.84 -0.35 -0.18
N THR A 128 -6.85 -1.14 -0.64
CA THR A 128 -6.67 -2.57 -0.29
C THR A 128 -5.15 -2.86 -0.13
N LEU A 129 -4.77 -3.62 0.92
CA LEU A 129 -3.36 -4.05 1.17
C LEU A 129 -3.20 -5.55 0.92
N GLY A 130 -2.16 -5.90 0.13
CA GLY A 130 -1.89 -7.29 -0.25
C GLY A 130 -2.89 -7.86 -1.23
N PHE A 131 -2.75 -9.16 -1.58
CA PHE A 131 -3.74 -9.86 -2.39
C PHE A 131 -4.94 -10.22 -1.51
N LYS A 132 -5.96 -9.35 -1.54
CA LYS A 132 -7.23 -9.57 -0.83
C LYS A 132 -8.34 -9.55 -1.87
N GLU A 133 -8.64 -10.73 -2.45
CA GLU A 133 -9.65 -10.87 -3.51
C GLU A 133 -11.06 -10.50 -2.99
N ASP A 134 -11.30 -10.82 -1.71
CA ASP A 134 -12.53 -10.46 -0.97
C ASP A 134 -12.65 -8.93 -0.83
N GLN A 135 -11.55 -8.28 -0.45
CA GLN A 135 -11.51 -6.81 -0.33
C GLN A 135 -11.47 -6.13 -1.71
N TYR A 136 -11.06 -6.86 -2.77
CA TYR A 136 -11.08 -6.34 -4.15
C TYR A 136 -12.53 -6.24 -4.64
N LYS A 137 -13.36 -7.26 -4.32
CA LYS A 137 -14.79 -7.24 -4.69
C LYS A 137 -15.58 -6.28 -3.78
N GLU A 138 -15.07 -6.09 -2.54
CA GLU A 138 -15.71 -5.23 -1.54
C GLU A 138 -15.44 -3.72 -1.84
N THR A 139 -14.20 -3.42 -2.28
CA THR A 139 -13.71 -2.03 -2.42
C THR A 139 -13.75 -1.53 -3.88
N TRP A 140 -13.30 -2.37 -4.84
CA TRP A 140 -13.12 -1.95 -6.26
C TRP A 140 -14.33 -2.34 -7.14
N LEU A 141 -14.81 -3.58 -6.97
CA LEU A 141 -15.86 -4.16 -7.85
C LEU A 141 -17.27 -3.84 -7.32
N ALA A 142 -18.29 -4.47 -7.94
CA ALA A 142 -19.72 -4.27 -7.64
C ALA A 142 -20.20 -2.88 -8.16
N MET A 25 -5.76 6.59 -13.06
CA MET A 25 -6.82 5.71 -12.49
C MET A 25 -6.34 5.11 -11.16
N ILE A 26 -7.09 4.09 -10.63
CA ILE A 26 -6.72 3.35 -9.38
C ILE A 26 -5.23 2.96 -9.37
N LYS A 27 -4.45 3.65 -8.53
CA LYS A 27 -2.99 3.50 -8.43
C LYS A 27 -2.62 2.12 -7.86
N PHE A 28 -2.51 1.15 -8.77
CA PHE A 28 -2.13 -0.22 -8.43
C PHE A 28 -0.61 -0.30 -8.28
N TYR A 29 -0.14 -0.05 -7.06
CA TYR A 29 1.28 -0.13 -6.72
C TYR A 29 1.70 -1.61 -6.57
N GLN A 30 2.79 -1.94 -7.23
CA GLN A 30 3.44 -3.26 -7.19
C GLN A 30 4.91 -3.06 -7.55
N TYR A 31 5.75 -4.05 -7.26
CA TYR A 31 7.17 -4.01 -7.64
C TYR A 31 7.73 -5.43 -7.60
N LYS A 32 8.37 -5.83 -8.71
CA LYS A 32 9.04 -7.14 -8.88
C LYS A 32 8.03 -8.32 -8.85
N ASN A 33 7.97 -9.06 -9.98
CA ASN A 33 6.98 -10.15 -10.20
C ASN A 33 7.13 -11.27 -9.14
N CYS A 34 6.18 -11.30 -8.19
CA CYS A 34 6.15 -12.28 -7.10
C CYS A 34 4.78 -12.93 -6.98
N THR A 35 4.13 -13.15 -8.16
CA THR A 35 2.80 -13.79 -8.30
C THR A 35 1.65 -12.84 -7.87
N THR A 36 1.72 -12.32 -6.62
CA THR A 36 0.72 -11.42 -6.00
C THR A 36 0.31 -10.25 -6.92
N CYS A 37 1.32 -9.63 -7.54
CA CYS A 37 1.18 -8.50 -8.46
C CYS A 37 0.34 -8.89 -9.69
N LYS A 38 0.62 -10.07 -10.26
CA LYS A 38 -0.03 -10.56 -11.49
C LYS A 38 -1.42 -11.13 -11.22
N LYS A 39 -1.64 -11.67 -10.01
CA LYS A 39 -2.95 -12.19 -9.57
C LYS A 39 -3.93 -11.04 -9.37
N ALA A 40 -3.45 -9.99 -8.69
CA ALA A 40 -4.24 -8.79 -8.40
C ALA A 40 -4.54 -8.00 -9.69
N ALA A 41 -3.53 -7.92 -10.57
CA ALA A 41 -3.66 -7.27 -11.89
C ALA A 41 -4.73 -7.98 -12.74
N LYS A 42 -4.67 -9.32 -12.76
CA LYS A 42 -5.61 -10.17 -13.50
C LYS A 42 -7.05 -10.00 -12.97
N PHE A 43 -7.20 -10.03 -11.63
CA PHE A 43 -8.50 -9.89 -10.95
C PHE A 43 -9.22 -8.60 -11.37
N LEU A 44 -8.50 -7.48 -11.21
CA LEU A 44 -9.00 -6.13 -11.52
C LEU A 44 -9.35 -6.03 -13.02
N ASP A 45 -8.45 -6.54 -13.88
CA ASP A 45 -8.65 -6.58 -15.35
C ASP A 45 -9.91 -7.41 -15.73
N GLU A 46 -10.11 -8.53 -15.02
CA GLU A 46 -11.17 -9.49 -15.28
C GLU A 46 -12.55 -8.86 -15.05
N TYR A 47 -12.68 -8.14 -13.92
CA TYR A 47 -13.93 -7.43 -13.57
C TYR A 47 -14.14 -6.14 -14.40
N GLY A 48 -13.12 -5.72 -15.18
CA GLY A 48 -13.22 -4.51 -16.00
C GLY A 48 -12.83 -3.23 -15.25
N VAL A 49 -12.14 -3.43 -14.11
CA VAL A 49 -11.65 -2.34 -13.25
C VAL A 49 -10.37 -1.74 -13.85
N SER A 50 -10.38 -0.41 -14.08
CA SER A 50 -9.20 0.32 -14.55
C SER A 50 -8.21 0.53 -13.40
N TYR A 51 -7.15 -0.30 -13.39
CA TYR A 51 -6.04 -0.19 -12.42
C TYR A 51 -4.81 0.41 -13.14
N GLU A 52 -3.85 0.90 -12.36
CA GLU A 52 -2.64 1.58 -12.88
C GLU A 52 -1.39 0.90 -12.31
N PRO A 53 -0.76 -0.05 -13.07
CA PRO A 53 0.48 -0.74 -12.61
C PRO A 53 1.69 0.23 -12.56
N ILE A 54 2.02 0.67 -11.34
CA ILE A 54 3.16 1.57 -11.05
C ILE A 54 4.00 0.99 -9.89
N ASP A 55 5.28 1.34 -9.87
CA ASP A 55 6.27 0.77 -8.94
C ASP A 55 6.14 1.38 -7.54
N ILE A 56 5.93 0.54 -6.49
CA ILE A 56 5.74 1.03 -5.09
C ILE A 56 6.95 1.86 -4.59
N VAL A 57 8.19 1.46 -4.96
CA VAL A 57 9.43 2.06 -4.43
C VAL A 57 9.99 3.17 -5.35
N GLN A 58 9.77 3.00 -6.66
CA GLN A 58 10.25 3.94 -7.70
C GLN A 58 9.26 5.12 -7.85
N HIS A 59 8.00 4.88 -7.46
CA HIS A 59 6.90 5.87 -7.51
C HIS A 59 6.30 6.12 -6.11
N THR A 60 7.14 6.01 -5.05
CA THR A 60 6.67 6.24 -3.66
C THR A 60 6.22 7.71 -3.49
N PRO A 61 4.95 7.98 -3.04
CA PRO A 61 4.50 9.35 -2.74
C PRO A 61 5.23 9.94 -1.51
N THR A 62 5.15 11.28 -1.38
CA THR A 62 5.74 12.00 -0.25
C THR A 62 4.84 11.89 0.99
N ILE A 63 5.34 12.41 2.12
CA ILE A 63 4.65 12.35 3.43
C ILE A 63 3.26 13.01 3.37
N ASN A 64 3.19 14.15 2.66
CA ASN A 64 1.94 14.92 2.45
C ASN A 64 0.93 14.11 1.62
N GLU A 65 1.41 13.46 0.55
CA GLU A 65 0.54 12.72 -0.37
C GLU A 65 0.06 11.41 0.29
N PHE A 66 0.90 10.83 1.18
CA PHE A 66 0.56 9.67 2.00
C PHE A 66 -0.58 10.02 2.97
N LYS A 67 -0.36 11.06 3.83
CA LYS A 67 -1.37 11.47 4.83
C LYS A 67 -2.68 11.91 4.16
N THR A 68 -2.58 12.39 2.90
CA THR A 68 -3.75 12.71 2.08
C THR A 68 -4.54 11.44 1.74
N ILE A 69 -3.89 10.42 1.11
CA ILE A 69 -4.60 9.18 0.68
C ILE A 69 -5.21 8.44 1.88
N ILE A 70 -4.59 8.59 3.06
CA ILE A 70 -5.07 7.99 4.33
C ILE A 70 -6.25 8.81 4.90
N ALA A 71 -6.22 10.14 4.72
CA ALA A 71 -7.32 11.05 5.11
C ALA A 71 -8.53 10.94 4.15
N ASN A 72 -8.24 10.52 2.91
CA ASN A 72 -9.24 10.45 1.82
C ASN A 72 -9.95 9.08 1.79
N THR A 73 -9.21 7.99 2.09
CA THR A 73 -9.76 6.63 2.12
C THR A 73 -10.20 6.25 3.55
N GLY A 74 -9.32 6.51 4.52
CA GLY A 74 -9.55 6.13 5.92
C GLY A 74 -8.87 4.80 6.27
N VAL A 75 -7.69 4.54 5.64
CA VAL A 75 -6.91 3.32 5.86
C VAL A 75 -6.02 3.45 7.11
N GLU A 76 -5.65 2.31 7.72
CA GLU A 76 -4.64 2.28 8.77
C GLU A 76 -3.27 2.60 8.17
N ILE A 77 -2.60 3.58 8.75
CA ILE A 77 -1.28 4.04 8.33
C ILE A 77 -0.22 2.94 8.69
N ASN A 78 -0.50 2.19 9.78
CA ASN A 78 0.37 1.10 10.26
C ASN A 78 0.28 -0.15 9.37
N LYS A 79 -0.91 -0.44 8.78
CA LYS A 79 -1.07 -1.62 7.89
C LYS A 79 -0.34 -1.41 6.54
N LEU A 80 0.05 -0.14 6.25
CA LEU A 80 0.83 0.21 5.04
C LEU A 80 2.29 -0.26 5.18
N PHE A 81 2.75 -0.51 6.43
CA PHE A 81 4.09 -1.06 6.70
C PHE A 81 4.22 -2.49 6.14
N ASN A 82 5.42 -2.79 5.63
CA ASN A 82 5.76 -4.05 4.99
C ASN A 82 5.78 -5.18 6.04
N THR A 83 4.59 -5.77 6.28
CA THR A 83 4.38 -6.82 7.27
C THR A 83 4.85 -8.21 6.74
N HIS A 84 6.18 -8.32 6.53
CA HIS A 84 6.84 -9.56 6.10
C HIS A 84 7.88 -9.99 7.14
N GLY A 85 7.95 -9.25 8.27
CA GLY A 85 8.90 -9.51 9.34
C GLY A 85 10.25 -8.84 9.10
N ALA A 86 10.92 -9.28 8.01
CA ALA A 86 12.35 -9.02 7.72
C ALA A 86 12.85 -7.60 8.13
N LYS A 87 12.53 -6.54 7.35
CA LYS A 87 13.04 -5.17 7.63
C LYS A 87 12.40 -4.56 8.87
N TYR A 88 11.12 -4.91 9.10
CA TYR A 88 10.32 -4.45 10.26
C TYR A 88 11.00 -4.79 11.61
N ARG A 89 11.83 -5.88 11.61
CA ARG A 89 12.60 -6.32 12.81
C ARG A 89 14.12 -6.15 12.60
N GLU A 90 14.55 -5.99 11.32
CA GLU A 90 15.97 -5.74 10.97
C GLU A 90 16.40 -4.36 11.46
N LEU A 91 15.60 -3.36 11.04
CA LEU A 91 15.69 -1.98 11.53
C LEU A 91 15.13 -1.94 12.96
N ASP A 92 14.17 -2.85 13.20
CA ASP A 92 13.34 -2.94 14.40
C ASP A 92 12.63 -1.59 14.60
N LEU A 93 11.83 -1.26 13.58
CA LEU A 93 11.06 -0.02 13.52
C LEU A 93 10.07 0.05 14.67
N LYS A 94 9.51 -1.10 15.09
CA LYS A 94 8.44 -1.15 16.11
C LYS A 94 8.89 -0.49 17.45
N ASN A 95 10.21 -0.51 17.70
CA ASN A 95 10.83 0.17 18.86
C ASN A 95 10.52 1.69 18.86
N LYS A 96 10.55 2.32 17.66
CA LYS A 96 10.14 3.74 17.50
C LYS A 96 8.61 3.83 17.26
N LEU A 97 8.02 2.84 16.53
CA LEU A 97 6.59 2.89 16.06
C LEU A 97 5.59 2.95 17.21
N GLN A 98 5.98 2.37 18.35
CA GLN A 98 5.14 2.31 19.56
C GLN A 98 5.02 3.69 20.26
N THR A 99 5.99 4.61 19.99
CA THR A 99 6.17 5.84 20.79
C THR A 99 6.29 7.13 19.93
N LEU A 100 6.38 7.01 18.58
CA LEU A 100 6.54 8.18 17.68
C LEU A 100 5.21 8.95 17.40
N SER A 101 5.28 9.87 16.42
CA SER A 101 4.10 10.47 15.76
C SER A 101 3.75 9.66 14.50
N ASP A 102 2.46 9.68 14.11
CA ASP A 102 1.98 9.04 12.85
C ASP A 102 2.68 9.66 11.64
N ASP A 103 3.11 10.94 11.78
CA ASP A 103 3.88 11.68 10.77
C ASP A 103 5.24 11.00 10.48
N GLU A 104 5.88 10.47 11.54
CA GLU A 104 7.17 9.75 11.43
C GLU A 104 7.02 8.40 10.72
N LYS A 105 5.87 7.74 10.94
CA LYS A 105 5.54 6.49 10.23
C LYS A 105 5.39 6.77 8.72
N LEU A 106 4.76 7.90 8.41
CA LEU A 106 4.63 8.43 7.04
C LEU A 106 6.03 8.69 6.43
N GLU A 107 6.96 9.25 7.24
CA GLU A 107 8.35 9.54 6.81
C GLU A 107 9.06 8.25 6.36
N LEU A 108 8.91 7.19 7.17
CA LEU A 108 9.54 5.86 6.91
C LEU A 108 9.02 5.26 5.59
N LEU A 109 7.69 5.29 5.42
CA LEU A 109 7.02 4.77 4.21
C LEU A 109 7.44 5.55 2.95
N SER A 110 7.60 6.88 3.09
CA SER A 110 7.97 7.78 1.98
C SER A 110 9.44 7.60 1.57
N SER A 111 10.30 7.36 2.58
CA SER A 111 11.75 7.18 2.38
C SER A 111 12.04 5.87 1.64
N ASP A 112 11.30 4.80 2.02
CA ASP A 112 11.44 3.48 1.41
C ASP A 112 10.06 2.95 1.03
N GLY A 113 9.80 2.83 -0.29
CA GLY A 113 8.61 2.15 -0.79
C GLY A 113 8.64 0.64 -0.56
N MET A 114 9.83 0.12 -0.22
CA MET A 114 10.01 -1.26 0.22
C MET A 114 9.48 -1.44 1.67
N LEU A 115 9.52 -0.34 2.47
CA LEU A 115 8.90 -0.30 3.81
C LEU A 115 7.37 -0.21 3.71
N VAL A 116 6.86 0.15 2.52
CA VAL A 116 5.42 0.06 2.22
C VAL A 116 5.13 -1.36 1.68
N LYS A 117 3.87 -1.77 1.80
CA LYS A 117 3.36 -3.01 1.19
C LYS A 117 3.45 -2.89 -0.33
N ARG A 118 4.29 -3.73 -0.95
CA ARG A 118 4.48 -3.79 -2.40
C ARG A 118 3.14 -4.00 -3.15
N PRO A 119 2.26 -5.00 -2.75
CA PRO A 119 0.88 -5.05 -3.25
C PRO A 119 -0.03 -4.03 -2.51
N LEU A 120 -0.28 -2.90 -3.17
CA LEU A 120 -1.19 -1.86 -2.72
C LEU A 120 -1.93 -1.34 -3.96
N ALA A 121 -3.19 -0.95 -3.77
CA ALA A 121 -3.98 -0.30 -4.82
C ALA A 121 -4.78 0.82 -4.15
N VAL A 122 -4.37 2.07 -4.36
CA VAL A 122 -5.02 3.24 -3.74
C VAL A 122 -5.74 4.07 -4.79
N MET A 123 -6.81 4.73 -4.38
CA MET A 123 -7.60 5.63 -5.21
C MET A 123 -8.15 6.75 -4.30
N GLY A 124 -8.91 7.70 -4.89
CA GLY A 124 -9.47 8.84 -4.16
C GLY A 124 -10.15 8.50 -2.83
N ASP A 125 -11.17 7.63 -2.87
CA ASP A 125 -12.00 7.33 -1.67
C ASP A 125 -11.84 5.87 -1.21
N LYS A 126 -11.09 5.06 -1.97
CA LYS A 126 -10.95 3.59 -1.74
C LYS A 126 -9.47 3.12 -1.82
N ILE A 127 -9.18 1.99 -1.15
CA ILE A 127 -7.82 1.39 -1.09
C ILE A 127 -7.87 -0.10 -0.68
N THR A 128 -6.94 -0.92 -1.22
CA THR A 128 -6.77 -2.35 -0.86
C THR A 128 -5.29 -2.68 -0.64
N LEU A 129 -4.99 -3.39 0.46
CA LEU A 129 -3.63 -3.86 0.81
C LEU A 129 -3.55 -5.38 0.70
N GLY A 130 -2.48 -5.85 0.03
CA GLY A 130 -2.27 -7.28 -0.25
C GLY A 130 -3.25 -7.86 -1.27
N PHE A 131 -2.97 -9.08 -1.74
CA PHE A 131 -3.89 -9.82 -2.62
C PHE A 131 -4.95 -10.50 -1.75
N LYS A 132 -6.10 -9.84 -1.60
CA LYS A 132 -7.27 -10.40 -0.91
C LYS A 132 -8.52 -10.11 -1.75
N GLU A 133 -9.10 -11.17 -2.36
CA GLU A 133 -10.35 -11.09 -3.14
C GLU A 133 -11.47 -10.43 -2.31
N ASP A 134 -11.50 -10.79 -1.02
CA ASP A 134 -12.46 -10.26 -0.03
C ASP A 134 -12.43 -8.72 0.01
N GLN A 135 -11.22 -8.17 0.18
CA GLN A 135 -11.01 -6.71 0.20
C GLN A 135 -11.35 -6.08 -1.15
N TYR A 136 -10.91 -6.70 -2.26
CA TYR A 136 -11.11 -6.17 -3.63
C TYR A 136 -12.62 -6.03 -3.97
N LYS A 137 -13.43 -7.03 -3.59
CA LYS A 137 -14.88 -7.02 -3.86
C LYS A 137 -15.61 -6.09 -2.88
N GLU A 138 -15.10 -6.00 -1.65
CA GLU A 138 -15.70 -5.18 -0.57
C GLU A 138 -15.42 -3.68 -0.80
N THR A 139 -14.30 -3.38 -1.47
CA THR A 139 -13.81 -2.00 -1.67
C THR A 139 -14.16 -1.46 -3.07
N TRP A 140 -13.67 -2.13 -4.13
CA TRP A 140 -13.81 -1.65 -5.53
C TRP A 140 -15.17 -2.01 -6.11
N LEU A 141 -15.55 -3.28 -5.89
CA LEU A 141 -16.72 -3.92 -6.53
C LEU A 141 -17.97 -3.79 -5.63
N ALA A 142 -18.97 -4.68 -5.83
CA ALA A 142 -20.23 -4.67 -5.05
C ALA A 142 -20.83 -6.09 -5.03
N MET A 25 -7.63 6.66 -11.74
CA MET A 25 -7.97 5.24 -11.48
C MET A 25 -7.18 4.70 -10.28
N ILE A 26 -7.44 3.41 -9.95
CA ILE A 26 -6.79 2.72 -8.81
C ILE A 26 -5.26 2.78 -8.95
N LYS A 27 -4.61 3.56 -8.08
CA LYS A 27 -3.15 3.57 -7.96
C LYS A 27 -2.68 2.23 -7.36
N PHE A 28 -2.50 1.24 -8.24
CA PHE A 28 -2.08 -0.12 -7.87
C PHE A 28 -0.56 -0.17 -7.74
N TYR A 29 -0.07 0.02 -6.51
CA TYR A 29 1.36 -0.06 -6.22
C TYR A 29 1.78 -1.53 -6.05
N GLN A 30 2.91 -1.86 -6.66
CA GLN A 30 3.54 -3.19 -6.60
C GLN A 30 5.01 -3.04 -6.99
N TYR A 31 5.84 -4.05 -6.70
CA TYR A 31 7.22 -4.09 -7.20
C TYR A 31 7.57 -5.53 -7.54
N LYS A 32 7.47 -5.84 -8.86
CA LYS A 32 7.70 -7.18 -9.42
C LYS A 32 6.68 -8.17 -8.79
N ASN A 33 7.08 -9.45 -8.60
CA ASN A 33 6.24 -10.48 -7.94
C ASN A 33 4.97 -10.72 -8.79
N CYS A 34 5.15 -11.48 -9.89
CA CYS A 34 4.07 -11.79 -10.85
C CYS A 34 2.92 -12.57 -10.17
N THR A 35 3.27 -13.33 -9.11
CA THR A 35 2.34 -14.16 -8.33
C THR A 35 1.29 -13.28 -7.60
N THR A 36 1.67 -12.03 -7.26
CA THR A 36 0.77 -11.02 -6.67
C THR A 36 0.21 -10.09 -7.77
N CYS A 37 1.13 -9.38 -8.45
CA CYS A 37 0.84 -8.28 -9.38
C CYS A 37 -0.13 -8.72 -10.48
N LYS A 38 0.21 -9.79 -11.20
CA LYS A 38 -0.54 -10.24 -12.40
C LYS A 38 -1.92 -10.81 -12.03
N LYS A 39 -2.02 -11.44 -10.84
CA LYS A 39 -3.28 -12.05 -10.36
C LYS A 39 -4.29 -10.97 -9.94
N ALA A 40 -3.79 -9.97 -9.18
CA ALA A 40 -4.58 -8.80 -8.75
C ALA A 40 -5.01 -7.97 -9.97
N ALA A 41 -4.06 -7.81 -10.90
CA ALA A 41 -4.26 -7.09 -12.17
C ALA A 41 -5.35 -7.75 -13.02
N LYS A 42 -5.28 -9.09 -13.11
CA LYS A 42 -6.22 -9.91 -13.90
C LYS A 42 -7.63 -9.86 -13.30
N PHE A 43 -7.73 -9.87 -11.96
CA PHE A 43 -9.02 -9.89 -11.25
C PHE A 43 -9.79 -8.55 -11.48
N LEU A 44 -9.04 -7.44 -11.35
CA LEU A 44 -9.53 -6.08 -11.66
C LEU A 44 -9.96 -6.00 -13.14
N ASP A 45 -9.08 -6.48 -14.04
CA ASP A 45 -9.31 -6.49 -15.51
C ASP A 45 -10.47 -7.41 -15.91
N GLU A 46 -10.71 -8.46 -15.10
CA GLU A 46 -11.77 -9.45 -15.34
C GLU A 46 -13.15 -8.80 -15.15
N TYR A 47 -13.25 -7.97 -14.10
CA TYR A 47 -14.46 -7.15 -13.85
C TYR A 47 -14.45 -5.82 -14.66
N GLY A 48 -13.42 -5.63 -15.51
CA GLY A 48 -13.30 -4.44 -16.37
C GLY A 48 -12.80 -3.19 -15.64
N VAL A 49 -12.56 -3.33 -14.34
CA VAL A 49 -12.19 -2.24 -13.43
C VAL A 49 -10.72 -1.84 -13.63
N SER A 50 -10.50 -0.57 -14.01
CA SER A 50 -9.18 -0.06 -14.40
C SER A 50 -8.29 0.22 -13.18
N TYR A 51 -6.98 0.00 -13.38
CA TYR A 51 -5.95 0.16 -12.36
C TYR A 51 -4.68 0.77 -13.00
N GLU A 52 -3.74 1.21 -12.15
CA GLU A 52 -2.49 1.85 -12.57
C GLU A 52 -1.32 1.09 -11.91
N PRO A 53 -0.66 0.12 -12.64
CA PRO A 53 0.43 -0.69 -12.08
C PRO A 53 1.76 0.12 -11.99
N ILE A 54 1.91 0.85 -10.88
CA ILE A 54 3.09 1.70 -10.59
C ILE A 54 3.96 1.06 -9.50
N ASP A 55 5.28 1.22 -9.64
CA ASP A 55 6.28 0.65 -8.70
C ASP A 55 6.19 1.38 -7.35
N ILE A 56 6.03 0.61 -6.26
CA ILE A 56 5.89 1.17 -4.89
C ILE A 56 7.14 1.98 -4.45
N VAL A 57 8.35 1.53 -4.89
CA VAL A 57 9.62 2.16 -4.45
C VAL A 57 10.12 3.21 -5.46
N GLN A 58 9.83 3.00 -6.75
CA GLN A 58 10.27 3.91 -7.84
C GLN A 58 9.34 5.13 -7.90
N HIS A 59 8.05 4.89 -7.61
CA HIS A 59 6.97 5.90 -7.65
C HIS A 59 6.41 6.12 -6.23
N THR A 60 7.29 6.07 -5.19
CA THR A 60 6.86 6.22 -3.78
C THR A 60 6.17 7.60 -3.55
N PRO A 61 4.93 7.61 -2.97
CA PRO A 61 4.24 8.86 -2.58
C PRO A 61 5.05 9.66 -1.55
N THR A 62 4.87 11.00 -1.56
CA THR A 62 5.48 11.89 -0.55
C THR A 62 4.71 11.75 0.78
N ILE A 63 5.21 12.43 1.82
CA ILE A 63 4.55 12.48 3.14
C ILE A 63 3.16 13.13 2.99
N ASN A 64 3.09 14.13 2.08
CA ASN A 64 1.85 14.84 1.74
C ASN A 64 0.88 13.92 0.98
N GLU A 65 1.39 13.20 -0.04
CA GLU A 65 0.58 12.27 -0.88
C GLU A 65 0.00 11.12 -0.01
N PHE A 66 0.84 10.61 0.90
CA PHE A 66 0.45 9.56 1.86
C PHE A 66 -0.66 10.08 2.79
N LYS A 67 -0.42 11.19 3.53
CA LYS A 67 -1.41 11.73 4.51
C LYS A 67 -2.72 12.15 3.80
N THR A 68 -2.63 12.48 2.49
CA THR A 68 -3.80 12.73 1.65
C THR A 68 -4.63 11.43 1.53
N ILE A 69 -4.03 10.34 1.00
CA ILE A 69 -4.75 9.08 0.74
C ILE A 69 -5.27 8.43 2.04
N ILE A 70 -4.60 8.72 3.17
CA ILE A 70 -4.98 8.20 4.51
C ILE A 70 -6.16 8.99 5.08
N ALA A 71 -6.18 10.30 4.81
CA ALA A 71 -7.33 11.17 5.16
C ALA A 71 -8.56 10.84 4.28
N ASN A 72 -8.28 10.47 3.02
CA ASN A 72 -9.31 10.26 1.97
C ASN A 72 -9.96 8.87 2.09
N THR A 73 -9.17 7.84 2.41
CA THR A 73 -9.64 6.44 2.51
C THR A 73 -9.90 6.01 3.97
N GLY A 74 -9.26 6.73 4.92
CA GLY A 74 -9.36 6.42 6.35
C GLY A 74 -8.62 5.15 6.73
N VAL A 75 -7.49 4.89 6.05
CA VAL A 75 -6.69 3.66 6.24
C VAL A 75 -5.75 3.79 7.45
N GLU A 76 -5.38 2.66 8.07
CA GLU A 76 -4.33 2.61 9.08
C GLU A 76 -2.97 2.99 8.46
N ILE A 77 -2.30 3.96 9.06
CA ILE A 77 -0.99 4.45 8.59
C ILE A 77 0.08 3.36 8.89
N ASN A 78 -0.14 2.57 9.96
CA ASN A 78 0.79 1.52 10.40
C ASN A 78 0.70 0.27 9.48
N LYS A 79 -0.50 -0.02 8.92
CA LYS A 79 -0.67 -1.19 8.01
C LYS A 79 0.02 -0.95 6.65
N LEU A 80 0.38 0.32 6.35
CA LEU A 80 1.11 0.68 5.13
C LEU A 80 2.56 0.15 5.22
N PHE A 81 3.08 -0.01 6.45
CA PHE A 81 4.39 -0.65 6.70
C PHE A 81 4.35 -2.15 6.38
N ASN A 82 5.55 -2.73 6.20
CA ASN A 82 5.77 -4.19 5.96
C ASN A 82 5.01 -5.06 7.01
N THR A 83 4.98 -4.56 8.28
CA THR A 83 4.23 -5.14 9.42
C THR A 83 4.81 -6.51 9.87
N HIS A 84 4.67 -7.54 9.03
CA HIS A 84 5.27 -8.87 9.26
C HIS A 84 5.95 -9.35 7.98
N GLY A 85 7.28 -9.51 8.04
CA GLY A 85 8.07 -9.92 6.90
C GLY A 85 9.54 -10.04 7.26
N ALA A 86 10.40 -9.28 6.57
CA ALA A 86 11.86 -9.33 6.75
C ALA A 86 12.38 -8.07 7.48
N LYS A 87 12.19 -6.90 6.85
CA LYS A 87 12.83 -5.64 7.29
C LYS A 87 12.16 -5.02 8.53
N TYR A 88 10.82 -5.15 8.66
CA TYR A 88 10.07 -4.52 9.79
C TYR A 88 10.59 -5.02 11.16
N ARG A 89 11.06 -6.28 11.17
CA ARG A 89 11.57 -6.93 12.38
C ARG A 89 13.12 -6.82 12.44
N GLU A 90 13.76 -6.72 11.25
CA GLU A 90 15.21 -6.48 11.11
C GLU A 90 15.58 -5.13 11.76
N LEU A 91 14.75 -4.13 11.47
CA LEU A 91 14.91 -2.75 11.96
C LEU A 91 14.14 -2.54 13.28
N ASP A 92 13.33 -3.56 13.67
CA ASP A 92 12.43 -3.59 14.85
C ASP A 92 11.55 -2.32 14.96
N LEU A 93 11.04 -1.88 13.77
CA LEU A 93 10.30 -0.59 13.61
C LEU A 93 9.18 -0.41 14.63
N LYS A 94 8.50 -1.51 15.00
CA LYS A 94 7.37 -1.49 15.98
C LYS A 94 7.72 -0.68 17.26
N ASN A 95 8.96 -0.91 17.74
CA ASN A 95 9.52 -0.28 18.96
C ASN A 95 9.60 1.27 18.82
N LYS A 96 9.96 1.76 17.62
CA LYS A 96 10.06 3.22 17.38
C LYS A 96 8.70 3.81 16.97
N LEU A 97 7.86 3.03 16.26
CA LEU A 97 6.59 3.54 15.68
C LEU A 97 5.56 3.83 16.78
N GLN A 98 5.62 3.05 17.87
CA GLN A 98 4.72 3.23 19.03
C GLN A 98 5.05 4.54 19.82
N THR A 99 6.25 5.13 19.60
CA THR A 99 6.68 6.33 20.35
C THR A 99 6.73 7.59 19.45
N LEU A 100 7.06 7.45 18.14
CA LEU A 100 7.11 8.60 17.22
C LEU A 100 5.73 8.94 16.64
N SER A 101 5.64 10.13 16.03
CA SER A 101 4.42 10.68 15.42
C SER A 101 4.00 9.88 14.17
N ASP A 102 2.72 9.99 13.77
CA ASP A 102 2.22 9.38 12.53
C ASP A 102 2.86 10.05 11.30
N ASP A 103 3.31 11.31 11.46
CA ASP A 103 4.06 12.06 10.42
C ASP A 103 5.46 11.47 10.22
N GLU A 104 6.06 10.96 11.31
CA GLU A 104 7.39 10.34 11.28
C GLU A 104 7.30 8.92 10.68
N LYS A 105 6.13 8.28 10.87
CA LYS A 105 5.80 7.02 10.18
C LYS A 105 5.73 7.27 8.65
N LEU A 106 5.02 8.37 8.29
CA LEU A 106 4.88 8.84 6.89
C LEU A 106 6.26 9.09 6.24
N GLU A 107 7.20 9.66 7.05
CA GLU A 107 8.60 9.90 6.60
C GLU A 107 9.26 8.57 6.19
N LEU A 108 9.21 7.57 7.10
CA LEU A 108 9.82 6.23 6.88
C LEU A 108 9.30 5.57 5.57
N LEU A 109 7.98 5.67 5.37
CA LEU A 109 7.33 5.12 4.17
C LEU A 109 7.83 5.86 2.89
N SER A 110 7.92 7.20 2.98
CA SER A 110 8.38 8.06 1.86
C SER A 110 9.89 7.90 1.60
N SER A 111 10.63 7.46 2.64
CA SER A 111 12.08 7.25 2.56
C SER A 111 12.38 5.90 1.89
N ASP A 112 11.50 4.90 2.09
CA ASP A 112 11.71 3.56 1.55
C ASP A 112 10.36 2.94 1.12
N GLY A 113 10.18 2.76 -0.19
CA GLY A 113 8.99 2.12 -0.75
C GLY A 113 8.94 0.61 -0.51
N MET A 114 10.08 0.03 -0.07
CA MET A 114 10.13 -1.38 0.35
C MET A 114 9.64 -1.51 1.81
N LEU A 115 9.79 -0.41 2.59
CA LEU A 115 9.19 -0.29 3.93
C LEU A 115 7.67 -0.22 3.84
N VAL A 116 7.17 0.34 2.72
CA VAL A 116 5.74 0.28 2.38
C VAL A 116 5.43 -1.12 1.82
N LYS A 117 4.18 -1.57 1.97
CA LYS A 117 3.71 -2.83 1.39
C LYS A 117 3.78 -2.73 -0.15
N ARG A 118 4.58 -3.61 -0.78
CA ARG A 118 4.56 -3.79 -2.24
C ARG A 118 3.12 -4.07 -2.73
N PRO A 119 2.33 -5.05 -2.15
CA PRO A 119 0.91 -5.19 -2.49
C PRO A 119 0.07 -4.07 -1.82
N LEU A 120 -0.16 -2.98 -2.57
CA LEU A 120 -1.03 -1.88 -2.15
C LEU A 120 -1.79 -1.41 -3.38
N ALA A 121 -3.05 -1.04 -3.18
CA ALA A 121 -3.89 -0.44 -4.21
C ALA A 121 -4.72 0.63 -3.52
N VAL A 122 -4.68 1.86 -4.01
CA VAL A 122 -5.39 2.99 -3.39
C VAL A 122 -6.11 3.84 -4.45
N MET A 123 -7.21 4.47 -4.03
CA MET A 123 -7.98 5.42 -4.85
C MET A 123 -8.29 6.65 -3.96
N GLY A 124 -9.31 7.45 -4.31
CA GLY A 124 -9.66 8.65 -3.53
C GLY A 124 -10.59 8.38 -2.35
N ASP A 125 -11.19 7.18 -2.29
CA ASP A 125 -12.09 6.77 -1.19
C ASP A 125 -11.77 5.33 -0.74
N LYS A 126 -11.38 4.49 -1.71
CA LYS A 126 -11.17 3.05 -1.51
C LYS A 126 -9.67 2.70 -1.38
N ILE A 127 -9.33 1.61 -0.64
CA ILE A 127 -7.95 1.11 -0.51
C ILE A 127 -7.91 -0.38 -0.05
N THR A 128 -6.89 -1.13 -0.52
CA THR A 128 -6.62 -2.52 -0.12
C THR A 128 -5.10 -2.70 0.14
N LEU A 129 -4.74 -3.30 1.29
CA LEU A 129 -3.35 -3.71 1.59
C LEU A 129 -3.26 -5.25 1.59
N GLY A 130 -2.18 -5.76 0.97
CA GLY A 130 -1.97 -7.20 0.80
C GLY A 130 -2.78 -7.78 -0.37
N PHE A 131 -2.27 -8.86 -0.99
CA PHE A 131 -3.00 -9.59 -2.03
C PHE A 131 -4.18 -10.34 -1.39
N LYS A 132 -5.35 -9.71 -1.40
CA LYS A 132 -6.58 -10.27 -0.83
C LYS A 132 -7.72 -10.13 -1.84
N GLU A 133 -8.11 -11.26 -2.46
CA GLU A 133 -9.20 -11.31 -3.44
C GLU A 133 -10.54 -10.87 -2.83
N ASP A 134 -10.71 -11.13 -1.51
CA ASP A 134 -11.92 -10.73 -0.75
C ASP A 134 -12.03 -9.20 -0.70
N GLN A 135 -10.92 -8.56 -0.28
CA GLN A 135 -10.81 -7.11 -0.21
C GLN A 135 -10.96 -6.48 -1.60
N TYR A 136 -10.49 -7.15 -2.66
CA TYR A 136 -10.59 -6.60 -4.04
C TYR A 136 -12.06 -6.56 -4.50
N LYS A 137 -12.78 -7.68 -4.29
CA LYS A 137 -14.19 -7.79 -4.71
C LYS A 137 -15.13 -6.97 -3.81
N GLU A 138 -14.67 -6.63 -2.58
CA GLU A 138 -15.45 -5.84 -1.62
C GLU A 138 -15.26 -4.33 -1.86
N THR A 139 -13.98 -3.93 -2.00
CA THR A 139 -13.55 -2.52 -2.01
C THR A 139 -13.67 -1.89 -3.42
N TRP A 140 -13.10 -2.59 -4.42
CA TRP A 140 -12.99 -2.06 -5.80
C TRP A 140 -14.23 -2.43 -6.61
N LEU A 141 -14.43 -3.74 -6.76
CA LEU A 141 -15.40 -4.32 -7.69
C LEU A 141 -16.84 -4.10 -7.16
N ALA A 142 -17.17 -4.84 -6.08
CA ALA A 142 -18.42 -4.72 -5.32
C ALA A 142 -19.65 -5.11 -6.20
N MET A 25 -8.44 6.56 -12.05
CA MET A 25 -8.06 5.12 -11.99
C MET A 25 -7.46 4.77 -10.62
N ILE A 26 -7.47 3.47 -10.31
CA ILE A 26 -6.81 2.91 -9.11
C ILE A 26 -5.29 2.97 -9.27
N LYS A 27 -4.61 3.58 -8.32
CA LYS A 27 -3.14 3.51 -8.20
C LYS A 27 -2.77 2.15 -7.60
N PHE A 28 -2.55 1.18 -8.50
CA PHE A 28 -2.21 -0.20 -8.12
C PHE A 28 -0.68 -0.32 -7.91
N TYR A 29 -0.25 -0.15 -6.66
CA TYR A 29 1.16 -0.25 -6.30
C TYR A 29 1.56 -1.73 -6.14
N GLN A 30 2.75 -2.03 -6.68
CA GLN A 30 3.37 -3.37 -6.67
C GLN A 30 4.87 -3.19 -6.95
N TYR A 31 5.67 -4.24 -6.71
CA TYR A 31 7.12 -4.22 -7.02
C TYR A 31 7.71 -5.62 -6.89
N LYS A 32 8.12 -6.19 -8.05
CA LYS A 32 8.91 -7.44 -8.15
C LYS A 32 8.11 -8.70 -7.74
N ASN A 33 8.59 -9.87 -8.23
CA ASN A 33 8.00 -11.21 -7.99
C ASN A 33 6.62 -11.37 -8.69
N CYS A 34 6.29 -12.62 -9.04
CA CYS A 34 5.02 -12.96 -9.72
C CYS A 34 3.91 -13.22 -8.68
N THR A 35 2.76 -13.78 -9.16
CA THR A 35 1.62 -14.24 -8.33
C THR A 35 0.79 -13.06 -7.79
N THR A 36 1.33 -12.31 -6.81
CA THR A 36 0.61 -11.23 -6.12
C THR A 36 0.15 -10.14 -7.12
N CYS A 37 1.14 -9.54 -7.77
CA CYS A 37 0.94 -8.44 -8.75
C CYS A 37 0.13 -8.93 -9.96
N LYS A 38 0.51 -10.11 -10.48
CA LYS A 38 -0.04 -10.66 -11.73
C LYS A 38 -1.53 -11.05 -11.60
N LYS A 39 -1.88 -11.74 -10.50
CA LYS A 39 -3.26 -12.21 -10.27
C LYS A 39 -4.17 -11.04 -9.85
N ALA A 40 -3.64 -10.10 -9.03
CA ALA A 40 -4.39 -8.90 -8.61
C ALA A 40 -4.73 -8.02 -9.82
N ALA A 41 -3.73 -7.86 -10.71
CA ALA A 41 -3.88 -7.10 -11.97
C ALA A 41 -4.82 -7.84 -12.95
N LYS A 42 -4.74 -9.19 -12.94
CA LYS A 42 -5.61 -10.06 -13.77
C LYS A 42 -7.08 -9.96 -13.32
N PHE A 43 -7.29 -9.81 -12.01
CA PHE A 43 -8.63 -9.77 -11.38
C PHE A 43 -9.33 -8.44 -11.69
N LEU A 44 -8.56 -7.35 -11.52
CA LEU A 44 -8.97 -5.98 -11.88
C LEU A 44 -9.26 -5.91 -13.39
N ASP A 45 -8.36 -6.49 -14.21
CA ASP A 45 -8.52 -6.58 -15.68
C ASP A 45 -9.73 -7.44 -16.07
N GLU A 46 -9.99 -8.50 -15.28
CA GLU A 46 -11.05 -9.49 -15.54
C GLU A 46 -12.43 -8.82 -15.47
N TYR A 47 -12.62 -8.01 -14.42
CA TYR A 47 -13.86 -7.25 -14.18
C TYR A 47 -13.88 -5.90 -14.94
N GLY A 48 -12.83 -5.63 -15.75
CA GLY A 48 -12.79 -4.44 -16.61
C GLY A 48 -12.68 -3.14 -15.82
N VAL A 49 -11.81 -3.15 -14.81
CA VAL A 49 -11.56 -2.02 -13.90
C VAL A 49 -10.26 -1.30 -14.27
N SER A 50 -10.31 0.05 -14.32
CA SER A 50 -9.13 0.88 -14.59
C SER A 50 -8.17 0.89 -13.38
N TYR A 51 -6.97 0.35 -13.58
CA TYR A 51 -5.89 0.37 -12.56
C TYR A 51 -4.59 0.86 -13.20
N GLU A 52 -3.61 1.19 -12.36
CA GLU A 52 -2.31 1.75 -12.80
C GLU A 52 -1.20 0.95 -12.10
N PRO A 53 -0.53 -0.03 -12.81
CA PRO A 53 0.58 -0.83 -12.25
C PRO A 53 1.88 0.01 -12.11
N ILE A 54 2.08 0.58 -10.92
CA ILE A 54 3.21 1.45 -10.59
C ILE A 54 4.04 0.84 -9.45
N ASP A 55 5.36 1.10 -9.47
CA ASP A 55 6.30 0.57 -8.48
C ASP A 55 6.14 1.28 -7.14
N ILE A 56 6.05 0.50 -6.04
CA ILE A 56 5.86 1.04 -4.67
C ILE A 56 7.09 1.86 -4.21
N VAL A 57 8.32 1.39 -4.54
CA VAL A 57 9.57 2.01 -4.04
C VAL A 57 10.22 2.94 -5.09
N GLN A 58 10.10 2.59 -6.37
CA GLN A 58 10.65 3.41 -7.48
C GLN A 58 9.78 4.68 -7.62
N HIS A 59 8.45 4.50 -7.48
CA HIS A 59 7.46 5.58 -7.54
C HIS A 59 6.67 5.64 -6.22
N THR A 60 7.38 6.04 -5.14
CA THR A 60 6.79 6.14 -3.79
C THR A 60 6.03 7.48 -3.64
N PRO A 61 4.77 7.46 -3.07
CA PRO A 61 4.09 8.71 -2.65
C PRO A 61 4.90 9.47 -1.58
N THR A 62 4.78 10.81 -1.57
CA THR A 62 5.43 11.68 -0.58
C THR A 62 4.66 11.66 0.75
N ILE A 63 5.17 12.39 1.76
CA ILE A 63 4.57 12.46 3.10
C ILE A 63 3.14 13.05 3.02
N ASN A 64 2.99 14.09 2.15
CA ASN A 64 1.67 14.69 1.83
C ASN A 64 0.74 13.64 1.19
N GLU A 65 1.22 12.99 0.10
CA GLU A 65 0.40 12.05 -0.71
C GLU A 65 -0.10 10.86 0.15
N PHE A 66 0.76 10.38 1.06
CA PHE A 66 0.41 9.32 2.01
C PHE A 66 -0.68 9.81 2.97
N LYS A 67 -0.43 10.90 3.73
CA LYS A 67 -1.43 11.40 4.73
C LYS A 67 -2.75 11.82 4.07
N THR A 68 -2.68 12.17 2.77
CA THR A 68 -3.87 12.51 1.96
C THR A 68 -4.74 11.28 1.71
N ILE A 69 -4.14 10.20 1.14
CA ILE A 69 -4.89 8.97 0.80
C ILE A 69 -5.45 8.31 2.07
N ILE A 70 -4.73 8.47 3.19
CA ILE A 70 -5.14 7.96 4.51
C ILE A 70 -6.32 8.76 5.08
N ALA A 71 -6.28 10.09 4.90
CA ALA A 71 -7.35 11.00 5.36
C ALA A 71 -8.65 10.80 4.55
N ASN A 72 -8.50 10.47 3.25
CA ASN A 72 -9.61 10.34 2.29
C ASN A 72 -10.29 8.96 2.40
N THR A 73 -9.48 7.88 2.40
CA THR A 73 -9.99 6.50 2.42
C THR A 73 -10.35 6.07 3.85
N GLY A 74 -9.46 6.38 4.80
CA GLY A 74 -9.61 5.97 6.19
C GLY A 74 -8.86 4.69 6.50
N VAL A 75 -7.68 4.53 5.87
CA VAL A 75 -6.81 3.35 6.08
C VAL A 75 -5.90 3.56 7.29
N GLU A 76 -5.57 2.48 8.01
CA GLU A 76 -4.59 2.49 9.09
C GLU A 76 -3.18 2.77 8.51
N ILE A 77 -2.48 3.73 9.13
CA ILE A 77 -1.15 4.15 8.70
C ILE A 77 -0.09 3.07 9.12
N ASN A 78 -0.36 2.37 10.23
CA ASN A 78 0.55 1.34 10.79
C ASN A 78 0.53 0.04 9.97
N LYS A 79 -0.64 -0.30 9.35
CA LYS A 79 -0.76 -1.51 8.51
C LYS A 79 0.00 -1.35 7.17
N LEU A 80 0.26 -0.07 6.78
CA LEU A 80 0.97 0.25 5.52
C LEU A 80 2.44 -0.16 5.57
N PHE A 81 2.98 -0.36 6.80
CA PHE A 81 4.37 -0.82 6.98
C PHE A 81 4.56 -2.26 6.52
N ASN A 82 5.67 -2.45 5.78
CA ASN A 82 6.29 -3.75 5.47
C ASN A 82 6.36 -4.59 6.76
N THR A 83 5.64 -5.70 6.77
CA THR A 83 5.38 -6.50 7.99
C THR A 83 6.58 -7.46 8.30
N HIS A 84 6.45 -8.30 9.37
CA HIS A 84 7.44 -9.36 9.73
C HIS A 84 7.68 -10.34 8.54
N GLY A 85 8.76 -11.13 8.64
CA GLY A 85 9.20 -11.98 7.52
C GLY A 85 9.85 -11.14 6.41
N ALA A 86 10.37 -9.98 6.84
CA ALA A 86 10.92 -8.94 5.97
C ALA A 86 11.77 -7.96 6.84
N LYS A 87 12.04 -6.74 6.33
CA LYS A 87 13.00 -5.80 6.97
C LYS A 87 12.51 -5.25 8.34
N TYR A 88 11.19 -5.24 8.57
CA TYR A 88 10.55 -4.57 9.73
C TYR A 88 11.24 -4.87 11.08
N ARG A 89 11.52 -6.17 11.34
CA ARG A 89 12.08 -6.62 12.64
C ARG A 89 13.62 -6.63 12.61
N GLU A 90 14.18 -6.72 11.38
CA GLU A 90 15.64 -6.60 11.14
C GLU A 90 16.12 -5.21 11.62
N LEU A 91 15.34 -4.19 11.26
CA LEU A 91 15.52 -2.80 11.66
C LEU A 91 15.02 -2.60 13.10
N ASP A 92 13.93 -3.35 13.42
CA ASP A 92 13.13 -3.18 14.64
C ASP A 92 12.56 -1.76 14.68
N LEU A 93 11.83 -1.41 13.60
CA LEU A 93 11.14 -0.13 13.49
C LEU A 93 10.07 -0.01 14.58
N LYS A 94 9.48 -1.14 14.99
CA LYS A 94 8.43 -1.19 16.04
C LYS A 94 8.82 -0.35 17.28
N ASN A 95 10.10 -0.47 17.69
CA ASN A 95 10.63 0.25 18.88
C ASN A 95 10.54 1.79 18.70
N LYS A 96 10.89 2.29 17.51
CA LYS A 96 10.77 3.74 17.23
C LYS A 96 9.29 4.12 16.97
N LEU A 97 8.51 3.22 16.33
CA LEU A 97 7.13 3.52 15.87
C LEU A 97 6.15 3.72 17.04
N GLN A 98 6.43 3.04 18.15
CA GLN A 98 5.61 3.12 19.38
C GLN A 98 5.90 4.41 20.19
N THR A 99 6.93 5.18 19.81
CA THR A 99 7.32 6.41 20.54
C THR A 99 7.31 7.68 19.64
N LEU A 100 7.44 7.53 18.30
CA LEU A 100 7.45 8.69 17.37
C LEU A 100 6.03 9.20 17.05
N SER A 101 5.97 10.24 16.21
CA SER A 101 4.70 10.77 15.66
C SER A 101 4.25 9.94 14.46
N ASP A 102 2.94 9.78 14.24
CA ASP A 102 2.39 9.09 13.05
C ASP A 102 2.81 9.80 11.75
N ASP A 103 3.23 11.08 11.87
CA ASP A 103 3.89 11.83 10.79
C ASP A 103 5.24 11.20 10.41
N GLU A 104 6.05 10.85 11.44
CA GLU A 104 7.38 10.21 11.25
C GLU A 104 7.23 8.80 10.65
N LYS A 105 6.08 8.13 10.93
CA LYS A 105 5.70 6.88 10.26
C LYS A 105 5.59 7.11 8.73
N LEU A 106 4.86 8.19 8.37
CA LEU A 106 4.66 8.61 6.97
C LEU A 106 6.01 8.89 6.28
N GLU A 107 6.94 9.54 7.02
CA GLU A 107 8.27 9.90 6.52
C GLU A 107 9.07 8.65 6.12
N LEU A 108 9.03 7.61 6.98
CA LEU A 108 9.69 6.31 6.72
C LEU A 108 9.11 5.64 5.46
N LEU A 109 7.76 5.65 5.36
CA LEU A 109 7.03 5.08 4.21
C LEU A 109 7.40 5.81 2.90
N SER A 110 7.59 7.15 3.01
CA SER A 110 7.92 8.01 1.86
C SER A 110 9.40 7.87 1.44
N SER A 111 10.25 7.55 2.44
CA SER A 111 11.70 7.33 2.22
C SER A 111 11.92 6.06 1.39
N ASP A 112 11.18 4.99 1.74
CA ASP A 112 11.24 3.70 1.03
C ASP A 112 9.84 3.12 0.86
N GLY A 113 9.44 2.85 -0.40
CA GLY A 113 8.27 2.02 -0.67
C GLY A 113 8.50 0.55 -0.29
N MET A 114 9.78 0.20 -0.04
CA MET A 114 10.14 -1.08 0.58
C MET A 114 9.67 -1.14 2.04
N LEU A 115 9.63 0.03 2.72
CA LEU A 115 9.05 0.17 4.08
C LEU A 115 7.53 0.21 4.05
N VAL A 116 6.95 0.32 2.84
CA VAL A 116 5.50 0.17 2.61
C VAL A 116 5.23 -1.26 2.11
N LYS A 117 3.97 -1.69 2.21
CA LYS A 117 3.48 -2.92 1.59
C LYS A 117 3.57 -2.79 0.05
N ARG A 118 4.31 -3.70 -0.60
CA ARG A 118 4.38 -3.76 -2.08
C ARG A 118 2.96 -3.94 -2.68
N PRO A 119 2.12 -4.97 -2.24
CA PRO A 119 0.73 -5.07 -2.71
C PRO A 119 -0.19 -4.03 -2.02
N LEU A 120 -0.49 -2.96 -2.75
CA LEU A 120 -1.44 -1.92 -2.34
C LEU A 120 -2.18 -1.44 -3.59
N ALA A 121 -3.44 -1.06 -3.41
CA ALA A 121 -4.26 -0.49 -4.47
C ALA A 121 -5.14 0.58 -3.82
N VAL A 122 -5.01 1.83 -4.27
CA VAL A 122 -5.73 2.99 -3.67
C VAL A 122 -6.36 3.84 -4.79
N MET A 123 -7.45 4.53 -4.46
CA MET A 123 -8.14 5.46 -5.36
C MET A 123 -8.39 6.77 -4.55
N GLY A 124 -9.53 7.47 -4.77
CA GLY A 124 -9.87 8.66 -3.98
C GLY A 124 -10.18 8.33 -2.51
N ASP A 125 -11.38 7.77 -2.26
CA ASP A 125 -11.85 7.43 -0.91
C ASP A 125 -11.94 5.89 -0.70
N LYS A 126 -11.36 5.13 -1.65
CA LYS A 126 -11.34 3.64 -1.62
C LYS A 126 -9.90 3.12 -1.58
N ILE A 127 -9.66 1.97 -0.89
CA ILE A 127 -8.30 1.37 -0.78
C ILE A 127 -8.40 -0.14 -0.38
N THR A 128 -7.39 -0.92 -0.80
CA THR A 128 -7.22 -2.34 -0.44
C THR A 128 -5.72 -2.61 -0.19
N LEU A 129 -5.40 -3.29 0.93
CA LEU A 129 -4.02 -3.71 1.26
C LEU A 129 -3.88 -5.23 1.10
N GLY A 130 -2.77 -5.65 0.45
CA GLY A 130 -2.48 -7.06 0.22
C GLY A 130 -3.32 -7.66 -0.91
N PHE A 131 -2.85 -8.80 -1.46
CA PHE A 131 -3.63 -9.60 -2.41
C PHE A 131 -4.71 -10.37 -1.62
N LYS A 132 -5.87 -9.71 -1.47
CA LYS A 132 -7.08 -10.30 -0.88
C LYS A 132 -8.23 -10.07 -1.86
N GLU A 133 -8.68 -11.15 -2.53
CA GLU A 133 -9.81 -11.10 -3.47
C GLU A 133 -11.07 -10.58 -2.78
N ASP A 134 -11.20 -10.89 -1.48
CA ASP A 134 -12.30 -10.41 -0.62
C ASP A 134 -12.40 -8.87 -0.63
N GLN A 135 -11.29 -8.22 -0.25
CA GLN A 135 -11.18 -6.75 -0.20
C GLN A 135 -11.40 -6.13 -1.58
N TYR A 136 -10.94 -6.83 -2.65
CA TYR A 136 -11.06 -6.35 -4.03
C TYR A 136 -12.53 -6.32 -4.49
N LYS A 137 -13.27 -7.45 -4.31
CA LYS A 137 -14.69 -7.54 -4.72
C LYS A 137 -15.61 -6.68 -3.85
N GLU A 138 -15.16 -6.38 -2.64
CA GLU A 138 -15.93 -5.58 -1.67
C GLU A 138 -15.78 -4.07 -1.95
N THR A 139 -14.52 -3.64 -2.15
CA THR A 139 -14.17 -2.20 -2.24
C THR A 139 -14.31 -1.67 -3.68
N TRP A 140 -13.72 -2.40 -4.65
CA TRP A 140 -13.67 -1.96 -6.06
C TRP A 140 -14.95 -2.37 -6.81
N LEU A 141 -15.38 -3.62 -6.57
CA LEU A 141 -16.45 -4.28 -7.36
C LEU A 141 -17.79 -4.30 -6.60
N ALA A 142 -18.78 -5.00 -7.21
CA ALA A 142 -20.16 -5.16 -6.70
C ALA A 142 -20.97 -3.85 -6.87
N MET A 25 -6.53 6.79 -12.54
CA MET A 25 -7.58 5.86 -12.07
C MET A 25 -7.17 5.25 -10.70
N ILE A 26 -7.72 4.05 -10.35
CA ILE A 26 -7.35 3.33 -9.11
C ILE A 26 -5.83 3.08 -9.08
N LYS A 27 -5.15 3.83 -8.21
CA LYS A 27 -3.70 3.82 -8.08
C LYS A 27 -3.20 2.47 -7.54
N PHE A 28 -2.91 1.56 -8.48
CA PHE A 28 -2.45 0.21 -8.16
C PHE A 28 -0.92 0.22 -8.00
N TYR A 29 -0.47 0.32 -6.75
CA TYR A 29 0.96 0.26 -6.42
C TYR A 29 1.41 -1.21 -6.40
N GLN A 30 2.53 -1.49 -7.07
CA GLN A 30 3.15 -2.83 -7.07
C GLN A 30 4.64 -2.72 -7.36
N TYR A 31 5.36 -3.85 -7.36
CA TYR A 31 6.78 -3.88 -7.73
C TYR A 31 7.24 -5.31 -8.04
N LYS A 32 7.68 -5.51 -9.30
CA LYS A 32 8.36 -6.74 -9.79
C LYS A 32 7.42 -7.98 -9.88
N ASN A 33 7.76 -8.89 -10.80
CA ASN A 33 7.08 -10.19 -10.98
C ASN A 33 7.33 -11.12 -9.76
N CYS A 34 6.58 -12.23 -9.69
CA CYS A 34 6.51 -13.17 -8.52
C CYS A 34 5.61 -12.60 -7.40
N THR A 35 5.72 -11.28 -7.15
CA THR A 35 4.90 -10.53 -6.17
C THR A 35 3.38 -10.59 -6.54
N THR A 36 2.52 -10.20 -5.57
CA THR A 36 1.06 -10.01 -5.77
C THR A 36 0.74 -9.07 -6.97
N CYS A 37 1.74 -8.28 -7.40
CA CYS A 37 1.75 -7.51 -8.66
C CYS A 37 0.97 -8.22 -9.79
N LYS A 38 1.32 -9.50 -10.00
CA LYS A 38 0.77 -10.32 -11.09
C LYS A 38 -0.70 -10.70 -10.82
N LYS A 39 -0.94 -11.25 -9.62
CA LYS A 39 -2.25 -11.80 -9.20
C LYS A 39 -3.33 -10.71 -9.13
N ALA A 40 -3.00 -9.61 -8.46
CA ALA A 40 -3.89 -8.46 -8.28
C ALA A 40 -4.14 -7.72 -9.60
N ALA A 41 -3.09 -7.55 -10.44
CA ALA A 41 -3.25 -6.91 -11.77
C ALA A 41 -4.19 -7.72 -12.68
N LYS A 42 -4.03 -9.06 -12.63
CA LYS A 42 -4.87 -9.99 -13.41
C LYS A 42 -6.31 -10.03 -12.88
N PHE A 43 -6.47 -9.91 -11.55
CA PHE A 43 -7.81 -9.91 -10.90
C PHE A 43 -8.63 -8.68 -11.37
N LEU A 44 -7.99 -7.52 -11.30
CA LEU A 44 -8.58 -6.24 -11.69
C LEU A 44 -8.83 -6.18 -13.21
N ASP A 45 -7.89 -6.73 -14.01
CA ASP A 45 -8.03 -6.81 -15.49
C ASP A 45 -9.15 -7.78 -15.91
N GLU A 46 -9.32 -8.85 -15.11
CA GLU A 46 -10.37 -9.89 -15.31
C GLU A 46 -11.77 -9.28 -15.14
N TYR A 47 -11.92 -8.46 -14.09
CA TYR A 47 -13.18 -7.76 -13.79
C TYR A 47 -13.35 -6.44 -14.61
N GLY A 48 -12.33 -6.08 -15.42
CA GLY A 48 -12.39 -4.89 -16.27
C GLY A 48 -12.26 -3.56 -15.51
N VAL A 49 -11.70 -3.66 -14.31
CA VAL A 49 -11.42 -2.52 -13.42
C VAL A 49 -10.35 -1.60 -14.04
N SER A 50 -10.59 -0.28 -14.01
CA SER A 50 -9.57 0.71 -14.35
C SER A 50 -8.59 0.85 -13.18
N TYR A 51 -7.50 0.08 -13.25
CA TYR A 51 -6.39 0.17 -12.28
C TYR A 51 -5.18 0.80 -12.99
N GLU A 52 -4.25 1.32 -12.18
CA GLU A 52 -3.10 2.11 -12.67
C GLU A 52 -1.81 1.45 -12.18
N PRO A 53 -1.13 0.59 -13.02
CA PRO A 53 0.18 0.00 -12.67
C PRO A 53 1.27 1.06 -12.46
N ILE A 54 1.50 1.45 -11.20
CA ILE A 54 2.55 2.40 -10.80
C ILE A 54 3.36 1.79 -9.65
N ASP A 55 4.70 1.93 -9.71
CA ASP A 55 5.61 1.23 -8.76
C ASP A 55 5.58 1.87 -7.37
N ILE A 56 5.74 1.03 -6.34
CA ILE A 56 5.71 1.46 -4.95
C ILE A 56 7.04 2.13 -4.54
N VAL A 57 8.19 1.69 -5.12
CA VAL A 57 9.53 2.23 -4.77
C VAL A 57 10.14 3.09 -5.91
N GLN A 58 9.88 2.71 -7.17
CA GLN A 58 10.38 3.46 -8.35
C GLN A 58 9.61 4.79 -8.46
N HIS A 59 8.34 4.74 -8.02
CA HIS A 59 7.45 5.91 -7.91
C HIS A 59 6.92 5.97 -6.46
N THR A 60 7.82 6.12 -5.47
CA THR A 60 7.43 6.20 -4.06
C THR A 60 6.64 7.50 -3.80
N PRO A 61 5.40 7.44 -3.22
CA PRO A 61 4.66 8.63 -2.81
C PRO A 61 5.33 9.28 -1.57
N THR A 62 5.28 10.61 -1.50
CA THR A 62 5.89 11.37 -0.38
C THR A 62 4.94 11.41 0.84
N ILE A 63 5.43 12.04 1.93
CA ILE A 63 4.71 12.21 3.21
C ILE A 63 3.30 12.81 2.98
N ASN A 64 3.25 13.83 2.10
CA ASN A 64 2.02 14.56 1.75
C ASN A 64 1.06 13.68 0.92
N GLU A 65 1.60 12.96 -0.08
CA GLU A 65 0.82 12.02 -0.93
C GLU A 65 0.15 10.92 -0.08
N PHE A 66 0.94 10.35 0.85
CA PHE A 66 0.48 9.34 1.80
C PHE A 66 -0.65 9.90 2.69
N LYS A 67 -0.38 10.97 3.45
CA LYS A 67 -1.37 11.53 4.41
C LYS A 67 -2.66 12.01 3.70
N THR A 68 -2.53 12.31 2.38
CA THR A 68 -3.69 12.59 1.52
C THR A 68 -4.56 11.33 1.42
N ILE A 69 -3.97 10.21 0.91
CA ILE A 69 -4.75 8.96 0.70
C ILE A 69 -5.24 8.36 2.04
N ILE A 70 -4.51 8.64 3.14
CA ILE A 70 -4.82 8.12 4.49
C ILE A 70 -5.95 8.95 5.14
N ALA A 71 -6.01 10.25 4.82
CA ALA A 71 -7.13 11.12 5.25
C ALA A 71 -8.43 10.76 4.51
N ASN A 72 -8.32 10.58 3.18
CA ASN A 72 -9.47 10.34 2.29
C ASN A 72 -10.06 8.92 2.49
N THR A 73 -9.20 7.88 2.61
CA THR A 73 -9.65 6.48 2.79
C THR A 73 -9.91 6.16 4.27
N GLY A 74 -9.11 6.78 5.16
CA GLY A 74 -9.13 6.50 6.58
C GLY A 74 -8.34 5.22 6.92
N VAL A 75 -7.36 4.87 6.05
CA VAL A 75 -6.60 3.60 6.19
C VAL A 75 -5.60 3.70 7.34
N GLU A 76 -5.32 2.56 8.01
CA GLU A 76 -4.29 2.47 9.02
C GLU A 76 -2.91 2.70 8.39
N ILE A 77 -2.22 3.74 8.85
CA ILE A 77 -0.87 4.09 8.39
C ILE A 77 0.12 2.96 8.81
N ASN A 78 -0.23 2.26 9.91
CA ASN A 78 0.55 1.13 10.45
C ASN A 78 0.53 -0.09 9.49
N LYS A 79 -0.66 -0.38 8.89
CA LYS A 79 -0.80 -1.57 8.00
C LYS A 79 -0.12 -1.35 6.63
N LEU A 80 0.19 -0.08 6.30
CA LEU A 80 0.90 0.27 5.04
C LEU A 80 2.32 -0.30 5.04
N PHE A 81 2.91 -0.38 6.26
CA PHE A 81 4.24 -0.99 6.47
C PHE A 81 4.28 -2.46 6.04
N ASN A 82 5.50 -2.96 5.76
CA ASN A 82 5.74 -4.33 5.28
C ASN A 82 5.59 -5.33 6.45
N THR A 83 4.33 -5.52 6.87
CA THR A 83 3.95 -6.33 8.04
C THR A 83 4.09 -7.85 7.76
N HIS A 84 3.64 -8.68 8.74
CA HIS A 84 3.87 -10.16 8.74
C HIS A 84 5.37 -10.45 8.89
N GLY A 85 6.02 -9.68 9.76
CA GLY A 85 7.45 -9.78 10.00
C GLY A 85 8.23 -8.99 8.96
N ALA A 86 9.07 -9.70 8.16
CA ALA A 86 9.85 -9.09 7.05
C ALA A 86 10.81 -7.98 7.59
N LYS A 87 11.03 -6.91 6.81
CA LYS A 87 11.86 -5.76 7.24
C LYS A 87 11.27 -5.01 8.45
N TYR A 88 9.96 -5.14 8.65
CA TYR A 88 9.23 -4.49 9.77
C TYR A 88 9.73 -5.01 11.13
N ARG A 89 10.20 -6.28 11.16
CA ARG A 89 10.75 -6.92 12.39
C ARG A 89 12.28 -6.93 12.34
N GLU A 90 12.82 -6.95 11.10
CA GLU A 90 14.28 -6.97 10.84
C GLU A 90 14.92 -5.70 11.40
N LEU A 91 14.29 -4.57 11.05
CA LEU A 91 14.65 -3.23 11.56
C LEU A 91 14.00 -3.02 12.94
N ASP A 92 12.87 -3.73 13.15
CA ASP A 92 12.03 -3.65 14.35
C ASP A 92 11.47 -2.22 14.51
N LEU A 93 10.82 -1.74 13.43
CA LEU A 93 10.26 -0.39 13.39
C LEU A 93 9.15 -0.20 14.43
N LYS A 94 8.40 -1.28 14.74
CA LYS A 94 7.24 -1.22 15.68
C LYS A 94 7.60 -0.51 17.00
N ASN A 95 8.80 -0.87 17.52
CA ASN A 95 9.35 -0.36 18.79
C ASN A 95 9.44 1.17 18.79
N LYS A 96 9.83 1.76 17.63
CA LYS A 96 9.94 3.23 17.49
C LYS A 96 8.58 3.82 17.08
N LEU A 97 7.77 3.07 16.29
CA LEU A 97 6.51 3.60 15.68
C LEU A 97 5.49 3.99 16.75
N GLN A 98 5.38 3.16 17.80
CA GLN A 98 4.41 3.37 18.89
C GLN A 98 4.77 4.57 19.81
N THR A 99 6.00 5.14 19.67
CA THR A 99 6.45 6.31 20.47
C THR A 99 6.62 7.56 19.60
N LEU A 100 6.85 7.40 18.27
CA LEU A 100 7.00 8.58 17.36
C LEU A 100 5.63 9.05 16.80
N SER A 101 5.65 10.17 16.03
CA SER A 101 4.45 10.74 15.40
C SER A 101 4.15 10.01 14.08
N ASP A 102 2.88 10.04 13.64
CA ASP A 102 2.45 9.36 12.41
C ASP A 102 3.12 9.97 11.16
N ASP A 103 3.56 11.24 11.29
CA ASP A 103 4.38 11.94 10.26
C ASP A 103 5.72 11.23 10.02
N GLU A 104 6.31 10.70 11.10
CA GLU A 104 7.60 10.01 11.05
C GLU A 104 7.45 8.60 10.47
N LYS A 105 6.28 7.98 10.72
CA LYS A 105 5.88 6.73 10.05
C LYS A 105 5.82 6.95 8.51
N LEU A 106 5.18 8.08 8.13
CA LEU A 106 5.06 8.52 6.72
C LEU A 106 6.45 8.70 6.08
N GLU A 107 7.39 9.31 6.84
CA GLU A 107 8.79 9.52 6.39
C GLU A 107 9.45 8.19 6.01
N LEU A 108 9.34 7.19 6.91
CA LEU A 108 9.94 5.85 6.71
C LEU A 108 9.40 5.16 5.42
N LEU A 109 8.08 5.28 5.23
CA LEU A 109 7.40 4.76 4.02
C LEU A 109 7.83 5.54 2.74
N SER A 110 8.05 6.85 2.87
CA SER A 110 8.42 7.74 1.76
C SER A 110 9.91 7.62 1.39
N SER A 111 10.71 7.15 2.37
CA SER A 111 12.16 6.92 2.20
C SER A 111 12.39 5.58 1.48
N ASP A 112 11.57 4.57 1.84
CA ASP A 112 11.63 3.23 1.25
C ASP A 112 10.23 2.77 0.86
N GLY A 113 9.95 2.70 -0.45
CA GLY A 113 8.72 2.08 -0.96
C GLY A 113 8.67 0.57 -0.70
N MET A 114 9.83 -0.01 -0.35
CA MET A 114 9.94 -1.41 0.08
C MET A 114 9.45 -1.57 1.53
N LEU A 115 9.58 -0.50 2.34
CA LEU A 115 9.02 -0.45 3.70
C LEU A 115 7.49 -0.37 3.65
N VAL A 116 6.96 0.12 2.53
CA VAL A 116 5.53 0.00 2.23
C VAL A 116 5.33 -1.37 1.57
N LYS A 117 4.17 -1.98 1.75
CA LYS A 117 3.85 -3.23 1.06
C LYS A 117 3.66 -2.95 -0.43
N ARG A 118 4.42 -3.71 -1.24
CA ARG A 118 4.33 -3.69 -2.70
C ARG A 118 2.87 -3.91 -3.18
N PRO A 119 2.07 -4.89 -2.62
CA PRO A 119 0.64 -4.99 -2.94
C PRO A 119 -0.18 -3.87 -2.25
N LEU A 120 -0.51 -2.82 -3.02
CA LEU A 120 -1.42 -1.76 -2.58
C LEU A 120 -2.23 -1.29 -3.80
N ALA A 121 -3.49 -0.91 -3.57
CA ALA A 121 -4.33 -0.25 -4.56
C ALA A 121 -5.18 0.76 -3.80
N VAL A 122 -5.18 2.03 -4.22
CA VAL A 122 -5.89 3.11 -3.52
C VAL A 122 -6.66 3.99 -4.53
N MET A 123 -7.71 4.65 -4.03
CA MET A 123 -8.54 5.60 -4.79
C MET A 123 -8.84 6.79 -3.84
N GLY A 124 -10.06 7.38 -3.92
CA GLY A 124 -10.48 8.42 -2.97
C GLY A 124 -10.72 7.88 -1.56
N ASP A 125 -11.92 7.34 -1.30
CA ASP A 125 -12.29 6.76 0.03
C ASP A 125 -12.01 5.24 0.08
N LYS A 126 -11.57 4.69 -1.06
CA LYS A 126 -11.38 3.23 -1.25
C LYS A 126 -9.88 2.86 -1.21
N ILE A 127 -9.53 1.70 -0.60
CA ILE A 127 -8.14 1.17 -0.57
C ILE A 127 -8.10 -0.33 -0.19
N THR A 128 -7.06 -1.05 -0.66
CA THR A 128 -6.78 -2.46 -0.31
C THR A 128 -5.25 -2.66 -0.14
N LEU A 129 -4.86 -3.43 0.90
CA LEU A 129 -3.44 -3.81 1.17
C LEU A 129 -3.30 -5.34 1.16
N GLY A 130 -2.24 -5.83 0.48
CA GLY A 130 -1.99 -7.28 0.34
C GLY A 130 -2.92 -7.97 -0.65
N PHE A 131 -2.66 -9.26 -0.93
CA PHE A 131 -3.55 -10.07 -1.78
C PHE A 131 -4.79 -10.45 -0.98
N LYS A 132 -5.80 -9.60 -1.06
CA LYS A 132 -7.06 -9.76 -0.34
C LYS A 132 -8.20 -9.77 -1.34
N GLU A 133 -8.52 -10.96 -1.89
CA GLU A 133 -9.63 -11.15 -2.85
C GLU A 133 -10.95 -10.63 -2.28
N ASP A 134 -11.17 -10.93 -0.98
CA ASP A 134 -12.35 -10.45 -0.23
C ASP A 134 -12.41 -8.92 -0.23
N GLN A 135 -11.30 -8.27 0.18
CA GLN A 135 -11.22 -6.81 0.24
C GLN A 135 -11.30 -6.18 -1.17
N TYR A 136 -10.83 -6.90 -2.21
CA TYR A 136 -10.89 -6.43 -3.61
C TYR A 136 -12.35 -6.35 -4.08
N LYS A 137 -13.15 -7.38 -3.75
CA LYS A 137 -14.58 -7.43 -4.13
C LYS A 137 -15.44 -6.57 -3.18
N GLU A 138 -14.90 -6.28 -2.00
CA GLU A 138 -15.59 -5.50 -0.96
C GLU A 138 -15.41 -3.98 -1.24
N THR A 139 -14.25 -3.61 -1.78
CA THR A 139 -13.83 -2.20 -1.95
C THR A 139 -14.02 -1.71 -3.41
N TRP A 140 -13.52 -2.49 -4.40
CA TRP A 140 -13.52 -2.09 -5.82
C TRP A 140 -14.78 -2.56 -6.54
N LEU A 141 -15.13 -3.83 -6.29
CA LEU A 141 -16.19 -4.56 -7.03
C LEU A 141 -17.53 -4.52 -6.28
N ALA A 142 -18.51 -5.27 -6.81
CA ALA A 142 -19.87 -5.33 -6.25
C ALA A 142 -20.51 -6.68 -6.65
N MET A 25 -8.06 6.49 -12.56
CA MET A 25 -8.34 5.08 -12.19
C MET A 25 -7.62 4.73 -10.87
N ILE A 26 -7.68 3.44 -10.49
CA ILE A 26 -6.99 2.93 -9.29
C ILE A 26 -5.47 3.08 -9.42
N LYS A 27 -4.87 3.82 -8.49
CA LYS A 27 -3.40 3.87 -8.35
C LYS A 27 -2.90 2.54 -7.78
N PHE A 28 -2.73 1.55 -8.67
CA PHE A 28 -2.26 0.21 -8.30
C PHE A 28 -0.74 0.24 -8.20
N TYR A 29 -0.24 0.48 -6.99
CA TYR A 29 1.18 0.42 -6.70
C TYR A 29 1.63 -1.05 -6.72
N GLN A 30 2.82 -1.26 -7.28
CA GLN A 30 3.41 -2.58 -7.49
C GLN A 30 4.91 -2.40 -7.62
N TYR A 31 5.64 -3.52 -7.66
CA TYR A 31 7.08 -3.53 -8.00
C TYR A 31 7.53 -4.98 -8.11
N LYS A 32 8.03 -5.35 -9.30
CA LYS A 32 8.59 -6.69 -9.58
C LYS A 32 7.48 -7.76 -9.51
N ASN A 33 7.03 -8.22 -10.70
CA ASN A 33 5.92 -9.19 -10.86
C ASN A 33 6.11 -10.45 -9.97
N CYS A 34 5.53 -10.38 -8.78
CA CYS A 34 5.47 -11.51 -7.83
C CYS A 34 4.02 -12.00 -7.73
N THR A 35 3.80 -13.12 -7.02
CA THR A 35 2.48 -13.83 -6.95
C THR A 35 1.32 -12.87 -6.63
N THR A 36 1.46 -12.11 -5.53
CA THR A 36 0.42 -11.21 -5.00
C THR A 36 0.08 -10.08 -6.00
N CYS A 37 1.13 -9.53 -6.63
CA CYS A 37 1.01 -8.47 -7.65
C CYS A 37 0.24 -8.97 -8.89
N LYS A 38 0.58 -10.21 -9.31
CA LYS A 38 -0.05 -10.87 -10.46
C LYS A 38 -1.54 -11.21 -10.18
N LYS A 39 -1.82 -11.65 -8.95
CA LYS A 39 -3.17 -12.04 -8.49
C LYS A 39 -4.11 -10.82 -8.47
N ALA A 40 -3.62 -9.73 -7.88
CA ALA A 40 -4.35 -8.46 -7.73
C ALA A 40 -4.67 -7.84 -9.11
N ALA A 41 -3.63 -7.79 -9.96
CA ALA A 41 -3.73 -7.27 -11.34
C ALA A 41 -4.70 -8.10 -12.20
N LYS A 42 -4.67 -9.44 -12.00
CA LYS A 42 -5.54 -10.39 -12.72
C LYS A 42 -7.01 -10.16 -12.35
N PHE A 43 -7.30 -10.08 -11.04
CA PHE A 43 -8.66 -9.95 -10.49
C PHE A 43 -9.34 -8.65 -10.98
N LEU A 44 -8.60 -7.53 -10.83
CA LEU A 44 -9.02 -6.21 -11.34
C LEU A 44 -9.31 -6.26 -12.86
N ASP A 45 -8.32 -6.71 -13.64
CA ASP A 45 -8.41 -6.75 -15.12
C ASP A 45 -9.55 -7.66 -15.61
N GLU A 46 -9.77 -8.77 -14.90
CA GLU A 46 -10.78 -9.78 -15.26
C GLU A 46 -12.19 -9.19 -15.18
N TYR A 47 -12.46 -8.49 -14.07
CA TYR A 47 -13.75 -7.81 -13.85
C TYR A 47 -13.87 -6.49 -14.66
N GLY A 48 -12.81 -6.16 -15.43
CA GLY A 48 -12.84 -5.02 -16.36
C GLY A 48 -12.40 -3.70 -15.73
N VAL A 49 -11.84 -3.78 -14.51
CA VAL A 49 -11.41 -2.60 -13.75
C VAL A 49 -10.03 -2.16 -14.22
N SER A 50 -9.96 -0.91 -14.74
CA SER A 50 -8.69 -0.30 -15.15
C SER A 50 -7.88 0.09 -13.90
N TYR A 51 -6.64 -0.39 -13.86
CA TYR A 51 -5.67 -0.09 -12.80
C TYR A 51 -4.40 0.51 -13.43
N GLU A 52 -3.87 1.57 -12.79
CA GLU A 52 -2.60 2.20 -13.15
C GLU A 52 -1.45 1.48 -12.42
N PRO A 53 -0.64 0.60 -13.12
CA PRO A 53 0.48 -0.15 -12.51
C PRO A 53 1.73 0.74 -12.37
N ILE A 54 1.84 1.39 -11.20
CA ILE A 54 2.95 2.32 -10.88
C ILE A 54 3.86 1.70 -9.81
N ASP A 55 5.18 1.95 -9.95
CA ASP A 55 6.20 1.37 -9.07
C ASP A 55 6.19 2.05 -7.69
N ILE A 56 6.25 1.23 -6.63
CA ILE A 56 6.13 1.68 -5.23
C ILE A 56 7.43 2.38 -4.75
N VAL A 57 8.59 1.90 -5.24
CA VAL A 57 9.93 2.43 -4.82
C VAL A 57 10.49 3.44 -5.83
N GLN A 58 10.17 3.24 -7.12
CA GLN A 58 10.61 4.13 -8.21
C GLN A 58 9.77 5.43 -8.17
N HIS A 59 8.49 5.28 -7.79
CA HIS A 59 7.53 6.39 -7.63
C HIS A 59 6.94 6.32 -6.21
N THR A 60 7.80 6.52 -5.20
CA THR A 60 7.38 6.51 -3.79
C THR A 60 6.64 7.82 -3.47
N PRO A 61 5.33 7.76 -3.03
CA PRO A 61 4.56 8.96 -2.64
C PRO A 61 5.26 9.73 -1.51
N THR A 62 5.09 11.05 -1.47
CA THR A 62 5.64 11.88 -0.39
C THR A 62 4.77 11.75 0.86
N ILE A 63 5.26 12.35 1.96
CA ILE A 63 4.55 12.41 3.26
C ILE A 63 3.12 12.99 3.07
N ASN A 64 2.99 13.89 2.08
CA ASN A 64 1.73 14.53 1.69
C ASN A 64 0.74 13.53 1.08
N GLU A 65 1.14 12.84 -0.03
CA GLU A 65 0.24 11.89 -0.74
C GLU A 65 -0.18 10.72 0.18
N PHE A 66 0.74 10.29 1.06
CA PHE A 66 0.44 9.26 2.06
C PHE A 66 -0.64 9.75 3.05
N LYS A 67 -0.41 10.90 3.73
CA LYS A 67 -1.40 11.43 4.72
C LYS A 67 -2.75 11.80 4.04
N THR A 68 -2.69 12.08 2.72
CA THR A 68 -3.89 12.35 1.92
C THR A 68 -4.75 11.08 1.81
N ILE A 69 -4.16 9.98 1.28
CA ILE A 69 -4.90 8.72 1.04
C ILE A 69 -5.37 8.09 2.37
N ILE A 70 -4.64 8.33 3.45
CA ILE A 70 -4.99 7.84 4.81
C ILE A 70 -6.14 8.67 5.42
N ALA A 71 -6.14 9.99 5.15
CA ALA A 71 -7.25 10.90 5.58
C ALA A 71 -8.53 10.67 4.76
N ASN A 72 -8.36 10.29 3.49
CA ASN A 72 -9.48 10.15 2.52
C ASN A 72 -10.17 8.78 2.66
N THR A 73 -9.38 7.70 2.68
CA THR A 73 -9.90 6.32 2.72
C THR A 73 -10.14 5.87 4.17
N GLY A 74 -9.26 6.32 5.07
CA GLY A 74 -9.31 5.90 6.49
C GLY A 74 -8.48 4.64 6.75
N VAL A 75 -7.52 4.36 5.85
CA VAL A 75 -6.66 3.17 5.93
C VAL A 75 -5.64 3.32 7.08
N GLU A 76 -5.30 2.19 7.72
CA GLU A 76 -4.25 2.13 8.73
C GLU A 76 -2.88 2.47 8.11
N ILE A 77 -2.17 3.39 8.77
CA ILE A 77 -0.84 3.85 8.36
C ILE A 77 0.20 2.72 8.60
N ASN A 78 -0.07 1.87 9.62
CA ASN A 78 0.84 0.79 10.03
C ASN A 78 0.77 -0.43 9.09
N LYS A 79 -0.41 -0.66 8.44
CA LYS A 79 -0.55 -1.78 7.47
C LYS A 79 0.08 -1.41 6.11
N LEU A 80 0.38 -0.11 5.90
CA LEU A 80 1.09 0.35 4.70
C LEU A 80 2.57 -0.08 4.77
N PHE A 81 3.08 -0.24 6.01
CA PHE A 81 4.40 -0.88 6.24
C PHE A 81 4.37 -2.33 5.75
N ASN A 82 5.57 -2.86 5.38
CA ASN A 82 5.74 -4.22 4.83
C ASN A 82 5.43 -5.27 5.92
N THR A 83 4.11 -5.47 6.19
CA THR A 83 3.59 -6.35 7.25
C THR A 83 4.08 -5.90 8.66
N HIS A 84 3.66 -6.58 9.75
CA HIS A 84 4.30 -6.42 11.08
C HIS A 84 5.52 -7.35 11.25
N GLY A 85 5.81 -8.12 10.19
CA GLY A 85 7.00 -8.99 10.13
C GLY A 85 7.98 -8.52 9.06
N ALA A 86 8.86 -9.44 8.61
CA ALA A 86 9.87 -9.20 7.55
C ALA A 86 10.84 -8.06 7.97
N LYS A 87 10.92 -6.95 7.18
CA LYS A 87 11.85 -5.83 7.46
C LYS A 87 11.37 -4.97 8.64
N TYR A 88 10.05 -4.94 8.87
CA TYR A 88 9.40 -4.18 9.97
C TYR A 88 9.98 -4.61 11.35
N ARG A 89 10.40 -5.88 11.47
CA ARG A 89 10.94 -6.45 12.73
C ARG A 89 12.47 -6.66 12.61
N GLU A 90 12.98 -6.72 11.35
CA GLU A 90 14.43 -6.78 11.06
C GLU A 90 15.11 -5.51 11.54
N LEU A 91 14.54 -4.37 11.11
CA LEU A 91 14.93 -3.02 11.56
C LEU A 91 14.38 -2.76 12.98
N ASP A 92 13.32 -3.52 13.29
CA ASP A 92 12.54 -3.42 14.54
C ASP A 92 11.95 -2.01 14.68
N LEU A 93 11.28 -1.60 13.58
CA LEU A 93 10.55 -0.33 13.52
C LEU A 93 9.48 -0.26 14.61
N LYS A 94 8.89 -1.42 14.99
CA LYS A 94 7.81 -1.50 16.00
C LYS A 94 8.18 -0.73 17.29
N ASN A 95 9.44 -0.94 17.75
CA ASN A 95 9.97 -0.34 18.98
C ASN A 95 9.98 1.21 18.93
N LYS A 96 10.29 1.77 17.74
CA LYS A 96 10.29 3.25 17.57
C LYS A 96 8.89 3.77 17.21
N LEU A 97 8.06 2.96 16.49
CA LEU A 97 6.74 3.43 15.98
C LEU A 97 5.72 3.59 17.11
N GLN A 98 5.90 2.79 18.18
CA GLN A 98 5.02 2.85 19.37
C GLN A 98 5.23 4.15 20.18
N THR A 99 6.35 4.87 19.93
CA THR A 99 6.69 6.11 20.67
C THR A 99 6.67 7.37 19.77
N LEU A 100 6.96 7.25 18.45
CA LEU A 100 6.94 8.43 17.54
C LEU A 100 5.53 8.70 16.97
N SER A 101 5.42 9.81 16.21
CA SER A 101 4.15 10.28 15.59
C SER A 101 3.86 9.52 14.28
N ASP A 102 2.58 9.51 13.87
CA ASP A 102 2.15 8.89 12.59
C ASP A 102 2.81 9.57 11.40
N ASP A 103 3.15 10.87 11.56
CA ASP A 103 3.84 11.68 10.53
C ASP A 103 5.29 11.16 10.27
N GLU A 104 5.92 10.61 11.31
CA GLU A 104 7.28 10.03 11.23
C GLU A 104 7.25 8.63 10.62
N LYS A 105 6.13 7.92 10.84
CA LYS A 105 5.82 6.66 10.15
C LYS A 105 5.64 6.93 8.63
N LEU A 106 4.96 8.05 8.31
CA LEU A 106 4.78 8.55 6.93
C LEU A 106 6.13 8.83 6.27
N GLU A 107 7.06 9.46 7.03
CA GLU A 107 8.44 9.73 6.58
C GLU A 107 9.14 8.43 6.15
N LEU A 108 9.09 7.40 7.01
CA LEU A 108 9.72 6.07 6.76
C LEU A 108 9.22 5.43 5.45
N LEU A 109 7.88 5.46 5.26
CA LEU A 109 7.23 4.97 4.03
C LEU A 109 7.71 5.78 2.80
N SER A 110 7.79 7.12 2.98
CA SER A 110 8.17 8.05 1.91
C SER A 110 9.68 7.99 1.61
N SER A 111 10.47 7.46 2.57
CA SER A 111 11.92 7.29 2.42
C SER A 111 12.25 6.01 1.66
N ASP A 112 11.44 4.94 1.90
CA ASP A 112 11.71 3.61 1.34
C ASP A 112 10.42 2.97 0.82
N GLY A 113 10.38 2.66 -0.48
CA GLY A 113 9.21 2.04 -1.11
C GLY A 113 9.06 0.56 -0.79
N MET A 114 10.15 -0.10 -0.38
CA MET A 114 10.11 -1.50 0.08
C MET A 114 9.56 -1.58 1.51
N LEU A 115 9.76 -0.48 2.30
CA LEU A 115 9.12 -0.32 3.61
C LEU A 115 7.61 -0.20 3.48
N VAL A 116 7.15 0.26 2.30
CA VAL A 116 5.72 0.20 1.94
C VAL A 116 5.43 -1.19 1.32
N LYS A 117 4.16 -1.62 1.40
CA LYS A 117 3.70 -2.83 0.69
C LYS A 117 3.79 -2.58 -0.83
N ARG A 118 4.59 -3.41 -1.53
CA ARG A 118 4.68 -3.37 -3.01
C ARG A 118 3.26 -3.53 -3.63
N PRO A 119 2.46 -4.62 -3.31
CA PRO A 119 1.06 -4.72 -3.78
C PRO A 119 0.12 -3.83 -2.93
N LEU A 120 -0.28 -2.70 -3.51
CA LEU A 120 -1.25 -1.75 -2.93
C LEU A 120 -2.10 -1.19 -4.09
N ALA A 121 -3.37 -0.92 -3.83
CA ALA A 121 -4.30 -0.36 -4.81
C ALA A 121 -5.14 0.71 -4.12
N VAL A 122 -4.98 1.99 -4.52
CA VAL A 122 -5.63 3.13 -3.81
C VAL A 122 -6.33 4.10 -4.78
N MET A 123 -7.35 4.78 -4.25
CA MET A 123 -8.03 5.94 -4.87
C MET A 123 -8.24 7.02 -3.78
N GLY A 124 -8.96 8.10 -4.12
CA GLY A 124 -9.20 9.22 -3.18
C GLY A 124 -10.40 9.00 -2.25
N ASP A 125 -10.70 7.73 -1.94
CA ASP A 125 -11.92 7.33 -1.20
C ASP A 125 -11.87 5.83 -0.87
N LYS A 126 -11.30 5.02 -1.79
CA LYS A 126 -11.22 3.54 -1.67
C LYS A 126 -9.75 3.08 -1.59
N ILE A 127 -9.50 1.85 -1.05
CA ILE A 127 -8.13 1.25 -0.98
C ILE A 127 -8.19 -0.26 -0.59
N THR A 128 -7.23 -1.04 -1.11
CA THR A 128 -6.97 -2.44 -0.73
C THR A 128 -5.46 -2.68 -0.62
N LEU A 129 -5.03 -3.47 0.37
CA LEU A 129 -3.60 -3.83 0.58
C LEU A 129 -3.37 -5.32 0.26
N GLY A 130 -2.17 -5.62 -0.29
CA GLY A 130 -1.80 -6.97 -0.72
C GLY A 130 -2.74 -7.53 -1.78
N PHE A 131 -3.15 -8.80 -1.60
CA PHE A 131 -4.26 -9.40 -2.34
C PHE A 131 -5.23 -10.01 -1.33
N LYS A 132 -5.94 -9.12 -0.65
CA LYS A 132 -7.13 -9.49 0.11
C LYS A 132 -8.30 -9.50 -0.86
N GLU A 133 -8.56 -10.66 -1.50
CA GLU A 133 -9.63 -10.81 -2.52
C GLU A 133 -11.00 -10.40 -1.95
N ASP A 134 -11.19 -10.70 -0.65
CA ASP A 134 -12.35 -10.24 0.15
C ASP A 134 -12.49 -8.71 0.05
N GLN A 135 -11.41 -7.99 0.41
CA GLN A 135 -11.36 -6.53 0.32
C GLN A 135 -11.56 -6.05 -1.13
N TYR A 136 -10.92 -6.71 -2.11
CA TYR A 136 -10.94 -6.31 -3.53
C TYR A 136 -12.38 -6.30 -4.10
N LYS A 137 -13.15 -7.36 -3.80
CA LYS A 137 -14.54 -7.48 -4.26
C LYS A 137 -15.48 -6.57 -3.44
N GLU A 138 -15.10 -6.29 -2.18
CA GLU A 138 -15.90 -5.42 -1.28
C GLU A 138 -15.70 -3.92 -1.61
N THR A 139 -14.48 -3.57 -2.04
CA THR A 139 -14.02 -2.17 -2.18
C THR A 139 -14.25 -1.65 -3.60
N TRP A 140 -13.81 -2.42 -4.60
CA TRP A 140 -13.86 -2.00 -6.01
C TRP A 140 -15.16 -2.52 -6.66
N LEU A 141 -15.46 -3.80 -6.40
CA LEU A 141 -16.51 -4.57 -7.11
C LEU A 141 -17.81 -4.65 -6.30
N ALA A 142 -18.72 -5.56 -6.72
CA ALA A 142 -19.98 -5.90 -6.04
C ALA A 142 -20.95 -4.68 -5.97
N MET A 25 -5.91 6.81 -12.58
CA MET A 25 -6.97 5.88 -12.15
C MET A 25 -6.60 5.26 -10.78
N ILE A 26 -7.27 4.13 -10.39
CA ILE A 26 -6.97 3.42 -9.12
C ILE A 26 -5.47 3.08 -9.03
N LYS A 27 -4.76 3.83 -8.19
CA LYS A 27 -3.29 3.78 -8.07
C LYS A 27 -2.84 2.41 -7.52
N PHE A 28 -2.60 1.48 -8.43
CA PHE A 28 -2.19 0.11 -8.08
C PHE A 28 -0.66 0.08 -7.92
N TYR A 29 -0.20 0.15 -6.67
CA TYR A 29 1.22 0.08 -6.36
C TYR A 29 1.65 -1.40 -6.24
N GLN A 30 2.71 -1.76 -7.00
CA GLN A 30 3.27 -3.12 -6.99
C GLN A 30 4.78 -3.07 -7.24
N TYR A 31 5.44 -4.24 -7.34
CA TYR A 31 6.86 -4.30 -7.71
C TYR A 31 7.16 -5.66 -8.35
N LYS A 32 7.61 -5.62 -9.63
CA LYS A 32 8.04 -6.80 -10.43
C LYS A 32 6.91 -7.84 -10.61
N ASN A 33 7.24 -8.99 -11.22
CA ASN A 33 6.32 -10.14 -11.36
C ASN A 33 6.51 -11.13 -10.19
N CYS A 34 5.75 -12.25 -10.25
CA CYS A 34 5.81 -13.34 -9.23
C CYS A 34 5.32 -12.90 -7.83
N THR A 35 4.70 -11.71 -7.76
CA THR A 35 4.17 -11.13 -6.50
C THR A 35 2.62 -11.14 -6.57
N THR A 36 1.96 -10.70 -5.48
CA THR A 36 0.51 -10.40 -5.47
C THR A 36 0.12 -9.37 -6.59
N CYS A 37 1.15 -8.64 -7.09
CA CYS A 37 1.07 -7.74 -8.25
C CYS A 37 0.23 -8.35 -9.40
N LYS A 38 0.58 -9.59 -9.77
CA LYS A 38 -0.04 -10.30 -10.90
C LYS A 38 -1.44 -10.81 -10.55
N LYS A 39 -1.63 -11.27 -9.30
CA LYS A 39 -2.92 -11.80 -8.82
C LYS A 39 -4.01 -10.70 -8.86
N ALA A 40 -3.70 -9.57 -8.21
CA ALA A 40 -4.59 -8.42 -8.09
C ALA A 40 -4.83 -7.75 -9.47
N ALA A 41 -3.73 -7.49 -10.22
CA ALA A 41 -3.80 -6.81 -11.54
C ALA A 41 -4.66 -7.59 -12.54
N LYS A 42 -4.48 -8.93 -12.55
CA LYS A 42 -5.23 -9.82 -13.45
C LYS A 42 -6.73 -9.80 -13.09
N PHE A 43 -7.01 -9.96 -11.79
CA PHE A 43 -8.38 -9.99 -11.24
C PHE A 43 -9.17 -8.70 -11.60
N LEU A 44 -8.49 -7.55 -11.42
CA LEU A 44 -9.03 -6.21 -11.73
C LEU A 44 -9.28 -6.06 -13.24
N ASP A 45 -8.30 -6.50 -14.07
CA ASP A 45 -8.42 -6.46 -15.54
C ASP A 45 -9.59 -7.33 -16.03
N GLU A 46 -9.75 -8.49 -15.38
CA GLU A 46 -10.78 -9.49 -15.73
C GLU A 46 -12.20 -8.90 -15.53
N TYR A 47 -12.39 -8.16 -14.43
CA TYR A 47 -13.65 -7.43 -14.17
C TYR A 47 -13.70 -6.07 -14.90
N GLY A 48 -12.62 -5.70 -15.60
CA GLY A 48 -12.57 -4.47 -16.42
C GLY A 48 -12.25 -3.20 -15.64
N VAL A 49 -11.90 -3.37 -14.35
CA VAL A 49 -11.56 -2.27 -13.44
C VAL A 49 -10.25 -1.57 -13.84
N SER A 50 -10.29 -0.22 -13.84
CA SER A 50 -9.16 0.62 -14.20
C SER A 50 -8.16 0.72 -13.04
N TYR A 51 -7.15 -0.16 -13.07
CA TYR A 51 -6.02 -0.12 -12.12
C TYR A 51 -4.83 0.55 -12.82
N GLU A 52 -3.93 1.12 -12.02
CA GLU A 52 -2.76 1.88 -12.50
C GLU A 52 -1.48 1.19 -12.02
N PRO A 53 -0.88 0.26 -12.81
CA PRO A 53 0.31 -0.50 -12.38
C PRO A 53 1.58 0.39 -12.36
N ILE A 54 1.92 0.89 -11.15
CA ILE A 54 3.09 1.76 -10.90
C ILE A 54 3.97 1.13 -9.82
N ASP A 55 5.27 1.01 -10.12
CA ASP A 55 6.28 0.42 -9.21
C ASP A 55 6.45 1.30 -7.97
N ILE A 56 6.03 0.79 -6.82
CA ILE A 56 5.93 1.53 -5.54
C ILE A 56 7.27 2.09 -5.05
N VAL A 57 8.38 1.37 -5.25
CA VAL A 57 9.72 1.80 -4.80
C VAL A 57 10.37 2.79 -5.79
N GLN A 58 9.92 2.73 -7.05
CA GLN A 58 10.40 3.61 -8.14
C GLN A 58 9.52 4.88 -8.17
N HIS A 59 8.29 4.74 -7.65
CA HIS A 59 7.23 5.77 -7.67
C HIS A 59 6.69 5.98 -6.24
N THR A 60 7.59 6.16 -5.26
CA THR A 60 7.21 6.32 -3.84
C THR A 60 6.64 7.73 -3.58
N PRO A 61 5.34 7.86 -3.13
CA PRO A 61 4.70 9.16 -2.82
C PRO A 61 5.44 9.95 -1.70
N THR A 62 5.17 11.25 -1.65
CA THR A 62 5.70 12.14 -0.60
C THR A 62 4.88 11.97 0.70
N ILE A 63 5.38 12.56 1.81
CA ILE A 63 4.73 12.49 3.14
C ILE A 63 3.29 13.07 3.07
N ASN A 64 3.15 14.16 2.30
CA ASN A 64 1.86 14.84 2.09
C ASN A 64 0.89 13.98 1.26
N GLU A 65 1.42 13.29 0.24
CA GLU A 65 0.61 12.41 -0.62
C GLU A 65 0.12 11.18 0.18
N PHE A 66 0.98 10.64 1.06
CA PHE A 66 0.61 9.54 1.96
C PHE A 66 -0.49 10.00 2.94
N LYS A 67 -0.28 11.11 3.68
CA LYS A 67 -1.26 11.59 4.68
C LYS A 67 -2.60 11.97 4.02
N THR A 68 -2.57 12.35 2.74
CA THR A 68 -3.78 12.65 1.97
C THR A 68 -4.58 11.36 1.69
N ILE A 69 -3.91 10.32 1.12
CA ILE A 69 -4.59 9.05 0.76
C ILE A 69 -5.15 8.36 2.02
N ILE A 70 -4.48 8.55 3.16
CA ILE A 70 -4.87 7.96 4.47
C ILE A 70 -6.02 8.75 5.10
N ALA A 71 -6.00 10.09 4.93
CA ALA A 71 -7.08 10.96 5.41
C ALA A 71 -8.41 10.69 4.66
N ASN A 72 -8.26 10.39 3.35
CA ASN A 72 -9.40 10.24 2.43
C ASN A 72 -9.98 8.81 2.50
N THR A 73 -9.13 7.78 2.36
CA THR A 73 -9.57 6.37 2.39
C THR A 73 -9.83 5.91 3.84
N GLY A 74 -9.12 6.52 4.79
CA GLY A 74 -9.23 6.19 6.21
C GLY A 74 -8.49 4.90 6.57
N VAL A 75 -7.41 4.60 5.83
CA VAL A 75 -6.65 3.34 6.02
C VAL A 75 -5.69 3.44 7.22
N GLU A 76 -5.39 2.28 7.84
CA GLU A 76 -4.42 2.17 8.94
C GLU A 76 -3.01 2.43 8.37
N ILE A 77 -2.34 3.46 8.92
CA ILE A 77 -1.00 3.89 8.47
C ILE A 77 0.06 2.78 8.76
N ASN A 78 -0.19 1.98 9.82
CA ASN A 78 0.75 0.92 10.26
C ASN A 78 0.74 -0.29 9.30
N LYS A 79 -0.44 -0.67 8.75
CA LYS A 79 -0.53 -1.83 7.81
C LYS A 79 0.03 -1.48 6.42
N LEU A 80 0.29 -0.18 6.18
CA LEU A 80 0.97 0.27 4.96
C LEU A 80 2.43 -0.17 4.98
N PHE A 81 3.01 -0.31 6.18
CA PHE A 81 4.35 -0.89 6.36
C PHE A 81 4.34 -2.37 5.99
N ASN A 82 5.47 -2.86 5.44
CA ASN A 82 5.69 -4.30 5.19
C ASN A 82 6.04 -4.96 6.54
N THR A 83 5.00 -5.03 7.37
CA THR A 83 5.09 -5.24 8.83
C THR A 83 4.96 -6.72 9.22
N HIS A 84 5.31 -7.01 10.51
CA HIS A 84 5.25 -8.37 11.11
C HIS A 84 6.25 -9.33 10.42
N GLY A 85 7.27 -8.75 9.78
CA GLY A 85 8.29 -9.49 9.04
C GLY A 85 9.16 -8.54 8.25
N ALA A 86 9.73 -9.04 7.13
CA ALA A 86 10.50 -8.24 6.14
C ALA A 86 11.70 -7.50 6.80
N LYS A 87 12.07 -6.33 6.25
CA LYS A 87 13.05 -5.42 6.86
C LYS A 87 12.51 -4.80 8.16
N TYR A 88 11.17 -4.68 8.28
CA TYR A 88 10.48 -4.02 9.43
C TYR A 88 10.96 -4.56 10.80
N ARG A 89 11.20 -5.88 10.85
CA ARG A 89 11.68 -6.58 12.06
C ARG A 89 13.21 -6.37 12.23
N GLU A 90 13.93 -6.36 11.10
CA GLU A 90 15.40 -6.16 11.06
C GLU A 90 15.77 -4.78 11.62
N LEU A 91 14.98 -3.78 11.24
CA LEU A 91 15.16 -2.39 11.66
C LEU A 91 14.58 -2.16 13.08
N ASP A 92 13.66 -3.08 13.47
CA ASP A 92 12.86 -2.99 14.72
C ASP A 92 12.04 -1.69 14.73
N LEU A 93 11.36 -1.43 13.60
CA LEU A 93 10.54 -0.22 13.45
C LEU A 93 9.40 -0.18 14.47
N LYS A 94 8.81 -1.34 14.81
CA LYS A 94 7.65 -1.41 15.73
C LYS A 94 7.95 -0.71 17.08
N ASN A 95 9.20 -0.90 17.55
CA ASN A 95 9.72 -0.32 18.81
C ASN A 95 9.70 1.22 18.77
N LYS A 96 10.10 1.81 17.62
CA LYS A 96 10.10 3.26 17.45
C LYS A 96 8.69 3.78 17.11
N LEU A 97 7.88 2.98 16.36
CA LEU A 97 6.56 3.44 15.84
C LEU A 97 5.54 3.62 16.98
N GLN A 98 5.64 2.76 18.02
CA GLN A 98 4.74 2.80 19.19
C GLN A 98 4.98 4.04 20.08
N THR A 99 6.08 4.78 19.85
CA THR A 99 6.38 6.02 20.62
C THR A 99 6.34 7.28 19.73
N LEU A 100 6.77 7.19 18.45
CA LEU A 100 6.85 8.37 17.57
C LEU A 100 5.47 8.77 16.99
N SER A 101 5.46 9.91 16.28
CA SER A 101 4.25 10.47 15.67
C SER A 101 3.95 9.77 14.34
N ASP A 102 2.66 9.72 13.94
CA ASP A 102 2.25 9.07 12.68
C ASP A 102 2.88 9.77 11.46
N ASP A 103 3.30 11.04 11.63
CA ASP A 103 4.00 11.80 10.57
C ASP A 103 5.40 11.22 10.29
N GLU A 104 6.06 10.68 11.34
CA GLU A 104 7.38 10.02 11.23
C GLU A 104 7.23 8.63 10.58
N LYS A 105 6.08 7.98 10.82
CA LYS A 105 5.70 6.75 10.10
C LYS A 105 5.52 7.04 8.59
N LEU A 106 4.83 8.16 8.30
CA LEU A 106 4.64 8.68 6.93
C LEU A 106 5.99 8.97 6.25
N GLU A 107 6.94 9.53 7.04
CA GLU A 107 8.30 9.80 6.58
C GLU A 107 9.00 8.50 6.11
N LEU A 108 8.96 7.46 6.96
CA LEU A 108 9.58 6.14 6.67
C LEU A 108 9.03 5.52 5.36
N LEU A 109 7.71 5.58 5.20
CA LEU A 109 7.02 5.10 3.97
C LEU A 109 7.50 5.88 2.72
N SER A 110 7.63 7.21 2.87
CA SER A 110 8.09 8.11 1.78
C SER A 110 9.60 7.96 1.51
N SER A 111 10.34 7.49 2.53
CA SER A 111 11.79 7.31 2.47
C SER A 111 12.15 5.99 1.75
N ASP A 112 11.25 4.98 1.80
CA ASP A 112 11.48 3.71 1.10
C ASP A 112 10.15 3.06 0.66
N GLY A 113 10.03 2.75 -0.64
CA GLY A 113 8.83 2.10 -1.19
C GLY A 113 8.70 0.63 -0.84
N MET A 114 9.81 0.00 -0.40
CA MET A 114 9.83 -1.39 0.07
C MET A 114 9.59 -1.46 1.59
N LEU A 115 9.65 -0.30 2.26
CA LEU A 115 9.11 -0.14 3.63
C LEU A 115 7.59 -0.14 3.59
N VAL A 116 7.02 0.25 2.44
CA VAL A 116 5.58 0.14 2.18
C VAL A 116 5.30 -1.27 1.61
N LYS A 117 4.03 -1.71 1.70
CA LYS A 117 3.59 -2.99 1.13
C LYS A 117 3.69 -2.95 -0.40
N ARG A 118 4.45 -3.92 -0.98
CA ARG A 118 4.48 -4.14 -2.43
C ARG A 118 3.04 -4.29 -3.01
N PRO A 119 2.12 -5.16 -2.41
CA PRO A 119 0.71 -5.17 -2.85
C PRO A 119 -0.14 -4.07 -2.14
N LEU A 120 -0.41 -3.00 -2.89
CA LEU A 120 -1.31 -1.92 -2.45
C LEU A 120 -2.07 -1.40 -3.70
N ALA A 121 -3.31 -1.00 -3.51
CA ALA A 121 -4.13 -0.36 -4.53
C ALA A 121 -4.96 0.71 -3.84
N VAL A 122 -4.67 1.98 -4.10
CA VAL A 122 -5.35 3.12 -3.44
C VAL A 122 -6.11 3.96 -4.46
N MET A 123 -7.22 4.55 -4.01
CA MET A 123 -8.02 5.50 -4.77
C MET A 123 -8.22 6.76 -3.89
N GLY A 124 -9.04 7.72 -4.34
CA GLY A 124 -9.36 8.91 -3.54
C GLY A 124 -10.40 8.67 -2.45
N ASP A 125 -10.96 7.45 -2.41
CA ASP A 125 -12.07 7.09 -1.49
C ASP A 125 -11.78 5.76 -0.78
N LYS A 126 -11.26 4.78 -1.54
CA LYS A 126 -11.13 3.38 -1.09
C LYS A 126 -9.70 2.82 -1.36
N ILE A 127 -9.38 1.66 -0.74
CA ILE A 127 -8.00 1.06 -0.77
C ILE A 127 -8.01 -0.45 -0.36
N THR A 128 -7.04 -1.22 -0.93
CA THR A 128 -6.79 -2.64 -0.57
C THR A 128 -5.29 -2.89 -0.32
N LEU A 129 -4.97 -3.56 0.81
CA LEU A 129 -3.60 -4.00 1.17
C LEU A 129 -3.53 -5.54 1.14
N GLY A 130 -2.42 -6.08 0.61
CA GLY A 130 -2.20 -7.54 0.54
C GLY A 130 -3.14 -8.27 -0.43
N PHE A 131 -2.98 -9.59 -0.52
CA PHE A 131 -3.85 -10.45 -1.35
C PHE A 131 -5.10 -10.85 -0.55
N LYS A 132 -6.19 -10.09 -0.73
CA LYS A 132 -7.52 -10.43 -0.18
C LYS A 132 -8.58 -10.20 -1.26
N GLU A 133 -9.08 -11.31 -1.85
CA GLU A 133 -10.15 -11.29 -2.86
C GLU A 133 -11.46 -10.73 -2.26
N ASP A 134 -11.65 -10.96 -0.95
CA ASP A 134 -12.78 -10.42 -0.19
C ASP A 134 -12.77 -8.89 -0.27
N GLN A 135 -11.60 -8.30 0.04
CA GLN A 135 -11.37 -6.86 -0.07
C GLN A 135 -11.56 -6.36 -1.52
N TYR A 136 -11.06 -7.12 -2.52
CA TYR A 136 -11.12 -6.69 -3.94
C TYR A 136 -12.58 -6.53 -4.44
N LYS A 137 -13.47 -7.47 -4.06
CA LYS A 137 -14.91 -7.39 -4.42
C LYS A 137 -15.66 -6.38 -3.55
N GLU A 138 -15.21 -6.22 -2.31
CA GLU A 138 -15.83 -5.33 -1.31
C GLU A 138 -15.57 -3.85 -1.66
N THR A 139 -14.37 -3.60 -2.19
CA THR A 139 -13.81 -2.26 -2.38
C THR A 139 -13.96 -1.79 -3.85
N TRP A 140 -13.47 -2.62 -4.80
CA TRP A 140 -13.38 -2.24 -6.23
C TRP A 140 -14.60 -2.71 -7.01
N LEU A 141 -14.93 -4.00 -6.88
CA LEU A 141 -16.01 -4.62 -7.70
C LEU A 141 -17.39 -4.28 -7.12
N ALA A 142 -18.44 -4.76 -7.80
CA ALA A 142 -19.84 -4.51 -7.44
C ALA A 142 -20.78 -5.36 -8.35
N MET A 25 -8.00 6.31 -12.33
CA MET A 25 -7.85 4.84 -12.16
C MET A 25 -7.13 4.52 -10.85
N ILE A 26 -7.18 3.23 -10.45
CA ILE A 26 -6.52 2.73 -9.25
C ILE A 26 -4.98 2.76 -9.40
N LYS A 27 -4.29 3.47 -8.54
CA LYS A 27 -2.83 3.42 -8.43
C LYS A 27 -2.41 2.09 -7.79
N PHE A 28 -2.24 1.08 -8.65
CA PHE A 28 -1.88 -0.28 -8.22
C PHE A 28 -0.36 -0.39 -8.08
N TYR A 29 0.13 -0.18 -6.85
CA TYR A 29 1.55 -0.31 -6.53
C TYR A 29 1.92 -1.80 -6.31
N GLN A 30 3.12 -2.16 -6.78
CA GLN A 30 3.69 -3.52 -6.70
C GLN A 30 5.22 -3.43 -6.82
N TYR A 31 5.94 -4.55 -6.63
CA TYR A 31 7.38 -4.61 -7.01
C TYR A 31 7.76 -6.08 -7.25
N LYS A 32 6.87 -6.79 -7.97
CA LYS A 32 7.08 -8.17 -8.41
C LYS A 32 5.88 -8.60 -9.26
N ASN A 33 6.08 -8.63 -10.59
CA ASN A 33 5.02 -8.91 -11.58
C ASN A 33 4.42 -10.32 -11.41
N CYS A 34 5.28 -11.34 -11.54
CA CYS A 34 4.86 -12.75 -11.65
C CYS A 34 4.55 -13.42 -10.28
N THR A 35 3.98 -12.67 -9.32
CA THR A 35 3.47 -13.22 -8.04
C THR A 35 2.09 -12.60 -7.71
N THR A 36 2.11 -11.36 -7.16
CA THR A 36 0.89 -10.68 -6.71
C THR A 36 0.28 -9.86 -7.86
N CYS A 37 1.16 -9.14 -8.58
CA CYS A 37 0.76 -8.15 -9.60
C CYS A 37 -0.07 -8.79 -10.72
N LYS A 38 0.35 -9.96 -11.22
CA LYS A 38 -0.34 -10.66 -12.33
C LYS A 38 -1.78 -11.05 -11.95
N LYS A 39 -1.97 -11.59 -10.74
CA LYS A 39 -3.28 -12.08 -10.31
C LYS A 39 -4.23 -10.91 -9.97
N ALA A 40 -3.71 -9.90 -9.26
CA ALA A 40 -4.50 -8.72 -8.82
C ALA A 40 -4.91 -7.85 -10.02
N ALA A 41 -3.98 -7.70 -10.97
CA ALA A 41 -4.22 -6.97 -12.21
C ALA A 41 -5.22 -7.72 -13.11
N LYS A 42 -5.10 -9.07 -13.15
CA LYS A 42 -6.04 -9.95 -13.87
C LYS A 42 -7.46 -9.86 -13.30
N PHE A 43 -7.53 -9.73 -11.97
CA PHE A 43 -8.81 -9.67 -11.21
C PHE A 43 -9.55 -8.36 -11.53
N LEU A 44 -8.82 -7.25 -11.42
CA LEU A 44 -9.32 -5.90 -11.75
C LEU A 44 -9.71 -5.82 -13.24
N ASP A 45 -8.91 -6.46 -14.10
CA ASP A 45 -9.17 -6.56 -15.55
C ASP A 45 -10.42 -7.42 -15.85
N GLU A 46 -10.62 -8.48 -15.04
CA GLU A 46 -11.75 -9.43 -15.19
C GLU A 46 -13.09 -8.73 -14.95
N TYR A 47 -13.14 -7.93 -13.87
CA TYR A 47 -14.32 -7.12 -13.51
C TYR A 47 -14.36 -5.79 -14.32
N GLY A 48 -13.28 -5.51 -15.08
CA GLY A 48 -13.23 -4.39 -16.01
C GLY A 48 -12.93 -3.04 -15.35
N VAL A 49 -12.45 -3.09 -14.10
CA VAL A 49 -12.08 -1.91 -13.32
C VAL A 49 -10.65 -1.45 -13.70
N SER A 50 -10.53 -0.18 -14.12
CA SER A 50 -9.24 0.40 -14.55
C SER A 50 -8.26 0.56 -13.35
N TYR A 51 -7.03 0.13 -13.58
CA TYR A 51 -5.93 0.20 -12.59
C TYR A 51 -4.67 0.76 -13.29
N GLU A 52 -3.59 0.93 -12.52
CA GLU A 52 -2.31 1.46 -13.00
C GLU A 52 -1.17 0.65 -12.36
N PRO A 53 -0.56 -0.34 -13.10
CA PRO A 53 0.54 -1.19 -12.56
C PRO A 53 1.88 -0.41 -12.48
N ILE A 54 2.10 0.21 -11.32
CA ILE A 54 3.30 1.03 -11.03
C ILE A 54 4.05 0.43 -9.84
N ASP A 55 5.33 0.77 -9.72
CA ASP A 55 6.22 0.22 -8.70
C ASP A 55 6.16 1.03 -7.40
N ILE A 56 6.11 0.33 -6.26
CA ILE A 56 5.92 0.94 -4.94
C ILE A 56 7.14 1.81 -4.54
N VAL A 57 8.35 1.31 -4.82
CA VAL A 57 9.62 2.00 -4.46
C VAL A 57 10.00 3.06 -5.52
N GLN A 58 9.65 2.79 -6.78
CA GLN A 58 10.07 3.60 -7.93
C GLN A 58 9.08 4.76 -8.17
N HIS A 59 7.89 4.65 -7.57
CA HIS A 59 6.81 5.66 -7.65
C HIS A 59 6.27 6.00 -6.25
N THR A 60 7.16 5.91 -5.22
CA THR A 60 6.77 6.18 -3.81
C THR A 60 6.25 7.63 -3.66
N PRO A 61 4.96 7.83 -3.22
CA PRO A 61 4.39 9.18 -3.01
C PRO A 61 5.01 9.87 -1.76
N THR A 62 4.82 11.19 -1.66
CA THR A 62 5.40 12.01 -0.56
C THR A 62 4.63 11.78 0.76
N ILE A 63 5.14 12.37 1.85
CA ILE A 63 4.49 12.37 3.18
C ILE A 63 3.10 13.01 3.07
N ASN A 64 3.03 14.07 2.25
CA ASN A 64 1.80 14.84 1.99
C ASN A 64 0.80 13.98 1.19
N GLU A 65 1.31 13.26 0.17
CA GLU A 65 0.48 12.39 -0.69
C GLU A 65 -0.07 11.18 0.11
N PHE A 66 0.76 10.66 1.04
CA PHE A 66 0.37 9.54 1.93
C PHE A 66 -0.77 9.99 2.86
N LYS A 67 -0.55 11.06 3.65
CA LYS A 67 -1.56 11.55 4.63
C LYS A 67 -2.87 11.96 3.92
N THR A 68 -2.76 12.40 2.64
CA THR A 68 -3.93 12.68 1.79
C THR A 68 -4.74 11.39 1.56
N ILE A 69 -4.11 10.35 0.98
CA ILE A 69 -4.83 9.09 0.61
C ILE A 69 -5.41 8.40 1.86
N ILE A 70 -4.71 8.53 2.99
CA ILE A 70 -5.14 7.94 4.28
C ILE A 70 -6.36 8.67 4.85
N ALA A 71 -6.37 10.00 4.72
CA ALA A 71 -7.52 10.85 5.15
C ALA A 71 -8.75 10.63 4.26
N ASN A 72 -8.49 10.36 2.96
CA ASN A 72 -9.55 10.21 1.93
C ASN A 72 -10.20 8.82 1.97
N THR A 73 -9.38 7.77 2.18
CA THR A 73 -9.85 6.37 2.14
C THR A 73 -10.26 5.88 3.55
N GLY A 74 -9.47 6.27 4.56
CA GLY A 74 -9.67 5.84 5.96
C GLY A 74 -8.89 4.57 6.27
N VAL A 75 -7.69 4.44 5.68
CA VAL A 75 -6.82 3.25 5.88
C VAL A 75 -5.93 3.42 7.13
N GLU A 76 -5.61 2.29 7.78
CA GLU A 76 -4.60 2.23 8.85
C GLU A 76 -3.22 2.56 8.28
N ILE A 77 -2.59 3.60 8.85
CA ILE A 77 -1.25 4.04 8.49
C ILE A 77 -0.21 3.00 9.01
N ASN A 78 -0.60 2.24 10.07
CA ASN A 78 0.24 1.19 10.69
C ASN A 78 0.38 -0.04 9.77
N LYS A 79 -0.70 -0.43 9.06
CA LYS A 79 -0.66 -1.61 8.15
C LYS A 79 0.09 -1.32 6.85
N LEU A 80 0.32 -0.02 6.55
CA LEU A 80 1.07 0.39 5.34
C LEU A 80 2.55 -0.04 5.43
N PHE A 81 3.04 -0.23 6.66
CA PHE A 81 4.38 -0.82 6.91
C PHE A 81 4.40 -2.32 6.56
N ASN A 82 5.60 -2.81 6.21
CA ASN A 82 5.87 -4.23 5.94
C ASN A 82 5.46 -5.06 7.19
N THR A 83 4.24 -5.57 7.18
CA THR A 83 3.61 -6.18 8.37
C THR A 83 4.20 -7.57 8.69
N HIS A 84 4.57 -8.32 7.64
CA HIS A 84 5.18 -9.66 7.78
C HIS A 84 6.71 -9.52 7.92
N GLY A 85 7.18 -9.44 9.18
CA GLY A 85 8.61 -9.53 9.53
C GLY A 85 9.51 -8.59 8.72
N ALA A 86 10.54 -9.18 8.09
CA ALA A 86 11.52 -8.49 7.22
C ALA A 86 12.15 -7.26 7.93
N LYS A 87 12.14 -6.07 7.29
CA LYS A 87 12.81 -4.85 7.82
C LYS A 87 12.10 -4.27 9.05
N TYR A 88 10.81 -4.62 9.22
CA TYR A 88 9.99 -4.17 10.37
C TYR A 88 10.58 -4.66 11.71
N ARG A 89 11.30 -5.80 11.65
CA ARG A 89 11.95 -6.43 12.82
C ARG A 89 13.49 -6.41 12.67
N GLU A 90 13.97 -6.31 11.41
CA GLU A 90 15.40 -6.29 11.07
C GLU A 90 16.03 -4.96 11.53
N LEU A 91 15.31 -3.87 11.24
CA LEU A 91 15.65 -2.51 11.68
C LEU A 91 14.98 -2.19 13.04
N ASP A 92 14.27 -3.20 13.58
CA ASP A 92 13.45 -3.14 14.83
C ASP A 92 12.53 -1.92 14.86
N LEU A 93 11.86 -1.65 13.70
CA LEU A 93 10.99 -0.47 13.53
C LEU A 93 9.87 -0.39 14.59
N LYS A 94 9.34 -1.55 15.02
CA LYS A 94 8.24 -1.61 16.02
C LYS A 94 8.60 -0.83 17.31
N ASN A 95 9.91 -0.88 17.68
CA ASN A 95 10.48 -0.18 18.85
C ASN A 95 10.29 1.35 18.75
N LYS A 96 10.51 1.90 17.55
CA LYS A 96 10.35 3.35 17.32
C LYS A 96 8.87 3.70 17.08
N LEU A 97 8.12 2.83 16.38
CA LEU A 97 6.73 3.13 15.92
C LEU A 97 5.75 3.23 17.10
N GLN A 98 6.02 2.47 18.17
CA GLN A 98 5.19 2.49 19.39
C GLN A 98 5.30 3.82 20.17
N THR A 99 6.34 4.66 19.87
CA THR A 99 6.60 5.89 20.65
C THR A 99 6.58 7.19 19.79
N LEU A 100 6.93 7.12 18.48
CA LEU A 100 6.97 8.35 17.62
C LEU A 100 5.56 8.78 17.14
N SER A 101 5.52 9.84 16.32
CA SER A 101 4.28 10.40 15.75
C SER A 101 3.83 9.61 14.50
N ASP A 102 2.52 9.66 14.19
CA ASP A 102 1.95 9.07 12.96
C ASP A 102 2.55 9.75 11.72
N ASP A 103 2.96 11.02 11.87
CA ASP A 103 3.63 11.78 10.80
C ASP A 103 5.02 11.22 10.52
N GLU A 104 5.69 10.76 11.59
CA GLU A 104 7.04 10.16 11.49
C GLU A 104 6.96 8.76 10.84
N LYS A 105 5.81 8.09 11.02
CA LYS A 105 5.51 6.84 10.30
C LYS A 105 5.34 7.12 8.78
N LEU A 106 4.64 8.25 8.48
CA LEU A 106 4.46 8.74 7.08
C LEU A 106 5.84 9.04 6.44
N GLU A 107 6.76 9.63 7.24
CA GLU A 107 8.13 9.95 6.79
C GLU A 107 8.87 8.68 6.36
N LEU A 108 8.80 7.63 7.20
CA LEU A 108 9.43 6.32 6.94
C LEU A 108 8.94 5.69 5.63
N LEU A 109 7.62 5.69 5.45
CA LEU A 109 6.98 5.14 4.23
C LEU A 109 7.45 5.91 2.96
N SER A 110 7.64 7.24 3.10
CA SER A 110 8.12 8.09 2.00
C SER A 110 9.64 7.92 1.77
N SER A 111 10.38 7.56 2.83
CA SER A 111 11.84 7.37 2.77
C SER A 111 12.18 6.12 1.95
N ASP A 112 11.37 5.06 2.15
CA ASP A 112 11.53 3.79 1.44
C ASP A 112 10.16 3.21 1.05
N GLY A 113 9.97 2.97 -0.27
CA GLY A 113 8.80 2.24 -0.77
C GLY A 113 8.84 0.75 -0.41
N MET A 114 10.04 0.27 -0.01
CA MET A 114 10.23 -1.08 0.53
C MET A 114 9.69 -1.18 1.97
N LEU A 115 9.68 -0.04 2.70
CA LEU A 115 9.04 0.03 4.04
C LEU A 115 7.52 -0.06 3.91
N VAL A 116 7.00 0.42 2.77
CA VAL A 116 5.58 0.29 2.43
C VAL A 116 5.31 -1.14 1.92
N LYS A 117 4.07 -1.60 2.09
CA LYS A 117 3.59 -2.86 1.54
C LYS A 117 3.63 -2.77 0.00
N ARG A 118 4.48 -3.61 -0.62
CA ARG A 118 4.61 -3.70 -2.08
C ARG A 118 3.23 -3.92 -2.76
N PRO A 119 2.36 -4.90 -2.31
CA PRO A 119 0.99 -5.00 -2.81
C PRO A 119 0.11 -3.91 -2.15
N LEU A 120 -0.11 -2.82 -2.88
CA LEU A 120 -1.04 -1.76 -2.49
C LEU A 120 -1.78 -1.31 -3.74
N ALA A 121 -3.04 -0.92 -3.58
CA ALA A 121 -3.88 -0.40 -4.65
C ALA A 121 -4.74 0.70 -4.05
N VAL A 122 -4.49 1.96 -4.44
CA VAL A 122 -5.21 3.13 -3.88
C VAL A 122 -5.94 3.89 -4.99
N MET A 123 -7.01 4.59 -4.61
CA MET A 123 -7.80 5.46 -5.49
C MET A 123 -8.18 6.73 -4.69
N GLY A 124 -9.18 7.50 -5.18
CA GLY A 124 -9.65 8.70 -4.51
C GLY A 124 -10.15 8.45 -3.08
N ASP A 125 -11.11 7.53 -2.93
CA ASP A 125 -11.78 7.26 -1.63
C ASP A 125 -11.68 5.77 -1.23
N LYS A 126 -10.96 4.97 -2.04
CA LYS A 126 -10.88 3.49 -1.87
C LYS A 126 -9.41 3.01 -1.87
N ILE A 127 -9.11 1.89 -1.13
CA ILE A 127 -7.74 1.33 -1.03
C ILE A 127 -7.78 -0.15 -0.55
N THR A 128 -6.82 -0.97 -1.04
CA THR A 128 -6.62 -2.36 -0.60
C THR A 128 -5.11 -2.63 -0.38
N LEU A 129 -4.78 -3.25 0.78
CA LEU A 129 -3.39 -3.66 1.11
C LEU A 129 -3.27 -5.19 1.06
N GLY A 130 -2.12 -5.67 0.56
CA GLY A 130 -1.87 -7.09 0.32
C GLY A 130 -2.72 -7.66 -0.82
N PHE A 131 -2.48 -8.94 -1.18
CA PHE A 131 -3.39 -9.66 -2.09
C PHE A 131 -4.58 -10.14 -1.25
N LYS A 132 -5.59 -9.28 -1.11
CA LYS A 132 -6.81 -9.57 -0.37
C LYS A 132 -7.99 -9.54 -1.35
N GLU A 133 -8.36 -10.72 -1.89
CA GLU A 133 -9.50 -10.84 -2.84
C GLU A 133 -10.81 -10.42 -2.15
N ASP A 134 -10.90 -10.74 -0.85
CA ASP A 134 -12.02 -10.32 0.00
C ASP A 134 -12.15 -8.78 0.01
N GLN A 135 -11.02 -8.09 0.27
CA GLN A 135 -10.99 -6.62 0.25
C GLN A 135 -11.14 -6.06 -1.17
N TYR A 136 -10.77 -6.81 -2.22
CA TYR A 136 -10.95 -6.37 -3.61
C TYR A 136 -12.45 -6.27 -3.96
N LYS A 137 -13.23 -7.30 -3.57
CA LYS A 137 -14.70 -7.31 -3.79
C LYS A 137 -15.44 -6.41 -2.78
N GLU A 138 -14.80 -6.17 -1.63
CA GLU A 138 -15.34 -5.27 -0.59
C GLU A 138 -15.19 -3.79 -1.00
N THR A 139 -14.02 -3.45 -1.56
CA THR A 139 -13.59 -2.05 -1.74
C THR A 139 -13.82 -1.55 -3.18
N TRP A 140 -13.42 -2.34 -4.18
CA TRP A 140 -13.50 -1.94 -5.60
C TRP A 140 -14.87 -2.32 -6.20
N LEU A 141 -15.37 -3.49 -5.80
CA LEU A 141 -16.49 -4.17 -6.48
C LEU A 141 -17.76 -4.16 -5.60
N ALA A 142 -18.79 -4.92 -6.07
CA ALA A 142 -20.07 -5.13 -5.37
C ALA A 142 -20.83 -3.78 -5.14
N MET A 25 -6.11 6.54 -12.72
CA MET A 25 -7.08 5.57 -12.19
C MET A 25 -6.55 4.96 -10.88
N ILE A 26 -7.16 3.84 -10.41
CA ILE A 26 -6.79 3.17 -9.13
C ILE A 26 -5.29 2.90 -9.07
N LYS A 27 -4.59 3.66 -8.23
CA LYS A 27 -3.12 3.63 -8.13
C LYS A 27 -2.64 2.28 -7.56
N PHE A 28 -2.51 1.32 -8.47
CA PHE A 28 -2.07 -0.04 -8.16
C PHE A 28 -0.54 -0.05 -8.07
N TYR A 29 -0.03 0.20 -6.87
CA TYR A 29 1.40 0.14 -6.61
C TYR A 29 1.84 -1.33 -6.52
N GLN A 30 2.95 -1.66 -7.18
CA GLN A 30 3.58 -2.99 -7.12
C GLN A 30 5.09 -2.84 -7.33
N TYR A 31 5.83 -3.93 -7.15
CA TYR A 31 7.24 -4.02 -7.53
C TYR A 31 7.63 -5.49 -7.66
N LYS A 32 8.52 -5.76 -8.65
CA LYS A 32 8.99 -7.12 -9.01
C LYS A 32 7.87 -7.94 -9.68
N ASN A 33 8.25 -8.81 -10.63
CA ASN A 33 7.31 -9.72 -11.32
C ASN A 33 6.82 -10.80 -10.34
N CYS A 34 5.85 -10.43 -9.51
CA CYS A 34 5.31 -11.25 -8.43
C CYS A 34 4.01 -11.94 -8.87
N THR A 35 3.79 -13.16 -8.38
CA THR A 35 2.54 -13.90 -8.58
C THR A 35 1.35 -13.16 -7.93
N THR A 36 1.67 -12.41 -6.85
CA THR A 36 0.72 -11.52 -6.15
C THR A 36 0.20 -10.43 -7.11
N CYS A 37 1.15 -9.78 -7.82
CA CYS A 37 0.89 -8.72 -8.80
C CYS A 37 0.12 -9.27 -10.02
N LYS A 38 0.49 -10.50 -10.43
CA LYS A 38 -0.12 -11.20 -11.58
C LYS A 38 -1.60 -11.52 -11.32
N LYS A 39 -1.86 -12.13 -10.16
CA LYS A 39 -3.21 -12.55 -9.74
C LYS A 39 -4.12 -11.34 -9.45
N ALA A 40 -3.52 -10.27 -8.89
CA ALA A 40 -4.22 -9.01 -8.60
C ALA A 40 -4.69 -8.35 -9.91
N ALA A 41 -3.73 -8.20 -10.85
CA ALA A 41 -3.98 -7.63 -12.19
C ALA A 41 -4.98 -8.48 -13.01
N LYS A 42 -4.90 -9.81 -12.81
CA LYS A 42 -5.78 -10.82 -13.45
C LYS A 42 -7.24 -10.61 -13.04
N PHE A 43 -7.47 -10.50 -11.72
CA PHE A 43 -8.82 -10.40 -11.12
C PHE A 43 -9.46 -9.03 -11.45
N LEU A 44 -8.67 -7.96 -11.26
CA LEU A 44 -9.09 -6.57 -11.53
C LEU A 44 -9.49 -6.43 -13.02
N ASP A 45 -8.59 -6.83 -13.94
CA ASP A 45 -8.85 -6.72 -15.39
C ASP A 45 -9.95 -7.69 -15.86
N GLU A 46 -10.16 -8.81 -15.12
CA GLU A 46 -11.30 -9.73 -15.36
C GLU A 46 -12.64 -8.98 -15.23
N TYR A 47 -12.75 -8.17 -14.17
CA TYR A 47 -13.94 -7.31 -13.94
C TYR A 47 -13.88 -5.98 -14.72
N GLY A 48 -12.76 -5.76 -15.45
CA GLY A 48 -12.57 -4.53 -16.26
C GLY A 48 -12.25 -3.30 -15.40
N VAL A 49 -11.78 -3.56 -14.17
CA VAL A 49 -11.42 -2.54 -13.18
C VAL A 49 -10.18 -1.77 -13.62
N SER A 50 -10.31 -0.45 -13.72
CA SER A 50 -9.23 0.43 -14.14
C SER A 50 -8.18 0.59 -13.03
N TYR A 51 -7.16 -0.28 -13.08
CA TYR A 51 -6.01 -0.27 -12.17
C TYR A 51 -4.80 0.32 -12.90
N GLU A 52 -3.97 1.05 -12.16
CA GLU A 52 -2.84 1.81 -12.71
C GLU A 52 -1.55 1.20 -12.15
N PRO A 53 -0.88 0.28 -12.91
CA PRO A 53 0.36 -0.37 -12.46
C PRO A 53 1.55 0.64 -12.44
N ILE A 54 1.93 1.06 -11.23
CA ILE A 54 3.04 2.02 -10.99
C ILE A 54 3.89 1.49 -9.82
N ASP A 55 5.22 1.55 -9.96
CA ASP A 55 6.15 0.92 -9.00
C ASP A 55 6.16 1.65 -7.65
N ILE A 56 6.07 0.87 -6.56
CA ILE A 56 5.96 1.37 -5.18
C ILE A 56 7.25 2.10 -4.72
N VAL A 57 8.43 1.63 -5.18
CA VAL A 57 9.74 2.21 -4.77
C VAL A 57 10.28 3.21 -5.81
N GLN A 58 9.89 3.02 -7.08
CA GLN A 58 10.35 3.88 -8.20
C GLN A 58 9.46 5.14 -8.29
N HIS A 59 8.20 5.00 -7.84
CA HIS A 59 7.20 6.08 -7.84
C HIS A 59 6.59 6.21 -6.44
N THR A 60 7.46 6.20 -5.39
CA THR A 60 7.03 6.25 -3.98
C THR A 60 6.26 7.56 -3.70
N PRO A 61 5.04 7.48 -3.07
CA PRO A 61 4.34 8.68 -2.56
C PRO A 61 5.18 9.38 -1.48
N THR A 62 5.13 10.72 -1.45
CA THR A 62 5.78 11.51 -0.39
C THR A 62 4.89 11.53 0.87
N ILE A 63 5.44 12.11 1.95
CA ILE A 63 4.75 12.23 3.26
C ILE A 63 3.38 12.91 3.10
N ASN A 64 3.34 13.91 2.21
CA ASN A 64 2.10 14.65 1.85
C ASN A 64 1.08 13.73 1.17
N GLU A 65 1.56 12.95 0.19
CA GLU A 65 0.70 12.07 -0.63
C GLU A 65 0.06 10.96 0.23
N PHE A 66 0.88 10.40 1.14
CA PHE A 66 0.43 9.38 2.10
C PHE A 66 -0.65 9.95 3.03
N LYS A 67 -0.34 11.05 3.77
CA LYS A 67 -1.29 11.62 4.75
C LYS A 67 -2.61 12.07 4.09
N THR A 68 -2.54 12.42 2.79
CA THR A 68 -3.72 12.72 1.97
C THR A 68 -4.60 11.46 1.80
N ILE A 69 -4.03 10.39 1.20
CA ILE A 69 -4.80 9.15 0.87
C ILE A 69 -5.35 8.47 2.13
N ILE A 70 -4.67 8.69 3.28
CA ILE A 70 -5.04 8.14 4.59
C ILE A 70 -6.17 8.98 5.23
N ALA A 71 -6.11 10.31 5.04
CA ALA A 71 -7.17 11.24 5.51
C ALA A 71 -8.42 11.11 4.63
N ASN A 72 -8.24 10.72 3.37
CA ASN A 72 -9.31 10.64 2.35
C ASN A 72 -10.07 9.32 2.48
N THR A 73 -9.37 8.18 2.43
CA THR A 73 -9.98 6.84 2.50
C THR A 73 -10.32 6.47 3.96
N GLY A 74 -9.38 6.78 4.87
CA GLY A 74 -9.49 6.42 6.29
C GLY A 74 -8.72 5.16 6.65
N VAL A 75 -7.70 4.82 5.82
CA VAL A 75 -6.90 3.59 6.01
C VAL A 75 -5.91 3.77 7.18
N GLU A 76 -5.56 2.65 7.83
CA GLU A 76 -4.53 2.62 8.87
C GLU A 76 -3.16 2.89 8.26
N ILE A 77 -2.42 3.81 8.87
CA ILE A 77 -1.07 4.19 8.43
C ILE A 77 -0.09 3.04 8.81
N ASN A 78 -0.40 2.35 9.92
CA ASN A 78 0.39 1.22 10.43
C ASN A 78 0.32 0.00 9.50
N LYS A 79 -0.85 -0.26 8.88
CA LYS A 79 -1.02 -1.43 7.98
C LYS A 79 -0.27 -1.24 6.63
N LEU A 80 0.10 0.03 6.32
CA LEU A 80 0.84 0.37 5.08
C LEU A 80 2.31 -0.09 5.16
N PHE A 81 2.82 -0.28 6.39
CA PHE A 81 4.16 -0.83 6.61
C PHE A 81 4.24 -2.30 6.18
N ASN A 82 5.44 -2.70 5.71
CA ASN A 82 5.82 -4.11 5.48
C ASN A 82 5.80 -4.87 6.83
N THR A 83 4.59 -5.15 7.32
CA THR A 83 4.35 -5.69 8.66
C THR A 83 5.00 -7.09 8.83
N HIS A 84 6.05 -7.14 9.66
CA HIS A 84 6.85 -8.36 9.97
C HIS A 84 7.69 -8.83 8.74
N GLY A 85 7.67 -8.04 7.66
CA GLY A 85 8.33 -8.40 6.39
C GLY A 85 9.80 -8.00 6.37
N ALA A 86 10.60 -8.71 7.18
CA ALA A 86 12.07 -8.54 7.32
C ALA A 86 12.45 -7.18 7.95
N LYS A 87 12.31 -6.08 7.19
CA LYS A 87 12.83 -4.75 7.60
C LYS A 87 12.10 -4.17 8.82
N TYR A 88 10.86 -4.59 9.03
CA TYR A 88 10.04 -4.15 10.18
C TYR A 88 10.69 -4.55 11.53
N ARG A 89 11.43 -5.68 11.52
CA ARG A 89 12.13 -6.23 12.71
C ARG A 89 13.64 -5.93 12.60
N GLU A 90 14.14 -5.85 11.35
CA GLU A 90 15.55 -5.59 11.02
C GLU A 90 15.98 -4.22 11.56
N LEU A 91 15.23 -3.20 11.13
CA LEU A 91 15.39 -1.81 11.57
C LEU A 91 14.87 -1.65 13.00
N ASP A 92 14.08 -2.66 13.47
CA ASP A 92 13.48 -2.69 14.81
C ASP A 92 12.49 -1.52 14.91
N LEU A 93 11.64 -1.43 13.86
CA LEU A 93 10.67 -0.33 13.69
C LEU A 93 9.61 -0.33 14.80
N LYS A 94 9.15 -1.50 15.24
CA LYS A 94 8.06 -1.63 16.25
C LYS A 94 8.41 -0.85 17.56
N ASN A 95 9.72 -0.92 17.91
CA ASN A 95 10.32 -0.20 19.05
C ASN A 95 10.05 1.30 18.98
N LYS A 96 10.28 1.89 17.79
CA LYS A 96 10.09 3.34 17.59
C LYS A 96 8.61 3.66 17.28
N LEU A 97 7.89 2.77 16.57
CA LEU A 97 6.51 3.06 16.05
C LEU A 97 5.47 3.16 17.17
N GLN A 98 5.74 2.46 18.29
CA GLN A 98 4.89 2.52 19.49
C GLN A 98 4.90 3.91 20.16
N THR A 99 5.96 4.72 19.90
CA THR A 99 6.20 5.98 20.63
C THR A 99 6.27 7.24 19.72
N LEU A 100 6.73 7.10 18.44
CA LEU A 100 6.89 8.27 17.55
C LEU A 100 5.55 8.78 17.00
N SER A 101 5.61 9.90 16.27
CA SER A 101 4.45 10.55 15.65
C SER A 101 3.99 9.75 14.40
N ASP A 102 2.71 9.82 14.05
CA ASP A 102 2.18 9.19 12.82
C ASP A 102 2.80 9.85 11.57
N ASP A 103 3.31 11.09 11.73
CA ASP A 103 4.02 11.80 10.66
C ASP A 103 5.41 11.18 10.41
N GLU A 104 6.05 10.69 11.49
CA GLU A 104 7.36 9.99 11.41
C GLU A 104 7.19 8.59 10.76
N LYS A 105 6.00 7.98 10.97
CA LYS A 105 5.61 6.74 10.28
C LYS A 105 5.53 7.00 8.75
N LEU A 106 4.87 8.13 8.40
CA LEU A 106 4.74 8.61 7.00
C LEU A 106 6.13 8.82 6.38
N GLU A 107 7.07 9.39 7.17
CA GLU A 107 8.47 9.62 6.74
C GLU A 107 9.14 8.30 6.31
N LEU A 108 9.05 7.27 7.17
CA LEU A 108 9.61 5.92 6.90
C LEU A 108 9.09 5.34 5.57
N LEU A 109 7.76 5.41 5.39
CA LEU A 109 7.08 4.92 4.16
C LEU A 109 7.55 5.68 2.90
N SER A 110 7.75 6.99 3.05
CA SER A 110 8.17 7.88 1.95
C SER A 110 9.67 7.70 1.60
N SER A 111 10.45 7.31 2.63
CA SER A 111 11.90 7.10 2.50
C SER A 111 12.19 5.82 1.72
N ASP A 112 11.37 4.78 1.94
CA ASP A 112 11.52 3.48 1.26
C ASP A 112 10.16 2.93 0.81
N GLY A 113 10.02 2.70 -0.51
CA GLY A 113 8.84 2.06 -1.08
C GLY A 113 8.74 0.58 -0.72
N MET A 114 9.88 -0.02 -0.33
CA MET A 114 9.90 -1.42 0.16
C MET A 114 9.42 -1.47 1.63
N LEU A 115 9.59 -0.35 2.38
CA LEU A 115 9.01 -0.18 3.74
C LEU A 115 7.48 -0.09 3.69
N VAL A 116 6.96 0.30 2.53
CA VAL A 116 5.52 0.21 2.23
C VAL A 116 5.21 -1.20 1.71
N LYS A 117 3.95 -1.63 1.83
CA LYS A 117 3.48 -2.86 1.22
C LYS A 117 3.54 -2.71 -0.31
N ARG A 118 4.40 -3.53 -0.94
CA ARG A 118 4.57 -3.56 -2.40
C ARG A 118 3.21 -3.77 -3.13
N PRO A 119 2.36 -4.80 -2.74
CA PRO A 119 0.98 -4.89 -3.28
C PRO A 119 0.05 -3.90 -2.53
N LEU A 120 -0.25 -2.78 -3.19
CA LEU A 120 -1.19 -1.76 -2.70
C LEU A 120 -1.97 -1.21 -3.91
N ALA A 121 -3.21 -0.81 -3.68
CA ALA A 121 -4.07 -0.16 -4.69
C ALA A 121 -4.88 0.92 -3.98
N VAL A 122 -4.70 2.20 -4.33
CA VAL A 122 -5.30 3.33 -3.59
C VAL A 122 -6.01 4.33 -4.53
N MET A 123 -7.02 5.02 -3.96
CA MET A 123 -7.70 6.18 -4.54
C MET A 123 -8.00 7.18 -3.40
N GLY A 124 -8.93 8.11 -3.63
CA GLY A 124 -9.37 9.06 -2.59
C GLY A 124 -10.54 8.53 -1.78
N ASP A 125 -11.32 7.61 -2.36
CA ASP A 125 -12.49 7.01 -1.69
C ASP A 125 -12.12 5.65 -1.06
N LYS A 126 -11.33 4.84 -1.80
CA LYS A 126 -11.11 3.42 -1.48
C LYS A 126 -9.62 3.05 -1.54
N ILE A 127 -9.28 1.89 -0.91
CA ILE A 127 -7.90 1.35 -0.88
C ILE A 127 -7.89 -0.14 -0.43
N THR A 128 -7.00 -0.96 -1.02
CA THR A 128 -6.76 -2.36 -0.66
C THR A 128 -5.25 -2.62 -0.46
N LEU A 129 -4.90 -3.36 0.60
CA LEU A 129 -3.52 -3.79 0.88
C LEU A 129 -3.41 -5.32 0.71
N GLY A 130 -2.32 -5.74 0.05
CA GLY A 130 -2.06 -7.15 -0.24
C GLY A 130 -2.99 -7.73 -1.30
N PHE A 131 -2.83 -9.05 -1.58
CA PHE A 131 -3.74 -9.79 -2.44
C PHE A 131 -4.82 -10.45 -1.58
N LYS A 132 -6.01 -9.82 -1.55
CA LYS A 132 -7.22 -10.40 -0.94
C LYS A 132 -8.40 -10.18 -1.90
N GLU A 133 -8.97 -11.29 -2.40
CA GLU A 133 -10.16 -11.28 -3.27
C GLU A 133 -11.34 -10.57 -2.58
N ASP A 134 -11.51 -10.89 -1.28
CA ASP A 134 -12.54 -10.29 -0.41
C ASP A 134 -12.45 -8.75 -0.41
N GLN A 135 -11.22 -8.25 -0.20
CA GLN A 135 -10.94 -6.80 -0.27
C GLN A 135 -11.26 -6.21 -1.65
N TYR A 136 -10.89 -6.90 -2.73
CA TYR A 136 -11.12 -6.38 -4.11
C TYR A 136 -12.62 -6.27 -4.43
N LYS A 137 -13.42 -7.29 -4.02
CA LYS A 137 -14.86 -7.34 -4.31
C LYS A 137 -15.66 -6.40 -3.41
N GLU A 138 -15.16 -6.18 -2.18
CA GLU A 138 -15.81 -5.29 -1.20
C GLU A 138 -15.50 -3.82 -1.51
N THR A 139 -14.24 -3.53 -1.82
CA THR A 139 -13.71 -2.17 -1.92
C THR A 139 -13.89 -1.58 -3.34
N TRP A 140 -13.59 -2.38 -4.39
CA TRP A 140 -13.60 -1.90 -5.79
C TRP A 140 -14.89 -2.30 -6.54
N LEU A 141 -15.38 -3.53 -6.29
CA LEU A 141 -16.49 -4.15 -7.08
C LEU A 141 -17.87 -3.89 -6.46
N ALA A 142 -18.91 -4.52 -7.07
CA ALA A 142 -20.34 -4.30 -6.77
C ALA A 142 -20.81 -2.93 -7.33
N MET A 25 -5.96 7.34 -12.23
CA MET A 25 -6.96 6.32 -11.81
C MET A 25 -6.46 5.60 -10.54
N ILE A 26 -7.11 4.47 -10.18
CA ILE A 26 -6.81 3.67 -8.97
C ILE A 26 -5.30 3.33 -8.88
N LYS A 27 -4.59 4.06 -8.02
CA LYS A 27 -3.13 3.94 -7.84
C LYS A 27 -2.73 2.53 -7.36
N PHE A 28 -2.55 1.62 -8.32
CA PHE A 28 -2.20 0.22 -8.07
C PHE A 28 -0.68 0.12 -7.96
N TYR A 29 -0.18 0.22 -6.72
CA TYR A 29 1.24 0.06 -6.43
C TYR A 29 1.58 -1.44 -6.31
N GLN A 30 2.54 -1.87 -7.11
CA GLN A 30 2.96 -3.28 -7.20
C GLN A 30 4.49 -3.35 -7.30
N TYR A 31 5.04 -4.53 -7.55
CA TYR A 31 6.45 -4.70 -7.91
C TYR A 31 6.65 -6.06 -8.58
N LYS A 32 7.83 -6.23 -9.23
CA LYS A 32 8.26 -7.51 -9.80
C LYS A 32 8.81 -8.40 -8.65
N ASN A 33 7.89 -8.74 -7.74
CA ASN A 33 8.16 -9.49 -6.51
C ASN A 33 6.81 -9.90 -5.92
N CYS A 34 6.68 -11.20 -5.58
CA CYS A 34 5.41 -11.86 -5.20
C CYS A 34 4.47 -12.01 -6.41
N THR A 35 3.82 -13.18 -6.51
CA THR A 35 2.90 -13.51 -7.62
C THR A 35 1.57 -12.74 -7.53
N THR A 36 1.38 -11.99 -6.40
CA THR A 36 0.27 -11.04 -6.23
C THR A 36 0.21 -10.03 -7.38
N CYS A 37 1.39 -9.61 -7.87
CA CYS A 37 1.54 -8.66 -9.00
C CYS A 37 0.60 -9.02 -10.17
N LYS A 38 0.71 -10.28 -10.63
CA LYS A 38 0.00 -10.78 -11.81
C LYS A 38 -1.46 -11.09 -11.51
N LYS A 39 -1.74 -11.65 -10.32
CA LYS A 39 -3.09 -12.09 -9.92
C LYS A 39 -4.01 -10.89 -9.66
N ALA A 40 -3.50 -9.92 -8.89
CA ALA A 40 -4.22 -8.68 -8.54
C ALA A 40 -4.45 -7.82 -9.79
N ALA A 41 -3.39 -7.66 -10.62
CA ALA A 41 -3.50 -6.91 -11.90
C ALA A 41 -4.56 -7.54 -12.82
N LYS A 42 -4.57 -8.88 -12.88
CA LYS A 42 -5.51 -9.64 -13.72
C LYS A 42 -6.95 -9.57 -13.17
N PHE A 43 -7.09 -9.57 -11.85
CA PHE A 43 -8.42 -9.54 -11.16
C PHE A 43 -9.13 -8.21 -11.49
N LEU A 44 -8.38 -7.12 -11.34
CA LEU A 44 -8.82 -5.75 -11.67
C LEU A 44 -9.06 -5.63 -13.20
N ASP A 45 -8.22 -6.30 -14.00
CA ASP A 45 -8.39 -6.36 -15.48
C ASP A 45 -9.65 -7.15 -15.87
N GLU A 46 -9.93 -8.21 -15.10
CA GLU A 46 -11.03 -9.17 -15.36
C GLU A 46 -12.38 -8.46 -15.27
N TYR A 47 -12.54 -7.67 -14.20
CA TYR A 47 -13.78 -6.92 -13.95
C TYR A 47 -13.80 -5.55 -14.69
N GLY A 48 -12.72 -5.22 -15.41
CA GLY A 48 -12.65 -3.99 -16.20
C GLY A 48 -12.40 -2.74 -15.36
N VAL A 49 -11.82 -2.94 -14.17
CA VAL A 49 -11.41 -1.88 -13.25
C VAL A 49 -10.18 -1.14 -13.80
N SER A 50 -10.27 0.19 -13.93
CA SER A 50 -9.15 1.02 -14.38
C SER A 50 -8.11 1.17 -13.24
N TYR A 51 -7.09 0.30 -13.28
CA TYR A 51 -6.00 0.29 -12.30
C TYR A 51 -4.73 0.88 -12.93
N GLU A 52 -4.05 1.74 -12.18
CA GLU A 52 -2.82 2.43 -12.60
C GLU A 52 -1.61 1.63 -12.13
N PRO A 53 -0.94 0.83 -13.04
CA PRO A 53 0.20 -0.03 -12.68
C PRO A 53 1.47 0.80 -12.51
N ILE A 54 1.79 1.12 -11.25
CA ILE A 54 2.99 1.88 -10.86
C ILE A 54 3.70 1.12 -9.74
N ASP A 55 5.04 1.04 -9.80
CA ASP A 55 5.84 0.27 -8.83
C ASP A 55 5.97 1.03 -7.51
N ILE A 56 5.94 0.28 -6.40
CA ILE A 56 5.86 0.82 -5.03
C ILE A 56 7.15 1.56 -4.62
N VAL A 57 8.31 1.07 -5.09
CA VAL A 57 9.64 1.68 -4.78
C VAL A 57 10.05 2.67 -5.88
N GLN A 58 9.71 2.34 -7.13
CA GLN A 58 10.08 3.14 -8.32
C GLN A 58 9.24 4.44 -8.36
N HIS A 59 8.07 4.41 -7.69
CA HIS A 59 7.10 5.52 -7.67
C HIS A 59 6.54 5.73 -6.24
N THR A 60 7.42 5.55 -5.21
CA THR A 60 7.03 5.73 -3.79
C THR A 60 6.42 7.14 -3.55
N PRO A 61 5.14 7.23 -3.06
CA PRO A 61 4.47 8.53 -2.77
C PRO A 61 5.23 9.36 -1.71
N THR A 62 4.98 10.68 -1.69
CA THR A 62 5.53 11.58 -0.67
C THR A 62 4.73 11.47 0.63
N ILE A 63 5.27 12.08 1.70
CA ILE A 63 4.62 12.16 3.03
C ILE A 63 3.21 12.77 2.88
N ASN A 64 3.11 13.77 1.99
CA ASN A 64 1.87 14.50 1.69
C ASN A 64 0.85 13.58 1.02
N GLU A 65 1.30 12.84 -0.02
CA GLU A 65 0.44 11.90 -0.77
C GLU A 65 -0.12 10.80 0.13
N PHE A 66 0.74 10.27 1.02
CA PHE A 66 0.36 9.23 1.99
C PHE A 66 -0.74 9.76 2.93
N LYS A 67 -0.48 10.87 3.66
CA LYS A 67 -1.45 11.41 4.64
C LYS A 67 -2.79 11.79 3.97
N THR A 68 -2.73 12.19 2.68
CA THR A 68 -3.93 12.50 1.87
C THR A 68 -4.78 11.23 1.66
N ILE A 69 -4.17 10.16 1.13
CA ILE A 69 -4.90 8.91 0.79
C ILE A 69 -5.44 8.23 2.06
N ILE A 70 -4.73 8.39 3.18
CA ILE A 70 -5.10 7.83 4.50
C ILE A 70 -6.27 8.63 5.11
N ALA A 71 -6.32 9.94 4.82
CA ALA A 71 -7.43 10.81 5.27
C ALA A 71 -8.73 10.48 4.49
N ASN A 72 -8.62 10.29 3.17
CA ASN A 72 -9.78 10.07 2.28
C ASN A 72 -10.34 8.64 2.43
N THR A 73 -9.46 7.63 2.40
CA THR A 73 -9.86 6.20 2.49
C THR A 73 -10.13 5.81 3.95
N GLY A 74 -9.34 6.37 4.87
CA GLY A 74 -9.43 6.04 6.29
C GLY A 74 -8.73 4.72 6.62
N VAL A 75 -7.62 4.45 5.91
CA VAL A 75 -6.83 3.22 6.09
C VAL A 75 -5.90 3.34 7.30
N GLU A 76 -5.62 2.21 7.95
CA GLU A 76 -4.58 2.13 8.98
C GLU A 76 -3.20 2.45 8.37
N ILE A 77 -2.52 3.43 8.96
CA ILE A 77 -1.17 3.85 8.56
C ILE A 77 -0.17 2.72 8.91
N ASN A 78 -0.50 1.94 9.95
CA ASN A 78 0.33 0.86 10.47
C ASN A 78 0.38 -0.35 9.50
N LYS A 79 -0.75 -0.63 8.79
CA LYS A 79 -0.82 -1.76 7.84
C LYS A 79 -0.13 -1.44 6.51
N LEU A 80 0.22 -0.15 6.29
CA LEU A 80 0.97 0.29 5.11
C LEU A 80 2.45 -0.14 5.23
N PHE A 81 2.92 -0.25 6.49
CA PHE A 81 4.24 -0.84 6.78
C PHE A 81 4.28 -2.32 6.40
N ASN A 82 5.51 -2.77 6.06
CA ASN A 82 5.84 -4.19 5.86
C ASN A 82 5.36 -4.99 7.08
N THR A 83 4.11 -5.52 6.99
CA THR A 83 3.39 -6.10 8.13
C THR A 83 4.14 -7.32 8.68
N HIS A 84 4.99 -7.03 9.70
CA HIS A 84 6.04 -7.95 10.20
C HIS A 84 7.04 -8.23 9.05
N GLY A 85 6.66 -9.16 8.14
CA GLY A 85 7.38 -9.40 6.88
C GLY A 85 8.82 -9.88 7.08
N ALA A 86 9.71 -8.91 7.34
CA ALA A 86 11.13 -9.16 7.67
C ALA A 86 11.72 -7.89 8.32
N LYS A 87 11.63 -6.76 7.58
CA LYS A 87 12.37 -5.52 7.89
C LYS A 87 11.76 -4.74 9.07
N TYR A 88 10.45 -4.89 9.29
CA TYR A 88 9.72 -4.21 10.40
C TYR A 88 10.39 -4.51 11.77
N ARG A 89 10.97 -5.72 11.88
CA ARG A 89 11.63 -6.19 13.12
C ARG A 89 13.15 -6.30 12.94
N GLU A 90 13.61 -6.36 11.67
CA GLU A 90 15.05 -6.40 11.33
C GLU A 90 15.68 -5.05 11.68
N LEU A 91 15.02 -3.98 11.23
CA LEU A 91 15.36 -2.58 11.58
C LEU A 91 14.83 -2.28 13.00
N ASP A 92 13.80 -3.06 13.40
CA ASP A 92 13.14 -2.98 14.72
C ASP A 92 12.42 -1.63 14.85
N LEU A 93 11.76 -1.21 13.75
CA LEU A 93 11.07 0.10 13.65
C LEU A 93 9.99 0.25 14.72
N LYS A 94 9.35 -0.87 15.12
CA LYS A 94 8.29 -0.90 16.16
C LYS A 94 8.68 -0.09 17.42
N ASN A 95 9.96 -0.23 17.82
CA ASN A 95 10.56 0.46 18.97
C ASN A 95 10.40 1.99 18.86
N LYS A 96 10.69 2.56 17.68
CA LYS A 96 10.52 4.01 17.45
C LYS A 96 9.03 4.35 17.19
N LEU A 97 8.28 3.43 16.53
CA LEU A 97 6.90 3.70 16.05
C LEU A 97 5.91 3.93 17.21
N GLN A 98 6.17 3.26 18.34
CA GLN A 98 5.34 3.38 19.56
C GLN A 98 5.59 4.71 20.32
N THR A 99 6.65 5.45 19.96
CA THR A 99 7.07 6.68 20.69
C THR A 99 7.25 7.91 19.76
N LEU A 100 7.12 7.75 18.41
CA LEU A 100 7.10 8.91 17.47
C LEU A 100 5.65 9.38 17.19
N SER A 101 5.49 10.24 16.17
CA SER A 101 4.18 10.70 15.67
C SER A 101 3.83 9.94 14.37
N ASP A 102 2.52 9.83 14.04
CA ASP A 102 2.03 9.16 12.81
C ASP A 102 2.61 9.81 11.53
N ASP A 103 3.02 11.08 11.65
CA ASP A 103 3.67 11.84 10.56
C ASP A 103 5.06 11.27 10.23
N GLU A 104 5.77 10.82 11.28
CA GLU A 104 7.12 10.25 11.17
C GLU A 104 7.08 8.82 10.60
N LYS A 105 5.95 8.14 10.81
CA LYS A 105 5.66 6.85 10.16
C LYS A 105 5.56 7.04 8.64
N LEU A 106 4.80 8.10 8.26
CA LEU A 106 4.62 8.53 6.86
C LEU A 106 5.99 8.85 6.20
N GLU A 107 6.89 9.49 6.98
CA GLU A 107 8.27 9.78 6.54
C GLU A 107 9.03 8.49 6.17
N LEU A 108 8.99 7.48 7.07
CA LEU A 108 9.67 6.18 6.86
C LEU A 108 9.17 5.46 5.58
N LEU A 109 7.83 5.49 5.38
CA LEU A 109 7.19 4.90 4.18
C LEU A 109 7.67 5.61 2.90
N SER A 110 7.74 6.95 2.96
CA SER A 110 8.16 7.78 1.81
C SER A 110 9.67 7.62 1.52
N SER A 111 10.44 7.26 2.56
CA SER A 111 11.88 7.05 2.46
C SER A 111 12.22 5.70 1.82
N ASP A 112 11.36 4.69 2.03
CA ASP A 112 11.61 3.32 1.51
C ASP A 112 10.31 2.68 0.98
N GLY A 113 10.31 2.35 -0.32
CA GLY A 113 9.14 1.74 -0.96
C GLY A 113 8.92 0.28 -0.58
N MET A 114 9.99 -0.39 -0.12
CA MET A 114 9.90 -1.77 0.41
C MET A 114 9.32 -1.76 1.84
N LEU A 115 9.53 -0.64 2.58
CA LEU A 115 8.88 -0.42 3.89
C LEU A 115 7.38 -0.27 3.73
N VAL A 116 6.94 0.23 2.57
CA VAL A 116 5.51 0.17 2.19
C VAL A 116 5.23 -1.24 1.63
N LYS A 117 3.99 -1.71 1.82
CA LYS A 117 3.55 -3.00 1.29
C LYS A 117 3.59 -2.97 -0.24
N ARG A 118 4.45 -3.83 -0.84
CA ARG A 118 4.61 -3.98 -2.30
C ARG A 118 3.24 -4.16 -3.02
N PRO A 119 2.30 -5.03 -2.53
CA PRO A 119 0.91 -5.00 -3.01
C PRO A 119 0.05 -3.96 -2.25
N LEU A 120 -0.34 -2.90 -2.97
CA LEU A 120 -1.24 -1.85 -2.48
C LEU A 120 -2.03 -1.32 -3.69
N ALA A 121 -3.34 -1.18 -3.54
CA ALA A 121 -4.21 -0.51 -4.52
C ALA A 121 -5.01 0.53 -3.77
N VAL A 122 -4.79 1.82 -4.08
CA VAL A 122 -5.47 2.94 -3.42
C VAL A 122 -6.16 3.85 -4.44
N MET A 123 -7.16 4.59 -3.97
CA MET A 123 -7.88 5.60 -4.74
C MET A 123 -8.11 6.80 -3.78
N GLY A 124 -8.79 7.86 -4.26
CA GLY A 124 -9.14 9.00 -3.39
C GLY A 124 -10.42 8.78 -2.56
N ASP A 125 -10.64 7.52 -2.13
CA ASP A 125 -11.90 7.11 -1.45
C ASP A 125 -11.79 5.65 -0.98
N LYS A 126 -11.29 4.79 -1.88
CA LYS A 126 -11.22 3.31 -1.66
C LYS A 126 -9.76 2.83 -1.57
N ILE A 127 -9.54 1.66 -0.91
CA ILE A 127 -8.17 1.07 -0.75
C ILE A 127 -8.22 -0.43 -0.37
N THR A 128 -7.15 -1.17 -0.75
CA THR A 128 -6.91 -2.58 -0.40
C THR A 128 -5.39 -2.81 -0.22
N LEU A 129 -4.99 -3.53 0.84
CA LEU A 129 -3.57 -3.85 1.13
C LEU A 129 -3.34 -5.37 1.04
N GLY A 130 -2.33 -5.77 0.25
CA GLY A 130 -2.01 -7.19 0.01
C GLY A 130 -2.94 -7.84 -1.02
N PHE A 131 -2.69 -9.13 -1.33
CA PHE A 131 -3.60 -9.92 -2.19
C PHE A 131 -4.82 -10.34 -1.36
N LYS A 132 -5.75 -9.41 -1.21
CA LYS A 132 -6.99 -9.63 -0.50
C LYS A 132 -8.11 -9.66 -1.52
N GLU A 133 -8.37 -10.84 -2.10
CA GLU A 133 -9.39 -11.04 -3.13
C GLU A 133 -10.79 -10.68 -2.59
N ASP A 134 -11.00 -11.04 -1.31
CA ASP A 134 -12.23 -10.70 -0.56
C ASP A 134 -12.39 -9.16 -0.43
N GLN A 135 -11.30 -8.47 -0.02
CA GLN A 135 -11.30 -7.00 0.03
C GLN A 135 -11.49 -6.38 -1.37
N TYR A 136 -10.91 -7.00 -2.43
CA TYR A 136 -11.00 -6.47 -3.81
C TYR A 136 -12.46 -6.42 -4.28
N LYS A 137 -13.19 -7.52 -4.04
CA LYS A 137 -14.62 -7.62 -4.41
C LYS A 137 -15.51 -6.74 -3.52
N GLU A 138 -15.05 -6.52 -2.27
CA GLU A 138 -15.79 -5.74 -1.27
C GLU A 138 -15.59 -4.22 -1.48
N THR A 139 -14.43 -3.84 -2.05
CA THR A 139 -13.99 -2.44 -2.17
C THR A 139 -14.25 -1.88 -3.57
N TRP A 140 -13.63 -2.52 -4.59
CA TRP A 140 -13.63 -2.04 -5.99
C TRP A 140 -14.88 -2.48 -6.73
N LEU A 141 -15.46 -3.63 -6.31
CA LEU A 141 -16.52 -4.32 -7.06
C LEU A 141 -17.85 -4.28 -6.29
N ALA A 142 -18.86 -5.03 -6.82
CA ALA A 142 -20.25 -5.06 -6.32
C ALA A 142 -20.94 -3.69 -6.59
N MET A 25 -9.63 6.11 -11.89
CA MET A 25 -8.68 5.00 -12.12
C MET A 25 -7.96 4.66 -10.79
N ILE A 26 -7.87 3.36 -10.48
CA ILE A 26 -7.15 2.86 -9.29
C ILE A 26 -5.64 3.09 -9.43
N LYS A 27 -5.03 3.69 -8.40
CA LYS A 27 -3.58 3.77 -8.26
C LYS A 27 -3.09 2.44 -7.65
N PHE A 28 -2.87 1.46 -8.52
CA PHE A 28 -2.47 0.10 -8.12
C PHE A 28 -0.94 0.04 -8.00
N TYR A 29 -0.45 0.19 -6.77
CA TYR A 29 0.96 0.05 -6.49
C TYR A 29 1.34 -1.44 -6.45
N GLN A 30 2.48 -1.75 -7.07
CA GLN A 30 2.98 -3.12 -7.26
C GLN A 30 4.51 -3.08 -7.34
N TYR A 31 5.17 -4.23 -7.58
CA TYR A 31 6.59 -4.25 -7.96
C TYR A 31 6.98 -5.60 -8.55
N LYS A 32 7.58 -5.55 -9.76
CA LYS A 32 8.28 -6.67 -10.43
C LYS A 32 7.30 -7.79 -10.93
N ASN A 33 7.83 -8.68 -11.79
CA ASN A 33 7.09 -9.83 -12.37
C ASN A 33 6.68 -10.86 -11.29
N CYS A 34 5.72 -11.73 -11.68
CA CYS A 34 5.14 -12.78 -10.81
C CYS A 34 4.54 -12.12 -9.53
N THR A 35 4.65 -12.79 -8.35
CA THR A 35 4.29 -12.19 -7.04
C THR A 35 2.74 -11.98 -6.93
N THR A 36 2.28 -11.45 -5.79
CA THR A 36 0.93 -10.88 -5.63
C THR A 36 0.64 -9.78 -6.70
N CYS A 37 1.71 -9.07 -7.11
CA CYS A 37 1.68 -7.97 -8.09
C CYS A 37 0.83 -8.32 -9.34
N LYS A 38 1.27 -9.35 -10.08
CA LYS A 38 0.67 -9.73 -11.36
C LYS A 38 -0.71 -10.39 -11.19
N LYS A 39 -0.92 -11.10 -10.05
CA LYS A 39 -2.18 -11.81 -9.77
C LYS A 39 -3.32 -10.83 -9.40
N ALA A 40 -2.98 -9.81 -8.60
CA ALA A 40 -3.93 -8.78 -8.16
C ALA A 40 -4.29 -7.85 -9.34
N ALA A 41 -3.27 -7.57 -10.17
CA ALA A 41 -3.44 -6.80 -11.41
C ALA A 41 -4.35 -7.56 -12.41
N LYS A 42 -4.13 -8.88 -12.51
CA LYS A 42 -4.92 -9.78 -13.39
C LYS A 42 -6.37 -9.90 -12.91
N PHE A 43 -6.57 -9.86 -11.58
CA PHE A 43 -7.90 -9.95 -10.95
C PHE A 43 -8.74 -8.69 -11.28
N LEU A 44 -8.09 -7.52 -11.10
CA LEU A 44 -8.65 -6.20 -11.48
C LEU A 44 -8.92 -6.12 -13.00
N ASP A 45 -8.00 -6.69 -13.79
CA ASP A 45 -8.08 -6.70 -15.27
C ASP A 45 -9.20 -7.64 -15.75
N GLU A 46 -9.39 -8.75 -15.02
CA GLU A 46 -10.40 -9.78 -15.34
C GLU A 46 -11.82 -9.22 -15.17
N TYR A 47 -11.98 -8.43 -14.09
CA TYR A 47 -13.25 -7.74 -13.81
C TYR A 47 -13.39 -6.42 -14.62
N GLY A 48 -12.38 -6.11 -15.46
CA GLY A 48 -12.45 -4.99 -16.41
C GLY A 48 -12.33 -3.61 -15.77
N VAL A 49 -11.72 -3.56 -14.58
CA VAL A 49 -11.54 -2.33 -13.80
C VAL A 49 -10.22 -1.65 -14.20
N SER A 50 -10.27 -0.34 -14.46
CA SER A 50 -9.09 0.45 -14.86
C SER A 50 -8.19 0.72 -13.65
N TYR A 51 -7.11 -0.05 -13.55
CA TYR A 51 -6.06 0.14 -12.53
C TYR A 51 -4.85 0.81 -13.19
N GLU A 52 -3.91 1.29 -12.38
CA GLU A 52 -2.65 1.87 -12.85
C GLU A 52 -1.50 1.14 -12.13
N PRO A 53 -0.81 0.16 -12.80
CA PRO A 53 0.27 -0.61 -12.17
C PRO A 53 1.58 0.20 -12.06
N ILE A 54 1.67 1.02 -11.01
CA ILE A 54 2.84 1.87 -10.72
C ILE A 54 3.71 1.21 -9.65
N ASP A 55 5.03 1.22 -9.86
CA ASP A 55 6.01 0.57 -8.96
C ASP A 55 6.06 1.28 -7.61
N ILE A 56 5.99 0.52 -6.52
CA ILE A 56 5.82 1.04 -5.14
C ILE A 56 7.08 1.80 -4.68
N VAL A 57 8.27 1.35 -5.12
CA VAL A 57 9.56 1.92 -4.67
C VAL A 57 10.13 2.92 -5.71
N GLN A 58 9.73 2.76 -6.99
CA GLN A 58 10.17 3.66 -8.08
C GLN A 58 9.26 4.90 -8.15
N HIS A 59 8.00 4.72 -7.73
CA HIS A 59 6.95 5.76 -7.76
C HIS A 59 6.41 5.97 -6.32
N THR A 60 7.32 5.98 -5.32
CA THR A 60 6.94 6.10 -3.90
C THR A 60 6.35 7.51 -3.61
N PRO A 61 5.08 7.61 -3.11
CA PRO A 61 4.44 8.90 -2.76
C PRO A 61 5.20 9.68 -1.67
N THR A 62 4.95 10.99 -1.60
CA THR A 62 5.48 11.85 -0.53
C THR A 62 4.63 11.72 0.75
N ILE A 63 5.14 12.31 1.84
CA ILE A 63 4.45 12.37 3.15
C ILE A 63 3.04 12.99 3.00
N ASN A 64 2.97 14.03 2.14
CA ASN A 64 1.72 14.74 1.82
C ASN A 64 0.71 13.81 1.11
N GLU A 65 1.17 13.12 0.05
CA GLU A 65 0.30 12.21 -0.75
C GLU A 65 -0.24 11.07 0.11
N PHE A 66 0.64 10.50 0.95
CA PHE A 66 0.28 9.45 1.90
C PHE A 66 -0.81 9.96 2.88
N LYS A 67 -0.52 11.02 3.67
CA LYS A 67 -1.47 11.51 4.71
C LYS A 67 -2.81 11.96 4.11
N THR A 68 -2.78 12.38 2.82
CA THR A 68 -4.00 12.73 2.07
C THR A 68 -4.89 11.48 1.88
N ILE A 69 -4.31 10.42 1.27
CA ILE A 69 -5.06 9.17 0.98
C ILE A 69 -5.48 8.45 2.30
N ILE A 70 -4.70 8.64 3.37
CA ILE A 70 -4.94 7.98 4.69
C ILE A 70 -6.05 8.70 5.46
N ALA A 71 -6.13 10.03 5.31
CA ALA A 71 -7.20 10.84 5.92
C ALA A 71 -8.53 10.65 5.16
N ASN A 72 -8.43 10.49 3.83
CA ASN A 72 -9.59 10.37 2.93
C ASN A 72 -10.22 8.97 3.00
N THR A 73 -9.40 7.92 2.86
CA THR A 73 -9.86 6.52 2.92
C THR A 73 -10.12 6.11 4.39
N GLY A 74 -9.25 6.60 5.28
CA GLY A 74 -9.31 6.26 6.70
C GLY A 74 -8.55 4.97 7.01
N VAL A 75 -7.52 4.66 6.20
CA VAL A 75 -6.74 3.42 6.36
C VAL A 75 -5.76 3.56 7.54
N GLU A 76 -5.46 2.43 8.19
CA GLU A 76 -4.38 2.34 9.18
C GLU A 76 -3.03 2.57 8.49
N ILE A 77 -2.32 3.59 8.95
CA ILE A 77 -0.99 3.97 8.43
C ILE A 77 0.03 2.83 8.78
N ASN A 78 -0.24 2.13 9.91
CA ASN A 78 0.61 1.04 10.40
C ASN A 78 0.49 -0.23 9.53
N LYS A 79 -0.70 -0.46 8.87
CA LYS A 79 -0.89 -1.64 7.99
C LYS A 79 -0.32 -1.39 6.59
N LEU A 80 0.15 -0.16 6.31
CA LEU A 80 0.87 0.13 5.05
C LEU A 80 2.30 -0.42 5.12
N PHE A 81 2.83 -0.50 6.36
CA PHE A 81 4.17 -1.03 6.65
C PHE A 81 4.30 -2.50 6.22
N ASN A 82 5.51 -2.82 5.71
CA ASN A 82 5.86 -4.15 5.24
C ASN A 82 6.21 -5.03 6.45
N THR A 83 5.15 -5.53 7.09
CA THR A 83 5.24 -6.41 8.26
C THR A 83 5.72 -7.82 7.85
N HIS A 84 5.46 -8.17 6.57
CA HIS A 84 5.91 -9.42 5.95
C HIS A 84 7.05 -9.13 4.95
N GLY A 85 8.30 -9.26 5.43
CA GLY A 85 9.48 -9.10 4.57
C GLY A 85 10.68 -8.55 5.30
N ALA A 86 10.96 -9.15 6.48
CA ALA A 86 12.18 -8.94 7.30
C ALA A 86 12.24 -7.59 8.05
N LYS A 87 12.21 -6.48 7.29
CA LYS A 87 12.69 -5.16 7.73
C LYS A 87 11.90 -4.56 8.92
N TYR A 88 10.62 -4.92 9.06
CA TYR A 88 9.76 -4.41 10.16
C TYR A 88 10.34 -4.78 11.55
N ARG A 89 11.13 -5.88 11.62
CA ARG A 89 11.79 -6.33 12.85
C ARG A 89 13.34 -6.28 12.72
N GLU A 90 13.84 -6.22 11.47
CA GLU A 90 15.29 -6.14 11.17
C GLU A 90 15.82 -4.77 11.64
N LEU A 91 15.08 -3.73 11.25
CA LEU A 91 15.32 -2.34 11.66
C LEU A 91 14.76 -2.12 13.08
N ASP A 92 13.86 -3.05 13.47
CA ASP A 92 12.99 -2.96 14.65
C ASP A 92 12.22 -1.65 14.62
N LEU A 93 11.38 -1.52 13.58
CA LEU A 93 10.50 -0.38 13.44
C LEU A 93 9.46 -0.37 14.57
N LYS A 94 9.06 -1.57 15.03
CA LYS A 94 8.02 -1.74 16.06
C LYS A 94 8.31 -0.87 17.33
N ASN A 95 9.58 -0.91 17.78
CA ASN A 95 10.08 -0.16 18.95
C ASN A 95 9.87 1.35 18.74
N LYS A 96 10.25 1.86 17.56
CA LYS A 96 10.16 3.29 17.28
C LYS A 96 8.69 3.69 16.98
N LEU A 97 7.92 2.80 16.32
CA LEU A 97 6.56 3.11 15.80
C LEU A 97 5.56 3.35 16.95
N GLN A 98 5.76 2.63 18.08
CA GLN A 98 4.90 2.80 19.27
C GLN A 98 5.12 4.14 19.99
N THR A 99 6.26 4.83 19.73
CA THR A 99 6.62 6.08 20.45
C THR A 99 6.63 7.33 19.54
N LEU A 100 6.87 7.17 18.21
CA LEU A 100 7.01 8.34 17.30
C LEU A 100 5.64 8.94 16.86
N SER A 101 5.71 9.97 15.98
CA SER A 101 4.54 10.59 15.35
C SER A 101 4.13 9.81 14.09
N ASP A 102 2.84 9.88 13.71
CA ASP A 102 2.34 9.25 12.47
C ASP A 102 3.01 9.86 11.23
N ASP A 103 3.50 11.10 11.36
CA ASP A 103 4.30 11.79 10.35
C ASP A 103 5.64 11.07 10.10
N GLU A 104 6.25 10.55 11.17
CA GLU A 104 7.52 9.83 11.09
C GLU A 104 7.34 8.43 10.46
N LYS A 105 6.14 7.86 10.68
CA LYS A 105 5.70 6.62 9.98
C LYS A 105 5.62 6.89 8.45
N LEU A 106 4.98 8.03 8.11
CA LEU A 106 4.85 8.50 6.72
C LEU A 106 6.22 8.73 6.07
N GLU A 107 7.17 9.28 6.87
CA GLU A 107 8.56 9.52 6.43
C GLU A 107 9.22 8.21 5.98
N LEU A 108 9.12 7.18 6.85
CA LEU A 108 9.69 5.84 6.60
C LEU A 108 9.17 5.26 5.26
N LEU A 109 7.83 5.33 5.09
CA LEU A 109 7.15 4.83 3.88
C LEU A 109 7.58 5.63 2.62
N SER A 110 7.69 6.96 2.77
CA SER A 110 8.02 7.88 1.65
C SER A 110 9.47 7.71 1.20
N SER A 111 10.35 7.37 2.15
CA SER A 111 11.78 7.20 1.90
C SER A 111 12.07 5.82 1.30
N ASP A 112 11.24 4.81 1.66
CA ASP A 112 11.46 3.42 1.25
C ASP A 112 10.14 2.78 0.82
N GLY A 113 10.00 2.52 -0.49
CA GLY A 113 8.81 1.86 -1.04
C GLY A 113 8.76 0.36 -0.78
N MET A 114 9.89 -0.20 -0.31
CA MET A 114 9.96 -1.60 0.14
C MET A 114 9.47 -1.70 1.61
N LEU A 115 9.52 -0.55 2.34
CA LEU A 115 8.90 -0.39 3.67
C LEU A 115 7.38 -0.29 3.56
N VAL A 116 6.88 0.11 2.39
CA VAL A 116 5.46 -0.03 2.06
C VAL A 116 5.26 -1.42 1.45
N LYS A 117 4.11 -2.05 1.70
CA LYS A 117 3.79 -3.31 1.05
C LYS A 117 3.54 -3.07 -0.44
N ARG A 118 4.29 -3.83 -1.26
CA ARG A 118 4.22 -3.79 -2.73
C ARG A 118 2.77 -3.96 -3.25
N PRO A 119 1.94 -4.97 -2.76
CA PRO A 119 0.51 -5.03 -3.14
C PRO A 119 -0.33 -3.99 -2.38
N LEU A 120 -0.54 -2.84 -3.03
CA LEU A 120 -1.42 -1.78 -2.53
C LEU A 120 -2.23 -1.26 -3.73
N ALA A 121 -3.47 -0.88 -3.46
CA ALA A 121 -4.34 -0.25 -4.45
C ALA A 121 -5.11 0.84 -3.72
N VAL A 122 -4.98 2.10 -4.17
CA VAL A 122 -5.64 3.26 -3.53
C VAL A 122 -6.33 4.14 -4.58
N MET A 123 -7.34 4.90 -4.13
CA MET A 123 -8.06 5.91 -4.93
C MET A 123 -8.35 7.13 -4.02
N GLY A 124 -9.26 8.02 -4.49
CA GLY A 124 -9.58 9.27 -3.79
C GLY A 124 -10.15 9.09 -2.37
N ASP A 125 -10.87 7.98 -2.14
CA ASP A 125 -11.54 7.69 -0.85
C ASP A 125 -11.67 6.17 -0.59
N LYS A 126 -10.98 5.35 -1.41
CA LYS A 126 -11.01 3.85 -1.34
C LYS A 126 -9.58 3.28 -1.32
N ILE A 127 -9.35 2.12 -0.65
CA ILE A 127 -8.00 1.48 -0.58
C ILE A 127 -8.10 -0.01 -0.15
N THR A 128 -7.10 -0.82 -0.58
CA THR A 128 -6.92 -2.24 -0.19
C THR A 128 -5.41 -2.55 -0.04
N LEU A 129 -5.05 -3.37 0.98
CA LEU A 129 -3.65 -3.86 1.19
C LEU A 129 -3.60 -5.40 1.14
N GLY A 130 -2.56 -5.95 0.48
CA GLY A 130 -2.36 -7.40 0.35
C GLY A 130 -3.35 -8.08 -0.60
N PHE A 131 -3.08 -9.37 -0.94
CA PHE A 131 -4.00 -10.14 -1.80
C PHE A 131 -5.19 -10.61 -0.96
N LYS A 132 -6.28 -9.86 -1.07
CA LYS A 132 -7.56 -10.18 -0.43
C LYS A 132 -8.66 -10.08 -1.47
N GLU A 133 -9.13 -11.24 -1.97
CA GLU A 133 -10.28 -11.33 -2.89
C GLU A 133 -11.48 -10.56 -2.32
N ASP A 134 -11.67 -10.73 -0.99
CA ASP A 134 -12.72 -10.06 -0.21
C ASP A 134 -12.64 -8.53 -0.34
N GLN A 135 -11.48 -7.95 0.02
CA GLN A 135 -11.24 -6.50 -0.03
C GLN A 135 -11.41 -5.94 -1.45
N TYR A 136 -10.93 -6.69 -2.46
CA TYR A 136 -11.02 -6.28 -3.87
C TYR A 136 -12.49 -6.22 -4.33
N LYS A 137 -13.29 -7.27 -4.02
CA LYS A 137 -14.70 -7.33 -4.44
C LYS A 137 -15.58 -6.37 -3.62
N GLU A 138 -15.11 -6.00 -2.43
CA GLU A 138 -15.86 -5.13 -1.52
C GLU A 138 -15.65 -3.65 -1.85
N THR A 139 -14.43 -3.31 -2.30
CA THR A 139 -13.99 -1.92 -2.51
C THR A 139 -14.06 -1.51 -4.00
N TRP A 140 -13.44 -2.33 -4.87
CA TRP A 140 -13.26 -2.00 -6.30
C TRP A 140 -14.39 -2.56 -7.16
N LEU A 141 -14.49 -3.90 -7.17
CA LEU A 141 -15.26 -4.66 -8.17
C LEU A 141 -16.78 -4.49 -7.91
N ALA A 142 -17.26 -5.15 -6.84
CA ALA A 142 -18.61 -4.95 -6.27
C ALA A 142 -19.72 -5.35 -7.27
N MET A 25 -6.87 7.20 -12.63
CA MET A 25 -7.55 5.95 -12.20
C MET A 25 -6.87 5.38 -10.93
N ILE A 26 -7.28 4.17 -10.53
CA ILE A 26 -6.76 3.47 -9.33
C ILE A 26 -5.23 3.29 -9.42
N LYS A 27 -4.52 3.97 -8.52
CA LYS A 27 -3.06 3.88 -8.39
C LYS A 27 -2.67 2.51 -7.81
N PHE A 28 -2.49 1.53 -8.70
CA PHE A 28 -2.13 0.15 -8.34
C PHE A 28 -0.60 0.07 -8.20
N TYR A 29 -0.12 0.25 -6.96
CA TYR A 29 1.31 0.13 -6.64
C TYR A 29 1.69 -1.35 -6.53
N GLN A 30 2.87 -1.68 -7.07
CA GLN A 30 3.38 -3.04 -7.14
C GLN A 30 4.89 -3.00 -7.37
N TYR A 31 5.51 -4.17 -7.59
CA TYR A 31 6.92 -4.26 -8.01
C TYR A 31 7.19 -5.64 -8.62
N LYS A 32 8.05 -5.67 -9.66
CA LYS A 32 8.45 -6.91 -10.36
C LYS A 32 9.39 -7.73 -9.45
N ASN A 33 8.78 -8.58 -8.62
CA ASN A 33 9.46 -9.46 -7.67
C ASN A 33 8.40 -10.29 -6.96
N CYS A 34 7.31 -9.60 -6.53
CA CYS A 34 6.16 -10.23 -5.86
C CYS A 34 5.14 -10.73 -6.90
N THR A 35 4.85 -12.05 -6.89
CA THR A 35 3.82 -12.67 -7.74
C THR A 35 2.39 -12.30 -7.27
N THR A 36 2.31 -11.64 -6.10
CA THR A 36 1.08 -11.02 -5.58
C THR A 36 0.54 -9.99 -6.58
N CYS A 37 1.49 -9.25 -7.21
CA CYS A 37 1.20 -8.25 -8.25
C CYS A 37 0.50 -8.89 -9.46
N LYS A 38 0.96 -10.09 -9.84
CA LYS A 38 0.39 -10.85 -10.98
C LYS A 38 -1.09 -11.17 -10.74
N LYS A 39 -1.39 -11.71 -9.54
CA LYS A 39 -2.73 -12.18 -9.17
C LYS A 39 -3.69 -11.00 -8.95
N ALA A 40 -3.16 -9.91 -8.37
CA ALA A 40 -3.93 -8.69 -8.06
C ALA A 40 -4.36 -7.98 -9.35
N ALA A 41 -3.37 -7.79 -10.25
CA ALA A 41 -3.59 -7.17 -11.57
C ALA A 41 -4.53 -8.02 -12.42
N LYS A 42 -4.42 -9.36 -12.29
CA LYS A 42 -5.29 -10.31 -12.99
C LYS A 42 -6.75 -10.22 -12.48
N PHE A 43 -6.93 -10.11 -11.16
CA PHE A 43 -8.25 -10.03 -10.51
C PHE A 43 -9.00 -8.75 -10.94
N LEU A 44 -8.25 -7.63 -10.89
CA LEU A 44 -8.72 -6.32 -11.33
C LEU A 44 -9.08 -6.35 -12.83
N ASP A 45 -8.19 -6.96 -13.66
CA ASP A 45 -8.43 -7.13 -15.12
C ASP A 45 -9.66 -8.01 -15.39
N GLU A 46 -9.83 -9.03 -14.54
CA GLU A 46 -10.88 -10.06 -14.66
C GLU A 46 -12.27 -9.41 -14.56
N TYR A 47 -12.40 -8.48 -13.60
CA TYR A 47 -13.65 -7.72 -13.38
C TYR A 47 -13.72 -6.42 -14.21
N GLY A 48 -12.69 -6.17 -15.05
CA GLY A 48 -12.68 -5.02 -15.98
C GLY A 48 -12.50 -3.67 -15.28
N VAL A 49 -11.70 -3.68 -14.22
CA VAL A 49 -11.42 -2.51 -13.36
C VAL A 49 -10.24 -1.69 -13.93
N SER A 50 -10.38 -0.35 -13.97
CA SER A 50 -9.31 0.54 -14.44
C SER A 50 -8.28 0.82 -13.32
N TYR A 51 -7.17 0.07 -13.38
CA TYR A 51 -6.04 0.22 -12.44
C TYR A 51 -4.81 0.74 -13.21
N GLU A 52 -3.82 1.23 -12.47
CA GLU A 52 -2.58 1.80 -13.03
C GLU A 52 -1.38 1.09 -12.39
N PRO A 53 -0.72 0.11 -13.12
CA PRO A 53 0.47 -0.60 -12.62
C PRO A 53 1.69 0.32 -12.56
N ILE A 54 1.92 0.91 -11.38
CA ILE A 54 3.08 1.78 -11.08
C ILE A 54 3.88 1.17 -9.93
N ASP A 55 5.21 1.35 -9.96
CA ASP A 55 6.13 0.72 -9.00
C ASP A 55 6.15 1.49 -7.68
N ILE A 56 6.18 0.75 -6.57
CA ILE A 56 6.07 1.29 -5.20
C ILE A 56 7.38 1.99 -4.77
N VAL A 57 8.53 1.45 -5.21
CA VAL A 57 9.86 2.01 -4.88
C VAL A 57 10.30 3.05 -5.93
N GLN A 58 10.01 2.75 -7.21
CA GLN A 58 10.42 3.58 -8.35
C GLN A 58 9.54 4.85 -8.44
N HIS A 59 8.33 4.75 -7.86
CA HIS A 59 7.37 5.86 -7.73
C HIS A 59 6.78 5.83 -6.31
N THR A 60 7.64 6.09 -5.30
CA THR A 60 7.20 6.17 -3.90
C THR A 60 6.44 7.49 -3.64
N PRO A 61 5.17 7.44 -3.13
CA PRO A 61 4.41 8.66 -2.76
C PRO A 61 5.12 9.47 -1.66
N THR A 62 4.88 10.79 -1.64
CA THR A 62 5.46 11.70 -0.63
C THR A 62 4.68 11.60 0.70
N ILE A 63 5.20 12.29 1.73
CA ILE A 63 4.56 12.39 3.06
C ILE A 63 3.13 12.98 2.92
N ASN A 64 3.02 13.96 2.01
CA ASN A 64 1.76 14.65 1.67
C ASN A 64 0.77 13.67 1.02
N GLU A 65 1.26 12.92 0.01
CA GLU A 65 0.45 11.94 -0.74
C GLU A 65 -0.13 10.87 0.19
N PHE A 66 0.72 10.36 1.09
CA PHE A 66 0.34 9.34 2.07
C PHE A 66 -0.76 9.88 3.01
N LYS A 67 -0.48 10.97 3.75
CA LYS A 67 -1.45 11.51 4.74
C LYS A 67 -2.81 11.89 4.10
N THR A 68 -2.77 12.27 2.80
CA THR A 68 -3.98 12.54 2.01
C THR A 68 -4.81 11.24 1.87
N ILE A 69 -4.20 10.20 1.24
CA ILE A 69 -4.91 8.94 0.92
C ILE A 69 -5.38 8.21 2.20
N ILE A 70 -4.65 8.39 3.31
CA ILE A 70 -4.94 7.73 4.60
C ILE A 70 -6.10 8.44 5.32
N ALA A 71 -6.15 9.77 5.21
CA ALA A 71 -7.25 10.58 5.80
C ALA A 71 -8.54 10.48 4.96
N ASN A 72 -8.39 10.24 3.64
CA ASN A 72 -9.52 10.20 2.69
C ASN A 72 -10.18 8.80 2.65
N THR A 73 -9.35 7.74 2.64
CA THR A 73 -9.85 6.35 2.61
C THR A 73 -10.20 5.88 4.03
N GLY A 74 -9.33 6.26 5.00
CA GLY A 74 -9.43 5.80 6.38
C GLY A 74 -8.66 4.51 6.62
N VAL A 75 -7.55 4.32 5.87
CA VAL A 75 -6.72 3.10 5.98
C VAL A 75 -5.73 3.25 7.15
N GLU A 76 -5.34 2.11 7.74
CA GLU A 76 -4.29 2.08 8.76
C GLU A 76 -2.94 2.36 8.12
N ILE A 77 -2.27 3.39 8.64
CA ILE A 77 -0.92 3.79 8.21
C ILE A 77 0.08 2.66 8.58
N ASN A 78 -0.21 1.93 9.67
CA ASN A 78 0.64 0.85 10.17
C ASN A 78 0.61 -0.37 9.22
N LYS A 79 -0.57 -0.67 8.60
CA LYS A 79 -0.69 -1.80 7.64
C LYS A 79 -0.07 -1.46 6.27
N LEU A 80 0.28 -0.17 6.06
CA LEU A 80 1.02 0.25 4.86
C LEU A 80 2.49 -0.16 4.95
N PHE A 81 2.99 -0.36 6.18
CA PHE A 81 4.32 -0.96 6.41
C PHE A 81 4.31 -2.45 6.03
N ASN A 82 5.50 -2.99 5.68
CA ASN A 82 5.72 -4.43 5.49
C ASN A 82 5.28 -5.18 6.78
N THR A 83 4.03 -5.69 6.75
CA THR A 83 3.26 -6.08 7.95
C THR A 83 3.95 -7.15 8.84
N HIS A 84 4.50 -8.22 8.24
CA HIS A 84 5.16 -9.32 9.00
C HIS A 84 6.61 -9.50 8.53
N GLY A 85 7.50 -9.81 9.51
CA GLY A 85 8.89 -10.11 9.23
C GLY A 85 9.63 -8.98 8.54
N ALA A 86 10.55 -9.34 7.61
CA ALA A 86 11.18 -8.39 6.69
C ALA A 86 11.92 -7.25 7.44
N LYS A 87 11.93 -6.04 6.85
CA LYS A 87 12.59 -4.85 7.42
C LYS A 87 11.87 -4.33 8.68
N TYR A 88 10.60 -4.73 8.86
CA TYR A 88 9.78 -4.35 10.04
C TYR A 88 10.46 -4.81 11.35
N ARG A 89 11.24 -5.91 11.27
CA ARG A 89 11.97 -6.50 12.43
C ARG A 89 13.49 -6.33 12.28
N GLU A 90 13.95 -6.19 11.01
CA GLU A 90 15.38 -5.96 10.69
C GLU A 90 15.80 -4.57 11.22
N LEU A 91 15.01 -3.56 10.84
CA LEU A 91 15.15 -2.18 11.33
C LEU A 91 14.53 -2.04 12.74
N ASP A 92 13.81 -3.11 13.15
CA ASP A 92 13.00 -3.20 14.40
C ASP A 92 12.19 -1.91 14.64
N LEU A 93 11.51 -1.48 13.54
CA LEU A 93 10.72 -0.24 13.52
C LEU A 93 9.62 -0.25 14.58
N LYS A 94 9.02 -1.42 14.86
CA LYS A 94 7.84 -1.51 15.76
C LYS A 94 8.13 -0.91 17.16
N ASN A 95 9.39 -1.12 17.63
CA ASN A 95 9.90 -0.56 18.90
C ASN A 95 9.81 0.98 18.93
N LYS A 96 10.12 1.63 17.78
CA LYS A 96 10.04 3.09 17.66
C LYS A 96 8.62 3.53 17.26
N LEU A 97 7.87 2.66 16.54
CA LEU A 97 6.53 3.01 15.99
C LEU A 97 5.50 3.24 17.12
N GLN A 98 5.68 2.51 18.23
CA GLN A 98 4.80 2.61 19.40
C GLN A 98 5.06 3.88 20.24
N THR A 99 6.17 4.61 19.98
CA THR A 99 6.55 5.81 20.76
C THR A 99 6.56 7.11 19.91
N LEU A 100 6.66 7.00 18.56
CA LEU A 100 6.59 8.19 17.67
C LEU A 100 5.12 8.57 17.35
N SER A 101 4.94 9.57 16.47
CA SER A 101 3.63 9.93 15.90
C SER A 101 3.50 9.33 14.49
N ASP A 102 2.25 9.12 14.03
CA ASP A 102 1.97 8.52 12.70
C ASP A 102 2.55 9.38 11.55
N ASP A 103 2.83 10.66 11.84
CA ASP A 103 3.51 11.58 10.91
C ASP A 103 4.93 11.09 10.56
N GLU A 104 5.66 10.61 11.58
CA GLU A 104 7.00 10.01 11.43
C GLU A 104 6.90 8.72 10.58
N LYS A 105 5.83 7.93 10.81
CA LYS A 105 5.56 6.71 10.03
C LYS A 105 5.41 7.03 8.52
N LEU A 106 4.71 8.14 8.23
CA LEU A 106 4.53 8.64 6.86
C LEU A 106 5.88 8.93 6.19
N GLU A 107 6.76 9.60 6.96
CA GLU A 107 8.13 9.93 6.52
C GLU A 107 8.96 8.66 6.20
N LEU A 108 8.84 7.63 7.05
CA LEU A 108 9.53 6.32 6.87
C LEU A 108 9.11 5.65 5.54
N LEU A 109 7.79 5.64 5.29
CA LEU A 109 7.21 5.09 4.05
C LEU A 109 7.67 5.89 2.81
N SER A 110 7.77 7.22 2.97
CA SER A 110 8.19 8.12 1.89
C SER A 110 9.70 7.99 1.60
N SER A 111 10.46 7.56 2.63
CA SER A 111 11.91 7.35 2.51
C SER A 111 12.23 6.00 1.85
N ASP A 112 11.35 5.00 2.02
CA ASP A 112 11.55 3.67 1.41
C ASP A 112 10.23 3.09 0.88
N GLY A 113 10.17 2.87 -0.44
CA GLY A 113 9.01 2.24 -1.09
C GLY A 113 8.92 0.74 -0.80
N MET A 114 10.03 0.15 -0.35
CA MET A 114 10.06 -1.26 0.08
C MET A 114 9.48 -1.41 1.49
N LEU A 115 9.63 -0.34 2.30
CA LEU A 115 8.99 -0.23 3.63
C LEU A 115 7.47 -0.21 3.50
N VAL A 116 6.99 0.37 2.39
CA VAL A 116 5.57 0.28 2.02
C VAL A 116 5.29 -1.12 1.43
N LYS A 117 4.05 -1.59 1.61
CA LYS A 117 3.59 -2.83 1.00
C LYS A 117 3.64 -2.68 -0.54
N ARG A 118 4.49 -3.50 -1.18
CA ARG A 118 4.59 -3.57 -2.63
C ARG A 118 3.20 -3.75 -3.28
N PRO A 119 2.35 -4.78 -2.87
CA PRO A 119 0.96 -4.85 -3.34
C PRO A 119 0.05 -3.84 -2.56
N LEU A 120 -0.31 -2.76 -3.25
CA LEU A 120 -1.26 -1.75 -2.77
C LEU A 120 -2.02 -1.20 -3.99
N ALA A 121 -3.29 -0.85 -3.80
CA ALA A 121 -4.12 -0.25 -4.84
C ALA A 121 -4.99 0.82 -4.18
N VAL A 122 -4.74 2.10 -4.49
CA VAL A 122 -5.44 3.23 -3.85
C VAL A 122 -6.14 4.11 -4.90
N MET A 123 -7.14 4.86 -4.46
CA MET A 123 -7.90 5.81 -5.29
C MET A 123 -8.18 7.06 -4.40
N GLY A 124 -9.21 7.86 -4.72
CA GLY A 124 -9.54 9.06 -3.94
C GLY A 124 -10.02 8.76 -2.52
N ASP A 125 -11.01 7.84 -2.41
CA ASP A 125 -11.63 7.46 -1.11
C ASP A 125 -11.61 5.93 -0.94
N LYS A 126 -10.88 5.23 -1.82
CA LYS A 126 -10.83 3.76 -1.90
C LYS A 126 -9.39 3.25 -1.77
N ILE A 127 -9.20 2.04 -1.20
CA ILE A 127 -7.86 1.41 -1.07
C ILE A 127 -7.98 -0.09 -0.69
N THR A 128 -6.98 -0.89 -1.14
CA THR A 128 -6.84 -2.32 -0.81
C THR A 128 -5.35 -2.65 -0.64
N LEU A 129 -4.99 -3.36 0.46
CA LEU A 129 -3.59 -3.80 0.74
C LEU A 129 -3.44 -5.31 0.51
N GLY A 130 -2.35 -5.70 -0.16
CA GLY A 130 -2.08 -7.10 -0.50
C GLY A 130 -3.10 -7.70 -1.46
N PHE A 131 -2.98 -9.02 -1.72
CA PHE A 131 -4.01 -9.77 -2.45
C PHE A 131 -5.10 -10.17 -1.45
N LYS A 132 -6.10 -9.29 -1.31
CA LYS A 132 -7.28 -9.55 -0.48
C LYS A 132 -8.52 -9.50 -1.36
N GLU A 133 -9.05 -10.67 -1.75
CA GLU A 133 -10.28 -10.79 -2.56
C GLU A 133 -11.47 -10.09 -1.87
N ASP A 134 -11.49 -10.15 -0.54
CA ASP A 134 -12.60 -9.63 0.27
C ASP A 134 -12.59 -8.09 0.24
N GLN A 135 -11.40 -7.48 0.43
CA GLN A 135 -11.19 -6.04 0.24
C GLN A 135 -11.50 -5.61 -1.20
N TYR A 136 -11.05 -6.38 -2.20
CA TYR A 136 -11.25 -6.04 -3.62
C TYR A 136 -12.74 -5.92 -3.95
N LYS A 137 -13.55 -6.88 -3.45
CA LYS A 137 -14.99 -6.91 -3.71
C LYS A 137 -15.74 -5.87 -2.85
N GLU A 138 -15.17 -5.53 -1.69
CA GLU A 138 -15.77 -4.58 -0.74
C GLU A 138 -15.52 -3.12 -1.17
N THR A 139 -14.35 -2.88 -1.80
CA THR A 139 -13.84 -1.54 -2.12
C THR A 139 -14.11 -1.16 -3.59
N TRP A 140 -13.69 -2.04 -4.52
CA TRP A 140 -13.78 -1.76 -5.96
C TRP A 140 -15.12 -2.25 -6.52
N LEU A 141 -15.40 -3.54 -6.27
CA LEU A 141 -16.48 -4.30 -6.95
C LEU A 141 -17.82 -4.17 -6.22
N ALA A 142 -18.81 -4.98 -6.69
CA ALA A 142 -20.15 -5.09 -6.10
C ALA A 142 -20.88 -3.71 -6.11
N MET A 25 -7.43 7.24 -11.93
CA MET A 25 -8.02 5.91 -11.61
C MET A 25 -7.34 5.29 -10.38
N ILE A 26 -7.66 4.01 -10.10
CA ILE A 26 -7.12 3.28 -8.94
C ILE A 26 -5.58 3.15 -9.03
N LYS A 27 -4.88 3.85 -8.14
CA LYS A 27 -3.40 3.77 -8.03
C LYS A 27 -3.01 2.40 -7.43
N PHE A 28 -2.84 1.41 -8.33
CA PHE A 28 -2.46 0.05 -7.95
C PHE A 28 -0.94 -0.05 -7.82
N TYR A 29 -0.44 0.09 -6.58
CA TYR A 29 0.98 -0.03 -6.28
C TYR A 29 1.38 -1.51 -6.17
N GLN A 30 2.52 -1.84 -6.78
CA GLN A 30 3.03 -3.21 -6.87
C GLN A 30 4.54 -3.19 -7.11
N TYR A 31 5.16 -4.37 -7.22
CA TYR A 31 6.59 -4.48 -7.60
C TYR A 31 6.92 -5.95 -7.97
N LYS A 32 8.03 -6.14 -8.70
CA LYS A 32 8.52 -7.45 -9.19
C LYS A 32 7.62 -8.05 -10.27
N ASN A 33 8.06 -9.19 -10.83
CA ASN A 33 7.33 -9.88 -11.90
C ASN A 33 6.41 -10.94 -11.27
N CYS A 34 6.97 -12.09 -10.87
CA CYS A 34 6.20 -13.23 -10.32
C CYS A 34 5.85 -12.97 -8.83
N THR A 35 4.84 -12.11 -8.62
CA THR A 35 4.43 -11.58 -7.30
C THR A 35 2.90 -11.31 -7.30
N THR A 36 2.34 -10.90 -6.13
CA THR A 36 0.93 -10.42 -5.99
C THR A 36 0.52 -9.43 -7.10
N CYS A 37 1.50 -8.67 -7.63
CA CYS A 37 1.34 -7.74 -8.76
C CYS A 37 0.53 -8.38 -9.91
N LYS A 38 0.92 -9.60 -10.32
CA LYS A 38 0.26 -10.36 -11.39
C LYS A 38 -1.19 -10.72 -11.01
N LYS A 39 -1.35 -11.33 -9.82
CA LYS A 39 -2.62 -11.92 -9.34
C LYS A 39 -3.73 -10.85 -9.18
N ALA A 40 -3.36 -9.76 -8.51
CA ALA A 40 -4.26 -8.63 -8.23
C ALA A 40 -4.59 -7.85 -9.52
N ALA A 41 -3.56 -7.66 -10.37
CA ALA A 41 -3.73 -7.00 -11.70
C ALA A 41 -4.59 -7.87 -12.64
N LYS A 42 -4.54 -9.20 -12.45
CA LYS A 42 -5.29 -10.17 -13.29
C LYS A 42 -6.78 -10.09 -12.92
N PHE A 43 -7.05 -10.02 -11.62
CA PHE A 43 -8.42 -9.85 -11.07
C PHE A 43 -9.06 -8.55 -11.58
N LEU A 44 -8.28 -7.46 -11.49
CA LEU A 44 -8.68 -6.13 -11.98
C LEU A 44 -8.81 -6.12 -13.53
N ASP A 45 -7.94 -6.88 -14.22
CA ASP A 45 -8.00 -7.01 -15.71
C ASP A 45 -9.21 -7.86 -16.13
N GLU A 46 -9.55 -8.85 -15.29
CA GLU A 46 -10.63 -9.81 -15.53
C GLU A 46 -11.97 -9.07 -15.61
N TYR A 47 -12.24 -8.25 -14.57
CA TYR A 47 -13.44 -7.38 -14.51
C TYR A 47 -13.35 -6.18 -15.49
N GLY A 48 -12.12 -5.84 -15.91
CA GLY A 48 -11.88 -4.73 -16.85
C GLY A 48 -11.89 -3.36 -16.16
N VAL A 49 -11.40 -3.34 -14.92
CA VAL A 49 -11.36 -2.14 -14.06
C VAL A 49 -10.28 -1.16 -14.53
N SER A 50 -10.54 0.14 -14.33
CA SER A 50 -9.52 1.18 -14.53
C SER A 50 -8.55 1.20 -13.33
N TYR A 51 -7.36 0.63 -13.53
CA TYR A 51 -6.31 0.54 -12.50
C TYR A 51 -4.96 0.92 -13.12
N GLU A 52 -4.05 1.41 -12.28
CA GLU A 52 -2.76 1.95 -12.70
C GLU A 52 -1.63 1.16 -11.99
N PRO A 53 -0.98 0.16 -12.68
CA PRO A 53 0.12 -0.62 -12.10
C PRO A 53 1.42 0.21 -12.04
N ILE A 54 1.61 0.90 -10.91
CA ILE A 54 2.81 1.72 -10.65
C ILE A 54 3.64 1.08 -9.52
N ASP A 55 4.97 1.07 -9.70
CA ASP A 55 5.91 0.45 -8.75
C ASP A 55 5.91 1.21 -7.41
N ILE A 56 5.91 0.45 -6.30
CA ILE A 56 5.84 1.01 -4.94
C ILE A 56 7.16 1.71 -4.56
N VAL A 57 8.29 1.22 -5.09
CA VAL A 57 9.64 1.75 -4.78
C VAL A 57 10.18 2.66 -5.90
N GLN A 58 9.66 2.48 -7.13
CA GLN A 58 10.12 3.25 -8.32
C GLN A 58 9.12 4.40 -8.62
N HIS A 59 8.00 4.44 -7.87
CA HIS A 59 6.99 5.53 -7.92
C HIS A 59 6.47 5.79 -6.48
N THR A 60 7.40 5.77 -5.50
CA THR A 60 7.08 5.89 -4.06
C THR A 60 6.35 7.22 -3.76
N PRO A 61 5.11 7.18 -3.17
CA PRO A 61 4.34 8.40 -2.82
C PRO A 61 5.10 9.31 -1.83
N THR A 62 4.81 10.62 -1.91
CA THR A 62 5.37 11.63 -0.99
C THR A 62 4.65 11.52 0.37
N ILE A 63 5.17 12.22 1.38
CA ILE A 63 4.56 12.29 2.72
C ILE A 63 3.14 12.91 2.61
N ASN A 64 3.03 13.88 1.67
CA ASN A 64 1.77 14.56 1.34
C ASN A 64 0.75 13.56 0.74
N GLU A 65 1.21 12.74 -0.23
CA GLU A 65 0.37 11.74 -0.91
C GLU A 65 -0.18 10.71 0.08
N PHE A 66 0.71 10.17 0.93
CA PHE A 66 0.34 9.20 1.97
C PHE A 66 -0.70 9.79 2.93
N LYS A 67 -0.40 10.95 3.55
CA LYS A 67 -1.31 11.55 4.56
C LYS A 67 -2.68 11.93 3.96
N THR A 68 -2.70 12.25 2.65
CA THR A 68 -3.95 12.53 1.92
C THR A 68 -4.80 11.26 1.82
N ILE A 69 -4.20 10.15 1.32
CA ILE A 69 -4.94 8.89 1.08
C ILE A 69 -5.49 8.34 2.41
N ILE A 70 -4.74 8.53 3.51
CA ILE A 70 -5.13 8.05 4.85
C ILE A 70 -6.25 8.93 5.45
N ALA A 71 -6.16 10.24 5.20
CA ALA A 71 -7.17 11.21 5.67
C ALA A 71 -8.56 10.97 5.01
N ASN A 72 -8.54 10.52 3.73
CA ASN A 72 -9.78 10.28 2.96
C ASN A 72 -10.31 8.82 3.13
N THR A 73 -9.42 7.82 3.00
CA THR A 73 -9.83 6.38 3.05
C THR A 73 -10.09 5.92 4.49
N GLY A 74 -9.36 6.52 5.44
CA GLY A 74 -9.42 6.13 6.85
C GLY A 74 -8.69 4.82 7.13
N VAL A 75 -7.58 4.60 6.41
CA VAL A 75 -6.75 3.38 6.57
C VAL A 75 -5.78 3.55 7.75
N GLU A 76 -5.39 2.44 8.38
CA GLU A 76 -4.31 2.44 9.36
C GLU A 76 -2.98 2.80 8.66
N ILE A 77 -2.26 3.77 9.23
CA ILE A 77 -0.96 4.22 8.70
C ILE A 77 0.11 3.14 9.00
N ASN A 78 -0.08 2.44 10.14
CA ASN A 78 0.85 1.39 10.60
C ASN A 78 0.82 0.15 9.66
N LYS A 79 -0.38 -0.19 9.12
CA LYS A 79 -0.52 -1.37 8.23
C LYS A 79 0.06 -1.10 6.82
N LEU A 80 0.39 0.17 6.51
CA LEU A 80 1.06 0.51 5.24
C LEU A 80 2.52 0.05 5.24
N PHE A 81 3.08 -0.18 6.44
CA PHE A 81 4.42 -0.76 6.60
C PHE A 81 4.43 -2.25 6.24
N ASN A 82 5.64 -2.73 5.88
CA ASN A 82 5.95 -4.12 5.50
C ASN A 82 5.86 -5.10 6.71
N THR A 83 4.65 -5.22 7.28
CA THR A 83 4.39 -5.98 8.52
C THR A 83 4.41 -7.51 8.24
N HIS A 84 4.64 -8.30 9.33
CA HIS A 84 4.81 -9.78 9.30
C HIS A 84 6.17 -10.11 8.65
N GLY A 85 7.21 -10.21 9.48
CA GLY A 85 8.57 -10.42 9.02
C GLY A 85 9.15 -9.16 8.38
N ALA A 86 9.93 -9.34 7.29
CA ALA A 86 10.51 -8.25 6.48
C ALA A 86 11.41 -7.32 7.31
N LYS A 87 11.68 -6.11 6.78
CA LYS A 87 12.54 -5.10 7.45
C LYS A 87 11.84 -4.48 8.67
N TYR A 88 10.51 -4.59 8.70
CA TYR A 88 9.67 -4.18 9.85
C TYR A 88 10.20 -4.71 11.21
N ARG A 89 10.74 -5.95 11.20
CA ARG A 89 11.25 -6.63 12.42
C ARG A 89 12.79 -6.66 12.42
N GLU A 90 13.39 -6.69 11.21
CA GLU A 90 14.86 -6.67 11.01
C GLU A 90 15.45 -5.38 11.62
N LEU A 91 14.89 -4.24 11.20
CA LEU A 91 15.23 -2.91 11.73
C LEU A 91 14.60 -2.73 13.12
N ASP A 92 13.53 -3.51 13.37
CA ASP A 92 12.70 -3.47 14.60
C ASP A 92 12.04 -2.09 14.71
N LEU A 93 11.43 -1.67 13.57
CA LEU A 93 10.78 -0.38 13.45
C LEU A 93 9.62 -0.24 14.44
N LYS A 94 8.90 -1.34 14.72
CA LYS A 94 7.69 -1.31 15.59
C LYS A 94 8.00 -0.66 16.98
N ASN A 95 9.23 -0.91 17.47
CA ASN A 95 9.75 -0.33 18.73
C ASN A 95 9.69 1.22 18.69
N LYS A 96 10.18 1.83 17.59
CA LYS A 96 10.15 3.29 17.42
C LYS A 96 8.74 3.77 16.99
N LEU A 97 8.03 2.94 16.17
CA LEU A 97 6.74 3.33 15.53
C LEU A 97 5.65 3.60 16.57
N GLN A 98 5.63 2.79 17.63
CA GLN A 98 4.63 2.89 18.71
C GLN A 98 4.74 4.21 19.50
N THR A 99 5.93 4.87 19.43
CA THR A 99 6.25 6.03 20.29
C THR A 99 6.59 7.31 19.48
N LEU A 100 6.90 7.21 18.17
CA LEU A 100 7.13 8.42 17.32
C LEU A 100 5.80 9.05 16.85
N SER A 101 5.90 10.13 16.05
CA SER A 101 4.74 10.80 15.43
C SER A 101 4.27 10.00 14.20
N ASP A 102 2.96 10.00 13.92
CA ASP A 102 2.40 9.33 12.72
C ASP A 102 2.92 9.98 11.43
N ASP A 103 3.38 11.24 11.53
CA ASP A 103 4.02 11.96 10.42
C ASP A 103 5.43 11.39 10.14
N GLU A 104 6.12 10.96 11.21
CA GLU A 104 7.45 10.31 11.11
C GLU A 104 7.32 8.94 10.42
N LYS A 105 6.19 8.25 10.66
CA LYS A 105 5.84 7.00 9.94
C LYS A 105 5.70 7.28 8.43
N LEU A 106 4.95 8.35 8.11
CA LEU A 106 4.72 8.82 6.74
C LEU A 106 6.05 9.11 6.03
N GLU A 107 7.02 9.69 6.79
CA GLU A 107 8.37 9.96 6.28
C GLU A 107 9.10 8.66 5.90
N LEU A 108 9.09 7.66 6.83
CA LEU A 108 9.78 6.36 6.64
C LEU A 108 9.26 5.62 5.37
N LEU A 109 7.93 5.66 5.19
CA LEU A 109 7.27 5.09 4.01
C LEU A 109 7.74 5.82 2.71
N SER A 110 7.77 7.17 2.78
CA SER A 110 8.22 8.01 1.65
C SER A 110 9.75 7.94 1.45
N SER A 111 10.48 7.42 2.45
CA SER A 111 11.93 7.19 2.36
C SER A 111 12.22 5.87 1.63
N ASP A 112 11.34 4.86 1.83
CA ASP A 112 11.57 3.51 1.27
C ASP A 112 10.24 2.83 0.84
N GLY A 113 10.17 2.43 -0.44
CA GLY A 113 8.99 1.74 -1.00
C GLY A 113 8.87 0.28 -0.60
N MET A 114 10.01 -0.34 -0.21
CA MET A 114 10.03 -1.71 0.34
C MET A 114 9.60 -1.69 1.82
N LEU A 115 9.73 -0.51 2.49
CA LEU A 115 9.14 -0.29 3.83
C LEU A 115 7.61 -0.19 3.74
N VAL A 116 7.11 0.24 2.58
CA VAL A 116 5.66 0.20 2.29
C VAL A 116 5.30 -1.20 1.77
N LYS A 117 4.02 -1.57 1.90
CA LYS A 117 3.51 -2.81 1.32
C LYS A 117 3.51 -2.71 -0.21
N ARG A 118 4.27 -3.62 -0.86
CA ARG A 118 4.28 -3.75 -2.33
C ARG A 118 2.84 -3.99 -2.86
N PRO A 119 2.02 -4.96 -2.30
CA PRO A 119 0.59 -5.08 -2.66
C PRO A 119 -0.25 -3.97 -1.98
N LEU A 120 -0.54 -2.92 -2.74
CA LEU A 120 -1.45 -1.83 -2.32
C LEU A 120 -2.22 -1.36 -3.56
N ALA A 121 -3.46 -0.96 -3.35
CA ALA A 121 -4.28 -0.32 -4.38
C ALA A 121 -5.11 0.74 -3.66
N VAL A 122 -5.02 2.00 -4.09
CA VAL A 122 -5.71 3.11 -3.45
C VAL A 122 -6.45 3.97 -4.50
N MET A 123 -7.53 4.61 -4.06
CA MET A 123 -8.32 5.56 -4.85
C MET A 123 -8.59 6.80 -3.95
N GLY A 124 -9.57 7.65 -4.29
CA GLY A 124 -9.91 8.83 -3.49
C GLY A 124 -10.23 8.50 -2.03
N ASP A 125 -11.30 7.70 -1.81
CA ASP A 125 -11.76 7.33 -0.45
C ASP A 125 -11.74 5.80 -0.23
N LYS A 126 -11.25 5.05 -1.24
CA LYS A 126 -11.19 3.56 -1.23
C LYS A 126 -9.72 3.09 -1.15
N ILE A 127 -9.45 1.93 -0.51
CA ILE A 127 -8.07 1.34 -0.44
C ILE A 127 -8.11 -0.16 -0.04
N THR A 128 -7.10 -0.92 -0.50
CA THR A 128 -6.90 -2.35 -0.18
C THR A 128 -5.38 -2.62 0.04
N LEU A 129 -5.03 -3.35 1.12
CA LEU A 129 -3.64 -3.76 1.43
C LEU A 129 -3.51 -5.29 1.42
N GLY A 130 -2.37 -5.79 0.89
CA GLY A 130 -2.10 -7.23 0.79
C GLY A 130 -2.98 -7.94 -0.25
N PHE A 131 -2.66 -9.20 -0.61
CA PHE A 131 -3.52 -9.99 -1.48
C PHE A 131 -4.73 -10.49 -0.68
N LYS A 132 -5.82 -9.75 -0.77
CA LYS A 132 -7.15 -10.20 -0.34
C LYS A 132 -8.10 -9.93 -1.49
N GLU A 133 -8.36 -10.97 -2.30
CA GLU A 133 -9.33 -10.93 -3.42
C GLU A 133 -10.72 -10.50 -2.91
N ASP A 134 -11.00 -10.86 -1.63
CA ASP A 134 -12.26 -10.52 -0.96
C ASP A 134 -12.38 -8.99 -0.77
N GLN A 135 -11.30 -8.36 -0.27
CA GLN A 135 -11.24 -6.89 -0.10
C GLN A 135 -11.21 -6.18 -1.47
N TYR A 136 -10.54 -6.78 -2.47
CA TYR A 136 -10.46 -6.21 -3.83
C TYR A 136 -11.88 -6.08 -4.43
N LYS A 137 -12.67 -7.16 -4.36
CA LYS A 137 -14.04 -7.14 -4.86
C LYS A 137 -14.93 -6.25 -3.97
N GLU A 138 -14.69 -6.26 -2.65
CA GLU A 138 -15.56 -5.55 -1.69
C GLU A 138 -15.38 -4.02 -1.77
N THR A 139 -14.17 -3.57 -2.12
CA THR A 139 -13.81 -2.13 -2.09
C THR A 139 -13.89 -1.49 -3.50
N TRP A 140 -13.53 -2.27 -4.54
CA TRP A 140 -13.48 -1.76 -5.95
C TRP A 140 -14.75 -2.14 -6.73
N LEU A 141 -15.33 -3.34 -6.42
CA LEU A 141 -16.37 -3.98 -7.26
C LEU A 141 -17.69 -4.17 -6.48
N ALA A 142 -17.95 -5.40 -5.96
CA ALA A 142 -19.14 -5.75 -5.18
C ALA A 142 -18.86 -7.05 -4.40
N MET A 25 -7.08 7.28 -11.02
CA MET A 25 -7.61 5.90 -10.91
C MET A 25 -6.93 5.17 -9.74
N ILE A 26 -7.16 3.84 -9.62
CA ILE A 26 -6.53 3.01 -8.59
C ILE A 26 -5.00 3.02 -8.74
N LYS A 27 -4.32 3.73 -7.85
CA LYS A 27 -2.86 3.67 -7.73
C LYS A 27 -2.46 2.25 -7.27
N PHE A 28 -2.29 1.36 -8.26
CA PHE A 28 -1.99 -0.06 -8.02
C PHE A 28 -0.47 -0.22 -7.93
N TYR A 29 0.06 -0.06 -6.72
CA TYR A 29 1.49 -0.19 -6.46
C TYR A 29 1.90 -1.67 -6.50
N GLN A 30 3.10 -1.89 -7.03
CA GLN A 30 3.65 -3.22 -7.29
C GLN A 30 5.18 -3.10 -7.37
N TYR A 31 5.88 -4.24 -7.55
CA TYR A 31 7.32 -4.25 -7.87
C TYR A 31 7.77 -5.67 -8.24
N LYS A 32 8.06 -5.85 -9.55
CA LYS A 32 8.67 -7.07 -10.14
C LYS A 32 7.66 -8.28 -10.13
N ASN A 33 8.10 -9.44 -10.67
CA ASN A 33 7.31 -10.70 -10.75
C ASN A 33 6.73 -11.10 -9.37
N CYS A 34 5.46 -10.73 -9.13
CA CYS A 34 4.70 -11.10 -7.94
C CYS A 34 3.33 -11.64 -8.39
N THR A 35 2.99 -12.88 -7.97
CA THR A 35 1.73 -13.54 -8.38
C THR A 35 0.50 -12.86 -7.74
N THR A 36 0.71 -12.16 -6.60
CA THR A 36 -0.30 -11.26 -6.02
C THR A 36 -0.65 -10.14 -7.00
N CYS A 37 0.41 -9.48 -7.52
CA CYS A 37 0.28 -8.39 -8.50
C CYS A 37 -0.41 -8.89 -9.79
N LYS A 38 -0.08 -10.13 -10.20
CA LYS A 38 -0.65 -10.76 -11.41
C LYS A 38 -2.17 -10.98 -11.28
N LYS A 39 -2.58 -11.64 -10.18
CA LYS A 39 -3.99 -12.05 -9.96
C LYS A 39 -4.89 -10.85 -9.60
N ALA A 40 -4.33 -9.91 -8.82
CA ALA A 40 -5.05 -8.68 -8.41
C ALA A 40 -5.28 -7.76 -9.62
N ALA A 41 -4.24 -7.62 -10.46
CA ALA A 41 -4.32 -6.88 -11.73
C ALA A 41 -5.31 -7.54 -12.69
N LYS A 42 -5.31 -8.88 -12.71
CA LYS A 42 -6.19 -9.69 -13.57
C LYS A 42 -7.66 -9.56 -13.12
N PHE A 43 -7.88 -9.48 -11.80
CA PHE A 43 -9.23 -9.41 -11.18
C PHE A 43 -9.89 -8.05 -11.50
N LEU A 44 -9.08 -6.99 -11.33
CA LEU A 44 -9.44 -5.62 -11.69
C LEU A 44 -9.72 -5.51 -13.21
N ASP A 45 -8.75 -5.97 -14.01
CA ASP A 45 -8.83 -5.99 -15.50
C ASP A 45 -10.02 -6.85 -16.01
N GLU A 46 -10.36 -7.90 -15.23
CA GLU A 46 -11.48 -8.81 -15.54
C GLU A 46 -12.81 -8.05 -15.50
N TYR A 47 -13.02 -7.33 -14.39
CA TYR A 47 -14.22 -6.50 -14.18
C TYR A 47 -14.11 -5.13 -14.92
N GLY A 48 -13.00 -4.92 -15.67
CA GLY A 48 -12.82 -3.73 -16.49
C GLY A 48 -12.64 -2.45 -15.67
N VAL A 49 -11.90 -2.58 -14.57
CA VAL A 49 -11.66 -1.50 -13.60
C VAL A 49 -10.29 -0.84 -13.84
N SER A 50 -10.27 0.50 -13.81
CA SER A 50 -9.06 1.29 -14.07
C SER A 50 -8.08 1.23 -12.89
N TYR A 51 -6.95 0.53 -13.10
CA TYR A 51 -5.83 0.50 -12.14
C TYR A 51 -4.55 1.02 -12.83
N GLU A 52 -3.58 1.44 -12.02
CA GLU A 52 -2.36 2.11 -12.47
C GLU A 52 -1.15 1.30 -11.96
N PRO A 53 -0.54 0.42 -12.82
CA PRO A 53 0.64 -0.39 -12.43
C PRO A 53 1.91 0.48 -12.27
N ILE A 54 2.20 0.87 -11.01
CA ILE A 54 3.34 1.75 -10.67
C ILE A 54 4.24 1.07 -9.63
N ASP A 55 5.56 1.24 -9.80
CA ASP A 55 6.56 0.68 -8.88
C ASP A 55 6.50 1.41 -7.53
N ILE A 56 6.49 0.62 -6.45
CA ILE A 56 6.32 1.13 -5.07
C ILE A 56 7.55 1.92 -4.59
N VAL A 57 8.75 1.52 -5.06
CA VAL A 57 10.04 2.10 -4.62
C VAL A 57 10.62 3.09 -5.65
N GLN A 58 10.40 2.80 -6.95
CA GLN A 58 10.90 3.64 -8.05
C GLN A 58 10.01 4.89 -8.18
N HIS A 59 8.70 4.68 -7.98
CA HIS A 59 7.68 5.74 -8.01
C HIS A 59 7.01 5.83 -6.62
N THR A 60 7.84 5.97 -5.56
CA THR A 60 7.33 6.18 -4.18
C THR A 60 6.71 7.59 -4.08
N PRO A 61 5.43 7.74 -3.63
CA PRO A 61 4.80 9.05 -3.46
C PRO A 61 5.34 9.79 -2.21
N THR A 62 5.08 11.10 -2.13
CA THR A 62 5.55 11.94 -1.02
C THR A 62 4.77 11.66 0.28
N ILE A 63 5.28 12.22 1.39
CA ILE A 63 4.60 12.24 2.70
C ILE A 63 3.20 12.88 2.55
N ASN A 64 3.13 13.88 1.65
CA ASN A 64 1.91 14.63 1.32
C ASN A 64 0.84 13.69 0.74
N GLU A 65 1.25 12.86 -0.23
CA GLU A 65 0.37 11.91 -0.91
C GLU A 65 -0.17 10.85 0.06
N PHE A 66 0.76 10.26 0.86
CA PHE A 66 0.41 9.25 1.86
C PHE A 66 -0.63 9.81 2.87
N LYS A 67 -0.36 10.98 3.49
CA LYS A 67 -1.26 11.55 4.53
C LYS A 67 -2.65 11.87 3.94
N THR A 68 -2.68 12.29 2.65
CA THR A 68 -3.94 12.55 1.95
C THR A 68 -4.77 11.25 1.83
N ILE A 69 -4.17 10.20 1.23
CA ILE A 69 -4.88 8.94 0.92
C ILE A 69 -5.35 8.22 2.19
N ILE A 70 -4.66 8.43 3.32
CA ILE A 70 -5.02 7.80 4.62
C ILE A 70 -6.15 8.59 5.32
N ALA A 71 -6.14 9.92 5.17
CA ALA A 71 -7.24 10.78 5.69
C ALA A 71 -8.52 10.63 4.84
N ASN A 72 -8.34 10.20 3.57
CA ASN A 72 -9.45 10.01 2.61
C ASN A 72 -10.04 8.58 2.70
N THR A 73 -9.17 7.55 2.71
CA THR A 73 -9.61 6.14 2.81
C THR A 73 -9.99 5.78 4.26
N GLY A 74 -9.20 6.31 5.20
CA GLY A 74 -9.28 5.90 6.59
C GLY A 74 -8.60 4.56 6.82
N VAL A 75 -7.50 4.30 6.09
CA VAL A 75 -6.74 3.06 6.21
C VAL A 75 -5.80 3.13 7.41
N GLU A 76 -5.45 1.96 7.97
CA GLU A 76 -4.41 1.84 8.98
C GLU A 76 -3.04 2.18 8.35
N ILE A 77 -2.37 3.23 8.87
CA ILE A 77 -1.03 3.66 8.38
C ILE A 77 0.00 2.54 8.68
N ASN A 78 -0.25 1.78 9.77
CA ASN A 78 0.63 0.70 10.23
C ASN A 78 0.72 -0.46 9.20
N LYS A 79 -0.44 -0.88 8.62
CA LYS A 79 -0.48 -2.00 7.65
C LYS A 79 0.15 -1.63 6.29
N LEU A 80 0.37 -0.32 6.07
CA LEU A 80 1.05 0.17 4.86
C LEU A 80 2.55 -0.22 4.88
N PHE A 81 3.11 -0.37 6.10
CA PHE A 81 4.47 -0.92 6.30
C PHE A 81 4.55 -2.36 5.75
N ASN A 82 5.78 -2.84 5.56
CA ASN A 82 6.10 -4.10 4.85
C ASN A 82 5.80 -5.38 5.72
N THR A 83 4.83 -5.26 6.67
CA THR A 83 4.44 -6.31 7.65
C THR A 83 5.69 -6.87 8.37
N HIS A 84 5.63 -8.08 8.94
CA HIS A 84 6.83 -8.71 9.56
C HIS A 84 7.74 -9.38 8.49
N GLY A 85 7.97 -8.64 7.38
CA GLY A 85 8.80 -9.09 6.28
C GLY A 85 10.25 -8.73 6.48
N ALA A 86 10.86 -9.35 7.52
CA ALA A 86 12.30 -9.24 7.89
C ALA A 86 12.66 -7.86 8.48
N LYS A 87 12.67 -6.83 7.62
CA LYS A 87 13.23 -5.49 7.93
C LYS A 87 12.48 -4.78 9.07
N TYR A 88 11.14 -4.92 9.11
CA TYR A 88 10.28 -4.24 10.12
C TYR A 88 10.76 -4.47 11.58
N ARG A 89 11.29 -5.68 11.84
CA ARG A 89 11.85 -6.05 13.18
C ARG A 89 13.39 -5.83 13.20
N GLU A 90 14.01 -5.96 12.00
CA GLU A 90 15.47 -5.82 11.81
C GLU A 90 15.92 -4.39 12.17
N LEU A 91 15.12 -3.41 11.73
CA LEU A 91 15.33 -1.99 12.04
C LEU A 91 14.78 -1.70 13.46
N ASP A 92 13.77 -2.54 13.86
CA ASP A 92 13.04 -2.43 15.13
C ASP A 92 12.20 -1.13 15.11
N LEU A 93 11.47 -0.97 13.98
CA LEU A 93 10.62 0.20 13.74
C LEU A 93 9.46 0.23 14.74
N LYS A 94 8.79 -0.90 14.96
CA LYS A 94 7.55 -0.97 15.79
C LYS A 94 7.74 -0.32 17.18
N ASN A 95 8.95 -0.55 17.74
CA ASN A 95 9.39 -0.02 19.04
C ASN A 95 9.45 1.53 19.01
N LYS A 96 9.93 2.12 17.89
CA LYS A 96 9.94 3.59 17.72
C LYS A 96 8.56 4.09 17.23
N LEU A 97 7.78 3.25 16.50
CA LEU A 97 6.51 3.68 15.85
C LEU A 97 5.44 4.02 16.88
N GLN A 98 5.41 3.23 17.96
CA GLN A 98 4.46 3.41 19.07
C GLN A 98 4.66 4.77 19.79
N THR A 99 5.91 5.29 19.77
CA THR A 99 6.27 6.52 20.52
C THR A 99 6.43 7.75 19.60
N LEU A 100 6.57 7.54 18.26
CA LEU A 100 6.56 8.65 17.29
C LEU A 100 5.16 8.84 16.68
N SER A 101 4.99 9.96 15.95
CA SER A 101 3.71 10.35 15.34
C SER A 101 3.47 9.58 14.02
N ASP A 102 2.21 9.56 13.56
CA ASP A 102 1.85 8.90 12.28
C ASP A 102 2.52 9.59 11.09
N ASP A 103 2.83 10.90 11.25
CA ASP A 103 3.56 11.70 10.24
C ASP A 103 4.99 11.18 10.03
N GLU A 104 5.61 10.71 11.13
CA GLU A 104 6.98 10.17 11.12
C GLU A 104 7.02 8.75 10.51
N LYS A 105 5.90 8.01 10.71
CA LYS A 105 5.66 6.72 10.03
C LYS A 105 5.60 6.93 8.50
N LEU A 106 4.90 8.02 8.10
CA LEU A 106 4.76 8.44 6.70
C LEU A 106 6.13 8.78 6.09
N GLU A 107 6.98 9.46 6.89
CA GLU A 107 8.36 9.81 6.48
C GLU A 107 9.16 8.55 6.13
N LEU A 108 9.06 7.51 6.98
CA LEU A 108 9.73 6.21 6.77
C LEU A 108 9.26 5.54 5.45
N LEU A 109 7.92 5.54 5.22
CA LEU A 109 7.31 4.96 4.00
C LEU A 109 7.71 5.73 2.72
N SER A 110 7.82 7.06 2.85
CA SER A 110 8.14 7.96 1.72
C SER A 110 9.64 7.90 1.36
N SER A 111 10.47 7.68 2.39
CA SER A 111 11.92 7.54 2.23
C SER A 111 12.27 6.19 1.60
N ASP A 112 11.47 5.15 1.92
CA ASP A 112 11.75 3.79 1.46
C ASP A 112 10.47 3.10 0.98
N GLY A 113 10.37 2.85 -0.34
CA GLY A 113 9.25 2.14 -0.93
C GLY A 113 9.23 0.64 -0.62
N MET A 114 10.38 0.08 -0.22
CA MET A 114 10.48 -1.32 0.24
C MET A 114 9.98 -1.45 1.69
N LEU A 115 9.98 -0.33 2.44
CA LEU A 115 9.34 -0.24 3.77
C LEU A 115 7.81 -0.23 3.64
N VAL A 116 7.31 0.16 2.46
CA VAL A 116 5.86 0.03 2.14
C VAL A 116 5.61 -1.39 1.57
N LYS A 117 4.35 -1.85 1.64
CA LYS A 117 3.92 -3.08 0.95
C LYS A 117 4.05 -2.89 -0.56
N ARG A 118 4.84 -3.77 -1.22
CA ARG A 118 4.91 -3.81 -2.68
C ARG A 118 3.50 -4.00 -3.31
N PRO A 119 2.65 -5.01 -2.89
CA PRO A 119 1.25 -5.08 -3.35
C PRO A 119 0.31 -4.16 -2.52
N LEU A 120 -0.06 -3.03 -3.14
CA LEU A 120 -1.04 -2.06 -2.60
C LEU A 120 -1.87 -1.51 -3.76
N ALA A 121 -3.10 -1.10 -3.47
CA ALA A 121 -4.01 -0.49 -4.45
C ALA A 121 -4.84 0.57 -3.73
N VAL A 122 -4.64 1.87 -4.02
CA VAL A 122 -5.35 2.98 -3.34
C VAL A 122 -6.04 3.90 -4.37
N MET A 123 -7.28 4.33 -4.06
CA MET A 123 -8.11 5.14 -4.98
C MET A 123 -9.08 6.02 -4.17
N GLY A 124 -8.64 7.24 -3.85
CA GLY A 124 -9.47 8.21 -3.12
C GLY A 124 -9.87 7.74 -1.73
N ASP A 125 -11.08 7.14 -1.60
CA ASP A 125 -11.63 6.67 -0.31
C ASP A 125 -11.52 5.14 -0.17
N LYS A 126 -11.18 4.47 -1.28
CA LYS A 126 -11.11 3.00 -1.35
C LYS A 126 -9.63 2.55 -1.34
N ILE A 127 -9.32 1.39 -0.73
CA ILE A 127 -7.93 0.85 -0.69
C ILE A 127 -7.91 -0.66 -0.31
N THR A 128 -6.95 -1.41 -0.89
CA THR A 128 -6.69 -2.83 -0.56
C THR A 128 -5.16 -3.06 -0.38
N LEU A 129 -4.78 -3.84 0.65
CA LEU A 129 -3.36 -4.21 0.93
C LEU A 129 -3.16 -5.72 0.76
N GLY A 130 -1.94 -6.11 0.33
CA GLY A 130 -1.55 -7.51 0.20
C GLY A 130 -2.34 -8.26 -0.86
N PHE A 131 -2.92 -9.41 -0.48
CA PHE A 131 -3.76 -10.22 -1.38
C PHE A 131 -4.96 -10.79 -0.60
N LYS A 132 -6.10 -10.11 -0.69
CA LYS A 132 -7.38 -10.59 -0.15
C LYS A 132 -8.46 -10.39 -1.21
N GLU A 133 -8.80 -11.45 -1.95
CA GLU A 133 -9.84 -11.44 -3.01
C GLU A 133 -11.18 -10.89 -2.45
N ASP A 134 -11.41 -11.14 -1.14
CA ASP A 134 -12.57 -10.62 -0.40
C ASP A 134 -12.56 -9.08 -0.42
N GLN A 135 -11.45 -8.50 0.06
CA GLN A 135 -11.27 -7.04 0.09
C GLN A 135 -11.30 -6.42 -1.32
N TYR A 136 -10.77 -7.13 -2.34
CA TYR A 136 -10.75 -6.62 -3.73
C TYR A 136 -12.19 -6.48 -4.29
N LYS A 137 -13.05 -7.51 -4.09
CA LYS A 137 -14.46 -7.46 -4.55
C LYS A 137 -15.32 -6.54 -3.64
N GLU A 138 -14.87 -6.39 -2.38
CA GLU A 138 -15.59 -5.59 -1.37
C GLU A 138 -15.43 -4.10 -1.64
N THR A 139 -14.20 -3.72 -1.96
CA THR A 139 -13.76 -2.32 -2.01
C THR A 139 -13.93 -1.73 -3.42
N TRP A 140 -13.55 -2.50 -4.47
CA TRP A 140 -13.54 -2.01 -5.85
C TRP A 140 -14.84 -2.35 -6.60
N LEU A 141 -15.41 -3.53 -6.28
CA LEU A 141 -16.45 -4.18 -7.10
C LEU A 141 -17.80 -4.25 -6.34
N ALA A 142 -18.72 -5.11 -6.87
CA ALA A 142 -20.03 -5.42 -6.27
C ALA A 142 -20.99 -4.20 -6.33
N MET A 25 -5.55 6.57 -12.99
CA MET A 25 -6.60 5.64 -12.49
C MET A 25 -6.18 5.06 -11.12
N ILE A 26 -6.85 3.95 -10.69
CA ILE A 26 -6.59 3.31 -9.38
C ILE A 26 -5.10 2.94 -9.22
N LYS A 27 -4.41 3.69 -8.35
CA LYS A 27 -2.96 3.56 -8.12
C LYS A 27 -2.61 2.18 -7.54
N PHE A 28 -2.41 1.22 -8.46
CA PHE A 28 -2.02 -0.15 -8.12
C PHE A 28 -0.50 -0.20 -7.96
N TYR A 29 -0.02 0.12 -6.76
CA TYR A 29 1.40 0.07 -6.44
C TYR A 29 1.84 -1.40 -6.34
N GLN A 30 3.07 -1.67 -6.82
CA GLN A 30 3.64 -3.03 -6.89
C GLN A 30 5.16 -2.93 -7.14
N TYR A 31 5.88 -4.05 -6.95
CA TYR A 31 7.31 -4.15 -7.34
C TYR A 31 7.76 -5.62 -7.30
N LYS A 32 8.72 -5.96 -8.21
CA LYS A 32 9.31 -7.32 -8.35
C LYS A 32 8.27 -8.33 -8.92
N ASN A 33 8.73 -9.39 -9.62
CA ASN A 33 7.82 -10.45 -10.14
C ASN A 33 7.16 -11.21 -8.97
N CYS A 34 5.92 -10.79 -8.66
CA CYS A 34 5.14 -11.31 -7.53
C CYS A 34 3.83 -11.92 -8.03
N THR A 35 3.52 -13.14 -7.55
CA THR A 35 2.26 -13.87 -7.86
C THR A 35 1.04 -13.06 -7.42
N THR A 36 1.19 -12.35 -6.28
CA THR A 36 0.18 -11.45 -5.73
C THR A 36 -0.25 -10.40 -6.76
N CYS A 37 0.75 -9.69 -7.32
CA CYS A 37 0.54 -8.61 -8.30
C CYS A 37 -0.13 -9.14 -9.57
N LYS A 38 0.23 -10.38 -9.96
CA LYS A 38 -0.32 -11.01 -11.18
C LYS A 38 -1.81 -11.32 -11.03
N LYS A 39 -2.19 -11.97 -9.92
CA LYS A 39 -3.58 -12.40 -9.66
C LYS A 39 -4.49 -11.20 -9.33
N ALA A 40 -3.92 -10.19 -8.66
CA ALA A 40 -4.62 -8.96 -8.29
C ALA A 40 -4.98 -8.14 -9.54
N ALA A 41 -3.95 -7.95 -10.40
CA ALA A 41 -4.11 -7.22 -11.67
C ALA A 41 -4.99 -8.00 -12.66
N LYS A 42 -4.95 -9.34 -12.57
CA LYS A 42 -5.81 -10.25 -13.38
C LYS A 42 -7.28 -10.09 -12.95
N PHE A 43 -7.51 -10.02 -11.63
CA PHE A 43 -8.85 -9.87 -11.02
C PHE A 43 -9.49 -8.54 -11.45
N LEU A 44 -8.68 -7.47 -11.33
CA LEU A 44 -9.06 -6.11 -11.71
C LEU A 44 -9.31 -6.01 -13.23
N ASP A 45 -8.41 -6.63 -14.03
CA ASP A 45 -8.57 -6.71 -15.51
C ASP A 45 -9.86 -7.45 -15.90
N GLU A 46 -10.15 -8.53 -15.17
CA GLU A 46 -11.28 -9.44 -15.44
C GLU A 46 -12.63 -8.70 -15.29
N TYR A 47 -12.75 -7.92 -14.22
CA TYR A 47 -13.96 -7.10 -13.95
C TYR A 47 -13.94 -5.75 -14.70
N GLY A 48 -12.92 -5.51 -15.55
CA GLY A 48 -12.84 -4.29 -16.37
C GLY A 48 -12.49 -3.04 -15.54
N VAL A 49 -11.90 -3.28 -14.37
CA VAL A 49 -11.47 -2.24 -13.42
C VAL A 49 -10.11 -1.66 -13.87
N SER A 50 -10.10 -0.36 -14.22
CA SER A 50 -8.89 0.34 -14.64
C SER A 50 -7.93 0.56 -13.44
N TYR A 51 -6.90 -0.28 -13.39
CA TYR A 51 -5.82 -0.19 -12.39
C TYR A 51 -4.58 0.47 -13.03
N GLU A 52 -3.66 0.94 -12.18
CA GLU A 52 -2.45 1.66 -12.59
C GLU A 52 -1.24 0.96 -11.98
N PRO A 53 -0.63 -0.07 -12.66
CA PRO A 53 0.48 -0.85 -12.10
C PRO A 53 1.80 -0.03 -12.09
N ILE A 54 1.97 0.80 -11.05
CA ILE A 54 3.14 1.67 -10.87
C ILE A 54 4.03 1.10 -9.74
N ASP A 55 5.35 1.29 -9.89
CA ASP A 55 6.34 0.73 -8.96
C ASP A 55 6.37 1.50 -7.64
N ILE A 56 6.26 0.77 -6.52
CA ILE A 56 6.13 1.36 -5.17
C ILE A 56 7.41 2.10 -4.73
N VAL A 57 8.60 1.60 -5.15
CA VAL A 57 9.92 2.18 -4.73
C VAL A 57 10.48 3.15 -5.79
N GLN A 58 10.01 3.02 -7.04
CA GLN A 58 10.45 3.87 -8.16
C GLN A 58 9.54 5.13 -8.24
N HIS A 59 8.28 4.96 -7.79
CA HIS A 59 7.25 6.01 -7.80
C HIS A 59 6.71 6.23 -6.38
N THR A 60 7.63 6.17 -5.37
CA THR A 60 7.27 6.35 -3.96
C THR A 60 6.70 7.77 -3.73
N PRO A 61 5.41 7.90 -3.30
CA PRO A 61 4.79 9.20 -3.03
C PRO A 61 5.34 9.84 -1.73
N THR A 62 5.13 11.15 -1.57
CA THR A 62 5.67 11.90 -0.42
C THR A 62 4.80 11.70 0.83
N ILE A 63 5.27 12.28 1.94
CA ILE A 63 4.57 12.29 3.25
C ILE A 63 3.13 12.85 3.09
N ASN A 64 3.00 13.80 2.14
CA ASN A 64 1.74 14.48 1.80
C ASN A 64 0.73 13.50 1.16
N GLU A 65 1.12 12.84 0.05
CA GLU A 65 0.21 11.90 -0.68
C GLU A 65 -0.24 10.75 0.22
N PHE A 66 0.68 10.24 1.07
CA PHE A 66 0.36 9.21 2.06
C PHE A 66 -0.72 9.73 3.04
N LYS A 67 -0.45 10.83 3.78
CA LYS A 67 -1.40 11.34 4.80
C LYS A 67 -2.76 11.74 4.18
N THR A 68 -2.74 12.11 2.89
CA THR A 68 -3.94 12.44 2.11
C THR A 68 -4.80 11.18 1.90
N ILE A 69 -4.21 10.10 1.33
CA ILE A 69 -4.96 8.86 1.02
C ILE A 69 -5.47 8.18 2.31
N ILE A 70 -4.78 8.43 3.43
CA ILE A 70 -5.18 7.90 4.75
C ILE A 70 -6.35 8.71 5.33
N ALA A 71 -6.33 10.03 5.09
CA ALA A 71 -7.42 10.95 5.48
C ALA A 71 -8.70 10.71 4.62
N ASN A 72 -8.47 10.31 3.37
CA ASN A 72 -9.54 10.18 2.35
C ASN A 72 -10.19 8.78 2.38
N THR A 73 -9.36 7.72 2.32
CA THR A 73 -9.85 6.32 2.29
C THR A 73 -10.15 5.81 3.71
N GLY A 74 -9.51 6.42 4.72
CA GLY A 74 -9.67 6.02 6.12
C GLY A 74 -8.92 4.73 6.45
N VAL A 75 -7.76 4.53 5.79
CA VAL A 75 -6.93 3.33 5.98
C VAL A 75 -6.00 3.49 7.20
N GLU A 76 -5.59 2.37 7.80
CA GLU A 76 -4.54 2.34 8.82
C GLU A 76 -3.19 2.72 8.18
N ILE A 77 -2.49 3.65 8.82
CA ILE A 77 -1.17 4.13 8.38
C ILE A 77 -0.10 3.05 8.70
N ASN A 78 -0.33 2.29 9.77
CA ASN A 78 0.61 1.26 10.27
C ASN A 78 0.60 0.01 9.35
N LYS A 79 -0.57 -0.32 8.73
CA LYS A 79 -0.67 -1.47 7.79
C LYS A 79 0.03 -1.16 6.44
N LEU A 80 0.33 0.14 6.18
CA LEU A 80 1.04 0.56 4.96
C LEU A 80 2.51 0.11 5.02
N PHE A 81 3.02 -0.15 6.23
CA PHE A 81 4.35 -0.74 6.43
C PHE A 81 4.39 -2.19 5.95
N ASN A 82 5.59 -2.63 5.55
CA ASN A 82 5.89 -4.03 5.26
C ASN A 82 5.53 -4.93 6.46
N THR A 83 4.30 -5.49 6.41
CA THR A 83 3.75 -6.35 7.47
C THR A 83 4.64 -7.61 7.61
N HIS A 84 5.37 -7.67 8.74
CA HIS A 84 6.49 -8.60 8.98
C HIS A 84 7.65 -8.26 8.01
N GLY A 85 7.54 -8.70 6.73
CA GLY A 85 8.40 -8.25 5.62
C GLY A 85 9.92 -8.28 5.82
N ALA A 86 10.39 -9.01 6.87
CA ALA A 86 11.80 -9.06 7.31
C ALA A 86 12.31 -7.71 7.90
N LYS A 87 12.34 -6.65 7.08
CA LYS A 87 12.95 -5.36 7.42
C LYS A 87 12.26 -4.65 8.62
N TYR A 88 10.95 -4.87 8.76
CA TYR A 88 10.15 -4.30 9.88
C TYR A 88 10.73 -4.67 11.28
N ARG A 89 11.46 -5.81 11.35
CA ARG A 89 12.16 -6.27 12.59
C ARG A 89 13.69 -6.14 12.44
N GLU A 90 14.17 -6.11 11.18
CA GLU A 90 15.62 -5.94 10.87
C GLU A 90 16.11 -4.54 11.27
N LEU A 91 15.20 -3.56 11.14
CA LEU A 91 15.41 -2.17 11.57
C LEU A 91 14.80 -1.95 12.97
N ASP A 92 14.11 -3.00 13.47
CA ASP A 92 13.32 -3.02 14.72
C ASP A 92 12.35 -1.83 14.82
N LEU A 93 11.73 -1.48 13.67
CA LEU A 93 10.88 -0.29 13.55
C LEU A 93 9.75 -0.28 14.57
N LYS A 94 9.16 -1.45 14.87
CA LYS A 94 8.00 -1.57 15.77
C LYS A 94 8.26 -0.90 17.16
N ASN A 95 9.53 -1.03 17.63
CA ASN A 95 10.01 -0.42 18.89
C ASN A 95 9.84 1.11 18.88
N LYS A 96 10.19 1.76 17.76
CA LYS A 96 10.05 3.21 17.62
C LYS A 96 8.60 3.58 17.21
N LEU A 97 7.91 2.71 16.42
CA LEU A 97 6.58 3.03 15.82
C LEU A 97 5.50 3.19 16.90
N GLN A 98 5.66 2.43 18.00
CA GLN A 98 4.73 2.49 19.16
C GLN A 98 4.87 3.82 19.96
N THR A 99 5.96 4.58 19.74
CA THR A 99 6.27 5.78 20.56
C THR A 99 6.44 7.09 19.74
N LEU A 100 6.69 7.01 18.42
CA LEU A 100 6.83 8.24 17.56
C LEU A 100 5.45 8.81 17.13
N SER A 101 5.48 9.84 16.26
CA SER A 101 4.27 10.45 15.67
C SER A 101 3.88 9.74 14.36
N ASP A 102 2.61 9.89 13.92
CA ASP A 102 2.13 9.32 12.64
C ASP A 102 2.91 9.90 11.46
N ASP A 103 3.34 11.18 11.59
CA ASP A 103 4.16 11.87 10.58
C ASP A 103 5.52 11.20 10.37
N GLU A 104 6.07 10.64 11.45
CA GLU A 104 7.38 9.94 11.41
C GLU A 104 7.24 8.55 10.76
N LYS A 105 6.07 7.91 10.94
CA LYS A 105 5.73 6.67 10.22
C LYS A 105 5.59 6.97 8.71
N LEU A 106 4.87 8.06 8.40
CA LEU A 106 4.70 8.59 7.04
C LEU A 106 6.07 8.88 6.39
N GLU A 107 7.02 9.43 7.20
CA GLU A 107 8.39 9.73 6.74
C GLU A 107 9.13 8.45 6.32
N LEU A 108 9.11 7.41 7.17
CA LEU A 108 9.77 6.11 6.88
C LEU A 108 9.25 5.48 5.56
N LEU A 109 7.91 5.55 5.39
CA LEU A 109 7.23 5.08 4.16
C LEU A 109 7.67 5.91 2.92
N SER A 110 7.77 7.23 3.09
CA SER A 110 8.10 8.17 2.01
C SER A 110 9.60 8.17 1.71
N SER A 111 10.40 7.66 2.66
CA SER A 111 11.86 7.51 2.52
C SER A 111 12.20 6.22 1.77
N ASP A 112 11.36 5.18 1.94
CA ASP A 112 11.58 3.89 1.26
C ASP A 112 10.25 3.24 0.83
N GLY A 113 10.10 3.02 -0.49
CA GLY A 113 8.93 2.34 -1.05
C GLY A 113 8.90 0.85 -0.75
N MET A 114 10.07 0.27 -0.44
CA MET A 114 10.17 -1.14 -0.01
C MET A 114 9.74 -1.30 1.46
N LEU A 115 9.84 -0.18 2.24
CA LEU A 115 9.27 -0.09 3.60
C LEU A 115 7.74 -0.03 3.57
N VAL A 116 7.20 0.42 2.44
CA VAL A 116 5.76 0.34 2.16
C VAL A 116 5.43 -1.07 1.62
N LYS A 117 4.15 -1.47 1.77
CA LYS A 117 3.62 -2.68 1.14
C LYS A 117 3.74 -2.53 -0.39
N ARG A 118 4.52 -3.44 -1.01
CA ARG A 118 4.65 -3.51 -2.46
C ARG A 118 3.25 -3.71 -3.10
N PRO A 119 2.42 -4.76 -2.71
CA PRO A 119 1.04 -4.85 -3.19
C PRO A 119 0.11 -3.87 -2.41
N LEU A 120 -0.23 -2.76 -3.07
CA LEU A 120 -1.21 -1.78 -2.58
C LEU A 120 -2.01 -1.29 -3.80
N ALA A 121 -3.29 -1.02 -3.59
CA ALA A 121 -4.16 -0.41 -4.61
C ALA A 121 -4.98 0.67 -3.92
N VAL A 122 -4.78 1.94 -4.30
CA VAL A 122 -5.49 3.08 -3.69
C VAL A 122 -6.14 3.92 -4.80
N MET A 123 -7.21 4.63 -4.44
CA MET A 123 -7.89 5.58 -5.32
C MET A 123 -8.09 6.88 -4.48
N GLY A 124 -9.21 7.60 -4.70
CA GLY A 124 -9.54 8.76 -3.86
C GLY A 124 -9.97 8.36 -2.46
N ASP A 125 -11.15 7.73 -2.36
CA ASP A 125 -11.79 7.37 -1.07
C ASP A 125 -11.83 5.83 -0.85
N LYS A 126 -11.18 5.05 -1.74
CA LYS A 126 -11.16 3.56 -1.67
C LYS A 126 -9.71 3.03 -1.68
N ILE A 127 -9.46 1.85 -1.05
CA ILE A 127 -8.10 1.26 -0.92
C ILE A 127 -8.16 -0.25 -0.53
N THR A 128 -7.10 -1.01 -0.89
CA THR A 128 -6.89 -2.41 -0.48
C THR A 128 -5.36 -2.66 -0.29
N LEU A 129 -4.98 -3.32 0.83
CA LEU A 129 -3.56 -3.63 1.13
C LEU A 129 -3.29 -5.15 1.05
N GLY A 130 -2.26 -5.51 0.27
CA GLY A 130 -1.90 -6.91 0.04
C GLY A 130 -2.92 -7.65 -0.84
N PHE A 131 -2.75 -8.97 -0.98
CA PHE A 131 -3.73 -9.81 -1.70
C PHE A 131 -4.95 -10.03 -0.79
N LYS A 132 -5.96 -9.20 -0.98
CA LYS A 132 -7.24 -9.29 -0.28
C LYS A 132 -8.33 -9.42 -1.33
N GLU A 133 -8.57 -10.64 -1.83
CA GLU A 133 -9.59 -10.90 -2.88
C GLU A 133 -10.99 -10.51 -2.38
N ASP A 134 -11.24 -10.77 -1.07
CA ASP A 134 -12.50 -10.41 -0.43
C ASP A 134 -12.66 -8.87 -0.36
N GLN A 135 -11.60 -8.15 0.05
CA GLN A 135 -11.60 -6.68 0.04
C GLN A 135 -11.56 -6.10 -1.39
N TYR A 136 -11.08 -6.87 -2.39
CA TYR A 136 -11.08 -6.41 -3.80
C TYR A 136 -12.53 -6.32 -4.29
N LYS A 137 -13.32 -7.37 -3.99
CA LYS A 137 -14.74 -7.42 -4.36
C LYS A 137 -15.60 -6.54 -3.43
N GLU A 138 -15.13 -6.31 -2.20
CA GLU A 138 -15.88 -5.54 -1.17
C GLU A 138 -15.67 -4.03 -1.36
N THR A 139 -14.48 -3.65 -1.84
CA THR A 139 -14.09 -2.24 -2.03
C THR A 139 -14.34 -1.79 -3.48
N TRP A 140 -13.67 -2.46 -4.46
CA TRP A 140 -13.65 -2.01 -5.88
C TRP A 140 -14.93 -2.44 -6.61
N LEU A 141 -15.57 -3.52 -6.14
CA LEU A 141 -16.70 -4.19 -6.84
C LEU A 141 -17.96 -4.19 -5.96
N ALA A 142 -18.94 -5.06 -6.34
CA ALA A 142 -20.23 -5.21 -5.65
C ALA A 142 -21.08 -3.92 -5.84
N MET A 25 -6.22 6.89 -12.50
CA MET A 25 -7.14 5.80 -12.09
C MET A 25 -6.68 5.17 -10.76
N ILE A 26 -7.27 4.00 -10.39
CA ILE A 26 -6.95 3.27 -9.15
C ILE A 26 -5.45 2.94 -9.06
N LYS A 27 -4.74 3.71 -8.22
CA LYS A 27 -3.27 3.62 -8.06
C LYS A 27 -2.84 2.26 -7.50
N PHE A 28 -2.63 1.31 -8.42
CA PHE A 28 -2.24 -0.07 -8.10
C PHE A 28 -0.71 -0.12 -7.93
N TYR A 29 -0.26 0.03 -6.69
CA TYR A 29 1.15 -0.05 -6.35
C TYR A 29 1.58 -1.53 -6.27
N GLN A 30 2.75 -1.82 -6.84
CA GLN A 30 3.34 -3.16 -6.88
C GLN A 30 4.87 -3.03 -6.96
N TYR A 31 5.59 -4.15 -7.01
CA TYR A 31 7.03 -4.14 -7.34
C TYR A 31 7.45 -5.56 -7.71
N LYS A 32 7.88 -5.73 -8.98
CA LYS A 32 8.12 -7.04 -9.63
C LYS A 32 6.78 -7.77 -9.80
N ASN A 33 6.37 -7.94 -11.06
CA ASN A 33 5.08 -8.56 -11.42
C ASN A 33 5.16 -10.08 -11.20
N CYS A 34 5.08 -10.46 -9.91
CA CYS A 34 5.31 -11.83 -9.44
C CYS A 34 4.20 -12.24 -8.45
N THR A 35 3.49 -13.33 -8.79
CA THR A 35 2.47 -13.99 -7.95
C THR A 35 1.37 -13.02 -7.46
N THR A 36 1.59 -12.31 -6.33
CA THR A 36 0.59 -11.41 -5.69
C THR A 36 0.18 -10.27 -6.65
N CYS A 37 1.20 -9.68 -7.29
CA CYS A 37 1.02 -8.60 -8.29
C CYS A 37 0.22 -9.11 -9.50
N LYS A 38 0.52 -10.35 -9.93
CA LYS A 38 -0.15 -10.99 -11.09
C LYS A 38 -1.60 -11.39 -10.77
N LYS A 39 -1.86 -11.80 -9.51
CA LYS A 39 -3.19 -12.25 -9.05
C LYS A 39 -4.14 -11.06 -8.91
N ALA A 40 -3.61 -9.97 -8.33
CA ALA A 40 -4.33 -8.72 -8.14
C ALA A 40 -4.67 -8.08 -9.51
N ALA A 41 -3.64 -8.02 -10.39
CA ALA A 41 -3.77 -7.49 -11.76
C ALA A 41 -4.75 -8.33 -12.60
N LYS A 42 -4.75 -9.66 -12.37
CA LYS A 42 -5.69 -10.60 -13.03
C LYS A 42 -7.14 -10.28 -12.66
N PHE A 43 -7.42 -10.20 -11.35
CA PHE A 43 -8.79 -10.02 -10.82
C PHE A 43 -9.40 -8.69 -11.29
N LEU A 44 -8.58 -7.62 -11.18
CA LEU A 44 -8.95 -6.27 -11.64
C LEU A 44 -9.19 -6.27 -13.18
N ASP A 45 -8.28 -6.90 -13.94
CA ASP A 45 -8.38 -6.98 -15.43
C ASP A 45 -9.59 -7.82 -15.87
N GLU A 46 -9.93 -8.83 -15.06
CA GLU A 46 -11.03 -9.78 -15.32
C GLU A 46 -12.38 -9.04 -15.30
N TYR A 47 -12.57 -8.21 -14.27
CA TYR A 47 -13.78 -7.36 -14.13
C TYR A 47 -13.68 -6.06 -14.94
N GLY A 48 -12.53 -5.83 -15.59
CA GLY A 48 -12.33 -4.64 -16.45
C GLY A 48 -12.13 -3.35 -15.65
N VAL A 49 -11.65 -3.49 -14.42
CA VAL A 49 -11.34 -2.39 -13.50
C VAL A 49 -10.12 -1.59 -14.00
N SER A 50 -10.26 -0.27 -14.14
CA SER A 50 -9.18 0.63 -14.54
C SER A 50 -8.18 0.79 -13.37
N TYR A 51 -7.06 0.06 -13.45
CA TYR A 51 -6.01 0.06 -12.43
C TYR A 51 -4.73 0.70 -13.00
N GLU A 52 -3.89 1.23 -12.11
CA GLU A 52 -2.70 2.03 -12.45
C GLU A 52 -1.45 1.28 -11.96
N PRO A 53 -0.85 0.34 -12.78
CA PRO A 53 0.30 -0.48 -12.35
C PRO A 53 1.61 0.34 -12.25
N ILE A 54 1.81 0.96 -11.08
CA ILE A 54 3.00 1.77 -10.77
C ILE A 54 3.79 1.10 -9.63
N ASP A 55 5.12 1.11 -9.74
CA ASP A 55 6.01 0.47 -8.76
C ASP A 55 6.13 1.32 -7.48
N ILE A 56 6.19 0.64 -6.33
CA ILE A 56 6.03 1.27 -5.00
C ILE A 56 7.27 2.10 -4.60
N VAL A 57 8.48 1.62 -4.96
CA VAL A 57 9.75 2.30 -4.60
C VAL A 57 10.24 3.19 -5.75
N GLN A 58 9.90 2.79 -6.99
CA GLN A 58 10.21 3.56 -8.21
C GLN A 58 9.32 4.82 -8.28
N HIS A 59 8.11 4.70 -7.70
CA HIS A 59 7.09 5.77 -7.67
C HIS A 59 6.58 5.94 -6.22
N THR A 60 7.50 6.18 -5.27
CA THR A 60 7.13 6.41 -3.86
C THR A 60 6.57 7.84 -3.69
N PRO A 61 5.28 7.99 -3.21
CA PRO A 61 4.67 9.32 -2.94
C PRO A 61 5.41 10.10 -1.82
N THR A 62 5.22 11.43 -1.78
CA THR A 62 5.73 12.30 -0.70
C THR A 62 4.94 12.05 0.61
N ILE A 63 5.46 12.59 1.73
CA ILE A 63 4.81 12.52 3.06
C ILE A 63 3.40 13.15 2.99
N ASN A 64 3.30 14.24 2.18
CA ASN A 64 2.01 14.93 1.90
C ASN A 64 1.03 14.00 1.18
N GLU A 65 1.49 13.34 0.10
CA GLU A 65 0.64 12.43 -0.71
C GLU A 65 0.17 11.22 0.11
N PHE A 66 1.04 10.72 1.01
CA PHE A 66 0.70 9.62 1.92
C PHE A 66 -0.44 10.05 2.87
N LYS A 67 -0.22 11.13 3.65
CA LYS A 67 -1.23 11.59 4.64
C LYS A 67 -2.55 12.01 3.95
N THR A 68 -2.46 12.40 2.66
CA THR A 68 -3.63 12.67 1.81
C THR A 68 -4.46 11.38 1.60
N ILE A 69 -3.85 10.35 0.98
CA ILE A 69 -4.56 9.10 0.62
C ILE A 69 -5.14 8.40 1.87
N ILE A 70 -4.43 8.53 3.00
CA ILE A 70 -4.81 7.92 4.28
C ILE A 70 -5.97 8.69 4.96
N ALA A 71 -6.00 10.02 4.79
CA ALA A 71 -7.10 10.86 5.30
C ALA A 71 -8.41 10.60 4.50
N ASN A 72 -8.26 10.48 3.17
CA ASN A 72 -9.39 10.35 2.24
C ASN A 72 -10.00 8.91 2.27
N THR A 73 -9.14 7.88 2.31
CA THR A 73 -9.61 6.46 2.31
C THR A 73 -9.95 6.00 3.74
N GLY A 74 -9.18 6.50 4.71
CA GLY A 74 -9.31 6.08 6.11
C GLY A 74 -8.60 4.75 6.40
N VAL A 75 -7.42 4.55 5.76
CA VAL A 75 -6.63 3.31 5.95
C VAL A 75 -5.71 3.45 7.18
N GLU A 76 -5.42 2.31 7.81
CA GLU A 76 -4.43 2.22 8.89
C GLU A 76 -3.02 2.41 8.29
N ILE A 77 -2.30 3.43 8.79
CA ILE A 77 -0.93 3.77 8.33
C ILE A 77 0.06 2.62 8.71
N ASN A 78 -0.27 1.88 9.79
CA ASN A 78 0.57 0.78 10.31
C ASN A 78 0.62 -0.42 9.33
N LYS A 79 -0.55 -0.80 8.74
CA LYS A 79 -0.62 -1.92 7.78
C LYS A 79 -0.01 -1.56 6.41
N LEU A 80 0.39 -0.29 6.24
CA LEU A 80 1.13 0.16 5.04
C LEU A 80 2.61 -0.21 5.16
N PHE A 81 3.08 -0.53 6.38
CA PHE A 81 4.43 -1.07 6.61
C PHE A 81 4.47 -2.57 6.24
N ASN A 82 5.67 -3.03 5.80
CA ASN A 82 5.92 -4.43 5.41
C ASN A 82 5.57 -5.39 6.58
N THR A 83 4.52 -6.20 6.37
CA THR A 83 3.85 -6.98 7.44
C THR A 83 4.61 -8.26 7.80
N HIS A 84 5.47 -8.74 6.87
CA HIS A 84 6.30 -9.93 7.09
C HIS A 84 7.51 -9.59 7.99
N GLY A 85 8.19 -10.65 8.46
CA GLY A 85 9.40 -10.50 9.29
C GLY A 85 10.61 -10.04 8.48
N ALA A 86 10.55 -8.79 8.03
CA ALA A 86 11.53 -8.18 7.13
C ALA A 86 12.10 -6.90 7.79
N LYS A 87 12.21 -5.78 7.04
CA LYS A 87 12.81 -4.52 7.56
C LYS A 87 12.03 -3.89 8.74
N TYR A 88 10.76 -4.26 8.87
CA TYR A 88 9.87 -3.83 9.99
C TYR A 88 10.47 -4.23 11.36
N ARG A 89 11.25 -5.33 11.36
CA ARG A 89 11.90 -5.88 12.56
C ARG A 89 13.43 -5.93 12.40
N GLU A 90 13.92 -5.81 11.15
CA GLU A 90 15.37 -5.79 10.84
C GLU A 90 15.97 -4.47 11.30
N LEU A 91 15.27 -3.37 10.94
CA LEU A 91 15.57 -2.02 11.41
C LEU A 91 15.04 -1.84 12.85
N ASP A 92 14.17 -2.81 13.26
CA ASP A 92 13.46 -2.82 14.54
C ASP A 92 12.58 -1.56 14.64
N LEU A 93 11.78 -1.36 13.57
CA LEU A 93 10.91 -0.19 13.44
C LEU A 93 9.84 -0.21 14.52
N LYS A 94 9.31 -1.40 14.85
CA LYS A 94 8.20 -1.54 15.82
C LYS A 94 8.53 -0.84 17.17
N ASN A 95 9.82 -0.92 17.56
CA ASN A 95 10.36 -0.28 18.78
C ASN A 95 10.12 1.24 18.77
N LYS A 96 10.46 1.89 17.64
CA LYS A 96 10.25 3.34 17.49
C LYS A 96 8.76 3.64 17.21
N LEU A 97 8.07 2.76 16.46
CA LEU A 97 6.69 3.02 15.94
C LEU A 97 5.66 3.09 17.07
N GLN A 98 5.90 2.34 18.15
CA GLN A 98 4.99 2.29 19.32
C GLN A 98 5.11 3.57 20.20
N THR A 99 6.15 4.42 19.94
CA THR A 99 6.40 5.63 20.76
C THR A 99 6.31 6.94 19.94
N LEU A 100 6.59 6.90 18.61
CA LEU A 100 6.57 8.12 17.76
C LEU A 100 5.14 8.48 17.30
N SER A 101 5.05 9.55 16.48
CA SER A 101 3.80 10.04 15.90
C SER A 101 3.58 9.43 14.50
N ASP A 102 2.32 9.42 14.03
CA ASP A 102 1.96 8.86 12.72
C ASP A 102 2.64 9.63 11.55
N ASP A 103 3.11 10.86 11.83
CA ASP A 103 3.87 11.68 10.86
C ASP A 103 5.22 11.02 10.53
N GLU A 104 5.93 10.57 11.57
CA GLU A 104 7.23 9.89 11.45
C GLU A 104 7.09 8.58 10.66
N LYS A 105 5.94 7.89 10.86
CA LYS A 105 5.59 6.66 10.12
C LYS A 105 5.49 6.94 8.60
N LEU A 106 4.82 8.06 8.27
CA LEU A 106 4.68 8.57 6.89
C LEU A 106 6.06 8.85 6.27
N GLU A 107 6.96 9.45 7.08
CA GLU A 107 8.33 9.81 6.65
C GLU A 107 9.14 8.55 6.31
N LEU A 108 8.98 7.49 7.12
CA LEU A 108 9.66 6.18 6.89
C LEU A 108 9.21 5.56 5.56
N LEU A 109 7.88 5.59 5.32
CA LEU A 109 7.28 5.08 4.08
C LEU A 109 7.75 5.88 2.85
N SER A 110 7.94 7.21 3.03
CA SER A 110 8.37 8.12 1.96
C SER A 110 9.87 7.92 1.64
N SER A 111 10.67 7.62 2.69
CA SER A 111 12.12 7.40 2.56
C SER A 111 12.39 6.09 1.79
N ASP A 112 11.57 5.04 2.05
CA ASP A 112 11.70 3.73 1.39
C ASP A 112 10.32 3.24 0.97
N GLY A 113 10.09 3.15 -0.35
CA GLY A 113 8.92 2.44 -0.90
C GLY A 113 8.94 0.94 -0.61
N MET A 114 10.12 0.42 -0.28
CA MET A 114 10.32 -0.98 0.15
C MET A 114 9.82 -1.19 1.59
N LEU A 115 9.79 -0.11 2.40
CA LEU A 115 9.16 -0.11 3.74
C LEU A 115 7.64 -0.19 3.61
N VAL A 116 7.11 0.39 2.52
CA VAL A 116 5.69 0.31 2.20
C VAL A 116 5.38 -1.09 1.64
N LYS A 117 4.14 -1.52 1.84
CA LYS A 117 3.62 -2.76 1.26
C LYS A 117 3.62 -2.64 -0.26
N ARG A 118 4.46 -3.44 -0.91
CA ARG A 118 4.55 -3.50 -2.37
C ARG A 118 3.15 -3.80 -2.99
N PRO A 119 2.39 -4.89 -2.54
CA PRO A 119 1.00 -5.07 -2.99
C PRO A 119 0.04 -4.09 -2.28
N LEU A 120 -0.38 -3.05 -3.02
CA LEU A 120 -1.35 -2.04 -2.54
C LEU A 120 -2.14 -1.51 -3.75
N ALA A 121 -3.38 -1.10 -3.51
CA ALA A 121 -4.22 -0.44 -4.53
C ALA A 121 -5.06 0.64 -3.82
N VAL A 122 -4.83 1.90 -4.17
CA VAL A 122 -5.49 3.06 -3.51
C VAL A 122 -6.19 3.94 -4.57
N MET A 123 -7.29 4.57 -4.17
CA MET A 123 -8.02 5.56 -4.98
C MET A 123 -8.28 6.78 -4.07
N GLY A 124 -9.28 7.64 -4.41
CA GLY A 124 -9.70 8.74 -3.54
C GLY A 124 -10.15 8.26 -2.16
N ASP A 125 -11.32 7.62 -2.09
CA ASP A 125 -11.93 7.17 -0.81
C ASP A 125 -11.85 5.64 -0.63
N LYS A 126 -11.40 4.92 -1.67
CA LYS A 126 -11.34 3.44 -1.68
C LYS A 126 -9.87 2.96 -1.57
N ILE A 127 -9.64 1.81 -0.88
CA ILE A 127 -8.27 1.22 -0.76
C ILE A 127 -8.33 -0.28 -0.36
N THR A 128 -7.33 -1.05 -0.84
CA THR A 128 -7.13 -2.48 -0.51
C THR A 128 -5.61 -2.75 -0.37
N LEU A 129 -5.22 -3.46 0.72
CA LEU A 129 -3.81 -3.85 0.96
C LEU A 129 -3.61 -5.35 0.72
N GLY A 130 -2.54 -5.69 -0.03
CA GLY A 130 -2.22 -7.09 -0.37
C GLY A 130 -3.22 -7.70 -1.34
N PHE A 131 -3.05 -8.99 -1.68
CA PHE A 131 -4.07 -9.75 -2.45
C PHE A 131 -5.21 -10.14 -1.49
N LYS A 132 -6.13 -9.21 -1.30
CA LYS A 132 -7.37 -9.45 -0.56
C LYS A 132 -8.51 -9.43 -1.57
N GLU A 133 -8.85 -10.61 -2.11
CA GLU A 133 -9.90 -10.77 -3.14
C GLU A 133 -11.27 -10.38 -2.58
N ASP A 134 -11.51 -10.73 -1.31
CA ASP A 134 -12.71 -10.32 -0.55
C ASP A 134 -12.80 -8.79 -0.51
N GLN A 135 -11.71 -8.12 -0.09
CA GLN A 135 -11.63 -6.64 -0.07
C GLN A 135 -11.76 -6.03 -1.48
N TYR A 136 -11.27 -6.74 -2.53
CA TYR A 136 -11.33 -6.24 -3.92
C TYR A 136 -12.79 -6.15 -4.39
N LYS A 137 -13.55 -7.24 -4.19
CA LYS A 137 -14.96 -7.31 -4.58
C LYS A 137 -15.85 -6.46 -3.63
N GLU A 138 -15.33 -6.18 -2.43
CA GLU A 138 -16.04 -5.38 -1.40
C GLU A 138 -15.88 -3.86 -1.66
N THR A 139 -14.66 -3.46 -2.03
CA THR A 139 -14.25 -2.04 -2.08
C THR A 139 -14.38 -1.45 -3.52
N TRP A 140 -13.83 -2.18 -4.51
CA TRP A 140 -13.82 -1.71 -5.92
C TRP A 140 -15.13 -2.09 -6.63
N LEU A 141 -15.56 -3.35 -6.42
CA LEU A 141 -16.69 -3.98 -7.12
C LEU A 141 -17.96 -3.97 -6.23
N ALA A 142 -19.04 -4.63 -6.73
CA ALA A 142 -20.36 -4.70 -6.07
C ALA A 142 -21.06 -3.30 -6.07
N MET A 25 -8.60 6.32 -12.47
CA MET A 25 -8.34 4.88 -12.24
C MET A 25 -7.60 4.66 -10.92
N ILE A 26 -7.65 3.40 -10.43
CA ILE A 26 -6.93 2.98 -9.21
C ILE A 26 -5.41 3.17 -9.39
N LYS A 27 -4.73 3.67 -8.36
CA LYS A 27 -3.27 3.72 -8.29
C LYS A 27 -2.76 2.40 -7.69
N PHE A 28 -2.46 1.44 -8.58
CA PHE A 28 -2.00 0.10 -8.20
C PHE A 28 -0.47 0.11 -8.07
N TYR A 29 0.00 0.33 -6.85
CA TYR A 29 1.44 0.28 -6.55
C TYR A 29 1.92 -1.19 -6.51
N GLN A 30 3.11 -1.39 -7.06
CA GLN A 30 3.78 -2.70 -7.15
C GLN A 30 5.26 -2.49 -7.49
N TYR A 31 6.08 -3.53 -7.29
CA TYR A 31 7.49 -3.53 -7.70
C TYR A 31 8.02 -4.95 -7.57
N LYS A 32 8.77 -5.39 -8.60
CA LYS A 32 9.37 -6.75 -8.68
C LYS A 32 8.25 -7.81 -8.72
N ASN A 33 8.00 -8.33 -9.93
CA ASN A 33 6.83 -9.19 -10.26
C ASN A 33 6.74 -10.42 -9.33
N CYS A 34 5.57 -10.58 -8.68
CA CYS A 34 5.29 -11.69 -7.75
C CYS A 34 4.06 -12.49 -8.20
N THR A 35 3.80 -13.63 -7.53
CA THR A 35 2.59 -14.45 -7.71
C THR A 35 1.31 -13.62 -7.36
N THR A 36 1.49 -12.72 -6.37
CA THR A 36 0.48 -11.73 -5.96
C THR A 36 0.02 -10.86 -7.15
N CYS A 37 1.04 -10.40 -7.93
CA CYS A 37 0.84 -9.50 -9.08
C CYS A 37 -0.03 -10.14 -10.17
N LYS A 38 0.17 -11.47 -10.40
CA LYS A 38 -0.57 -12.24 -11.42
C LYS A 38 -2.09 -12.19 -11.16
N LYS A 39 -2.49 -12.66 -9.96
CA LYS A 39 -3.90 -12.81 -9.59
C LYS A 39 -4.59 -11.45 -9.35
N ALA A 40 -3.85 -10.47 -8.81
CA ALA A 40 -4.38 -9.10 -8.53
C ALA A 40 -4.71 -8.38 -9.85
N ALA A 41 -3.72 -8.37 -10.77
CA ALA A 41 -3.85 -7.73 -12.09
C ALA A 41 -4.96 -8.41 -12.91
N LYS A 42 -5.05 -9.75 -12.80
CA LYS A 42 -6.04 -10.56 -13.53
C LYS A 42 -7.46 -10.35 -12.98
N PHE A 43 -7.58 -10.16 -11.66
CA PHE A 43 -8.88 -9.98 -10.96
C PHE A 43 -9.51 -8.63 -11.34
N LEU A 44 -8.66 -7.59 -11.29
CA LEU A 44 -9.00 -6.23 -11.72
C LEU A 44 -9.33 -6.20 -13.23
N ASP A 45 -8.54 -6.94 -14.04
CA ASP A 45 -8.78 -7.07 -15.50
C ASP A 45 -10.08 -7.84 -15.79
N GLU A 46 -10.38 -8.83 -14.93
CA GLU A 46 -11.58 -9.70 -15.08
C GLU A 46 -12.86 -8.86 -14.97
N TYR A 47 -12.92 -8.01 -13.93
CA TYR A 47 -14.05 -7.11 -13.70
C TYR A 47 -13.95 -5.80 -14.53
N GLY A 48 -12.91 -5.69 -15.40
CA GLY A 48 -12.75 -4.56 -16.32
C GLY A 48 -12.26 -3.27 -15.65
N VAL A 49 -11.84 -3.40 -14.39
CA VAL A 49 -11.40 -2.29 -13.55
C VAL A 49 -10.00 -1.79 -13.98
N SER A 50 -9.92 -0.52 -14.39
CA SER A 50 -8.66 0.12 -14.77
C SER A 50 -7.81 0.42 -13.53
N TYR A 51 -6.60 -0.13 -13.52
CA TYR A 51 -5.60 0.09 -12.46
C TYR A 51 -4.34 0.72 -13.10
N GLU A 52 -3.55 1.43 -12.28
CA GLU A 52 -2.33 2.14 -12.73
C GLU A 52 -1.10 1.44 -12.15
N PRO A 53 -0.36 0.61 -12.95
CA PRO A 53 0.84 -0.12 -12.47
C PRO A 53 2.05 0.84 -12.28
N ILE A 54 2.25 1.30 -11.05
CA ILE A 54 3.35 2.23 -10.70
C ILE A 54 4.24 1.63 -9.62
N ASP A 55 5.55 1.94 -9.69
CA ASP A 55 6.57 1.40 -8.79
C ASP A 55 6.40 1.96 -7.38
N ILE A 56 6.34 1.08 -6.37
CA ILE A 56 6.20 1.51 -4.96
C ILE A 56 7.47 2.23 -4.45
N VAL A 57 8.66 1.81 -4.93
CA VAL A 57 9.97 2.33 -4.45
C VAL A 57 10.54 3.45 -5.36
N GLN A 58 10.17 3.44 -6.65
CA GLN A 58 10.60 4.48 -7.61
C GLN A 58 9.61 5.64 -7.55
N HIS A 59 8.30 5.32 -7.68
CA HIS A 59 7.20 6.31 -7.62
C HIS A 59 6.62 6.38 -6.19
N THR A 60 7.50 6.39 -5.16
CA THR A 60 7.08 6.47 -3.75
C THR A 60 6.42 7.84 -3.48
N PRO A 61 5.15 7.87 -2.96
CA PRO A 61 4.48 9.15 -2.59
C PRO A 61 5.26 9.92 -1.49
N THR A 62 5.10 11.26 -1.46
CA THR A 62 5.62 12.10 -0.36
C THR A 62 4.76 11.91 0.90
N ILE A 63 5.21 12.51 2.00
CA ILE A 63 4.48 12.54 3.30
C ILE A 63 3.07 13.13 3.10
N ASN A 64 2.99 14.18 2.27
CA ASN A 64 1.74 14.86 1.90
C ASN A 64 0.79 13.93 1.13
N GLU A 65 1.34 13.25 0.09
CA GLU A 65 0.53 12.34 -0.77
C GLU A 65 -0.04 11.17 0.04
N PHE A 66 0.82 10.59 0.91
CA PHE A 66 0.44 9.51 1.82
C PHE A 66 -0.69 9.99 2.76
N LYS A 67 -0.46 11.07 3.53
CA LYS A 67 -1.46 11.54 4.53
C LYS A 67 -2.79 11.99 3.86
N THR A 68 -2.73 12.37 2.58
CA THR A 68 -3.93 12.71 1.79
C THR A 68 -4.77 11.45 1.53
N ILE A 69 -4.14 10.39 0.97
CA ILE A 69 -4.86 9.14 0.63
C ILE A 69 -5.37 8.45 1.91
N ILE A 70 -4.64 8.60 3.01
CA ILE A 70 -4.99 8.03 4.33
C ILE A 70 -6.16 8.81 4.97
N ALA A 71 -6.18 10.13 4.75
CA ALA A 71 -7.29 10.99 5.24
C ALA A 71 -8.60 10.66 4.49
N ASN A 72 -8.47 10.42 3.18
CA ASN A 72 -9.61 10.21 2.28
C ASN A 72 -10.17 8.77 2.38
N THR A 73 -9.30 7.76 2.47
CA THR A 73 -9.71 6.33 2.56
C THR A 73 -10.03 5.94 4.02
N GLY A 74 -9.24 6.49 4.95
CA GLY A 74 -9.30 6.10 6.36
C GLY A 74 -8.52 4.82 6.62
N VAL A 75 -7.47 4.57 5.81
CA VAL A 75 -6.62 3.37 5.94
C VAL A 75 -5.65 3.55 7.12
N GLU A 76 -5.27 2.43 7.75
CA GLU A 76 -4.26 2.43 8.80
C GLU A 76 -2.89 2.74 8.19
N ILE A 77 -2.28 3.81 8.69
CA ILE A 77 -0.95 4.27 8.27
C ILE A 77 0.11 3.19 8.63
N ASN A 78 -0.18 2.46 9.71
CA ASN A 78 0.70 1.43 10.27
C ASN A 78 0.65 0.13 9.42
N LYS A 79 -0.52 -0.17 8.78
CA LYS A 79 -0.64 -1.38 7.90
C LYS A 79 0.04 -1.14 6.54
N LEU A 80 0.39 0.11 6.23
CA LEU A 80 1.12 0.45 5.00
C LEU A 80 2.57 -0.07 5.07
N PHE A 81 3.07 -0.28 6.30
CA PHE A 81 4.35 -0.99 6.52
C PHE A 81 4.19 -2.49 6.19
N ASN A 82 5.33 -3.16 5.93
CA ASN A 82 5.36 -4.60 5.65
C ASN A 82 4.94 -5.40 6.91
N THR A 83 3.63 -5.69 7.01
CA THR A 83 3.04 -6.43 8.15
C THR A 83 3.49 -7.91 8.19
N HIS A 84 3.97 -8.41 7.02
CA HIS A 84 4.53 -9.76 6.87
C HIS A 84 5.80 -9.94 7.75
N GLY A 85 6.41 -8.81 8.14
CA GLY A 85 7.58 -8.79 9.01
C GLY A 85 8.85 -8.58 8.22
N ALA A 86 9.76 -9.57 8.26
CA ALA A 86 11.04 -9.58 7.53
C ALA A 86 11.92 -8.37 7.92
N LYS A 87 11.69 -7.21 7.27
CA LYS A 87 12.43 -5.96 7.53
C LYS A 87 11.79 -5.17 8.68
N TYR A 88 10.47 -5.28 8.82
CA TYR A 88 9.72 -4.62 9.92
C TYR A 88 10.29 -5.03 11.32
N ARG A 89 10.83 -6.27 11.37
CA ARG A 89 11.47 -6.82 12.59
C ARG A 89 13.01 -6.60 12.52
N GLU A 90 13.57 -6.63 11.28
CA GLU A 90 15.03 -6.54 11.01
C GLU A 90 15.58 -5.16 11.40
N LEU A 91 14.74 -4.14 11.22
CA LEU A 91 15.05 -2.74 11.56
C LEU A 91 14.50 -2.39 12.97
N ASP A 92 13.71 -3.35 13.53
CA ASP A 92 12.90 -3.22 14.76
C ASP A 92 12.12 -1.88 14.79
N LEU A 93 11.44 -1.60 13.65
CA LEU A 93 10.65 -0.36 13.49
C LEU A 93 9.54 -0.27 14.55
N LYS A 94 8.88 -1.40 14.86
CA LYS A 94 7.74 -1.43 15.81
C LYS A 94 8.09 -0.76 17.17
N ASN A 95 9.34 -0.98 17.60
CA ASN A 95 9.93 -0.36 18.82
C ASN A 95 9.80 1.17 18.80
N LYS A 96 10.23 1.80 17.68
CA LYS A 96 10.16 3.26 17.53
C LYS A 96 8.74 3.72 17.14
N LEU A 97 7.99 2.87 16.38
CA LEU A 97 6.66 3.26 15.81
C LEU A 97 5.61 3.47 16.91
N GLN A 98 5.71 2.66 17.97
CA GLN A 98 4.76 2.71 19.11
C GLN A 98 5.00 3.96 19.99
N THR A 99 6.12 4.69 19.77
CA THR A 99 6.48 5.88 20.59
C THR A 99 6.60 7.17 19.74
N LEU A 100 6.78 7.06 18.39
CA LEU A 100 6.76 8.26 17.51
C LEU A 100 5.34 8.57 17.00
N SER A 101 5.21 9.68 16.25
CA SER A 101 3.93 10.10 15.66
C SER A 101 3.68 9.41 14.32
N ASP A 102 2.40 9.36 13.90
CA ASP A 102 2.00 8.78 12.59
C ASP A 102 2.63 9.54 11.40
N ASP A 103 3.05 10.79 11.66
CA ASP A 103 3.74 11.61 10.66
C ASP A 103 5.16 11.09 10.38
N GLU A 104 5.83 10.61 11.44
CA GLU A 104 7.20 10.03 11.34
C GLU A 104 7.15 8.64 10.67
N LYS A 105 6.01 7.95 10.84
CA LYS A 105 5.69 6.73 10.08
C LYS A 105 5.58 7.04 8.58
N LEU A 106 4.87 8.15 8.25
CA LEU A 106 4.74 8.66 6.86
C LEU A 106 6.11 8.93 6.25
N GLU A 107 7.02 9.53 7.05
CA GLU A 107 8.40 9.84 6.63
C GLU A 107 9.14 8.57 6.20
N LEU A 108 9.12 7.53 7.07
CA LEU A 108 9.78 6.23 6.81
C LEU A 108 9.27 5.57 5.50
N LEU A 109 7.95 5.62 5.31
CA LEU A 109 7.29 5.09 4.09
C LEU A 109 7.74 5.87 2.83
N SER A 110 7.82 7.21 2.96
CA SER A 110 8.23 8.11 1.86
C SER A 110 9.73 7.95 1.54
N SER A 111 10.51 7.57 2.56
CA SER A 111 11.97 7.39 2.45
C SER A 111 12.32 6.05 1.78
N ASP A 112 11.46 5.03 1.99
CA ASP A 112 11.68 3.69 1.44
C ASP A 112 10.34 3.07 1.00
N GLY A 113 10.21 2.80 -0.31
CA GLY A 113 9.03 2.14 -0.87
C GLY A 113 9.01 0.63 -0.62
N MET A 114 10.18 0.07 -0.27
CA MET A 114 10.28 -1.35 0.14
C MET A 114 9.77 -1.52 1.58
N LEU A 115 9.79 -0.39 2.35
CA LEU A 115 9.17 -0.32 3.69
C LEU A 115 7.64 -0.34 3.58
N VAL A 116 7.13 0.30 2.51
CA VAL A 116 5.69 0.25 2.20
C VAL A 116 5.35 -1.12 1.60
N LYS A 117 4.07 -1.50 1.68
CA LYS A 117 3.56 -2.69 1.01
C LYS A 117 3.71 -2.50 -0.49
N ARG A 118 4.55 -3.35 -1.10
CA ARG A 118 4.75 -3.39 -2.55
C ARG A 118 3.40 -3.56 -3.29
N PRO A 119 2.52 -4.59 -2.96
CA PRO A 119 1.15 -4.62 -3.49
C PRO A 119 0.20 -3.72 -2.66
N LEU A 120 -0.16 -2.57 -3.25
CA LEU A 120 -1.16 -1.62 -2.71
C LEU A 120 -2.00 -1.11 -3.89
N ALA A 121 -3.27 -0.79 -3.64
CA ALA A 121 -4.18 -0.23 -4.65
C ALA A 121 -5.05 0.83 -3.97
N VAL A 122 -4.83 2.12 -4.29
CA VAL A 122 -5.58 3.24 -3.66
C VAL A 122 -6.31 4.07 -4.72
N MET A 123 -7.56 4.50 -4.40
CA MET A 123 -8.43 5.21 -5.34
C MET A 123 -9.37 6.13 -4.55
N GLY A 124 -8.89 7.35 -4.24
CA GLY A 124 -9.66 8.37 -3.54
C GLY A 124 -10.04 7.97 -2.11
N ASP A 125 -11.28 7.44 -1.96
CA ASP A 125 -11.84 7.04 -0.65
C ASP A 125 -11.80 5.51 -0.45
N LYS A 126 -11.26 4.79 -1.45
CA LYS A 126 -11.18 3.32 -1.45
C LYS A 126 -9.72 2.87 -1.49
N ILE A 127 -9.40 1.70 -0.88
CA ILE A 127 -8.03 1.16 -0.88
C ILE A 127 -8.02 -0.35 -0.49
N THR A 128 -7.07 -1.11 -1.07
CA THR A 128 -6.81 -2.52 -0.73
C THR A 128 -5.29 -2.75 -0.58
N LEU A 129 -4.89 -3.46 0.50
CA LEU A 129 -3.47 -3.79 0.77
C LEU A 129 -3.23 -5.29 0.53
N GLY A 130 -2.02 -5.62 0.00
CA GLY A 130 -1.65 -6.97 -0.37
C GLY A 130 -2.53 -7.54 -1.48
N PHE A 131 -2.90 -8.81 -1.35
CA PHE A 131 -3.97 -9.42 -2.14
C PHE A 131 -4.96 -10.06 -1.16
N LYS A 132 -5.91 -9.23 -0.70
CA LYS A 132 -7.06 -9.70 0.07
C LYS A 132 -8.28 -9.63 -0.85
N GLU A 133 -8.60 -10.77 -1.49
CA GLU A 133 -9.72 -10.85 -2.45
C GLU A 133 -11.05 -10.40 -1.81
N ASP A 134 -11.15 -10.57 -0.46
CA ASP A 134 -12.29 -10.10 0.33
C ASP A 134 -12.40 -8.58 0.24
N GLN A 135 -11.30 -7.89 0.56
CA GLN A 135 -11.19 -6.43 0.44
C GLN A 135 -11.40 -5.97 -1.02
N TYR A 136 -10.83 -6.71 -1.99
CA TYR A 136 -10.90 -6.35 -3.43
C TYR A 136 -12.36 -6.28 -3.93
N LYS A 137 -13.19 -7.29 -3.61
CA LYS A 137 -14.61 -7.27 -3.99
C LYS A 137 -15.40 -6.25 -3.14
N GLU A 138 -15.05 -6.14 -1.84
CA GLU A 138 -15.78 -5.32 -0.85
C GLU A 138 -15.58 -3.80 -1.13
N THR A 139 -14.38 -3.47 -1.60
CA THR A 139 -13.92 -2.08 -1.78
C THR A 139 -14.16 -1.60 -3.22
N TRP A 140 -13.81 -2.45 -4.20
CA TRP A 140 -13.88 -2.07 -5.63
C TRP A 140 -15.21 -2.50 -6.27
N LEU A 141 -15.53 -3.80 -6.13
CA LEU A 141 -16.47 -4.50 -7.05
C LEU A 141 -17.91 -4.57 -6.48
N ALA A 142 -18.17 -5.57 -5.61
CA ALA A 142 -19.50 -5.82 -5.02
C ALA A 142 -19.35 -6.07 -3.49
#